data_8BDR
#
_entry.id   8BDR
#
_cell.length_a   1.00
_cell.length_b   1.00
_cell.length_c   1.00
_cell.angle_alpha   90.00
_cell.angle_beta   90.00
_cell.angle_gamma   90.00
#
_symmetry.space_group_name_H-M   'P 1'
#
loop_
_entity.id
_entity.type
_entity.pdbx_description
1 polymer 'Polymerase acidic protein'
2 polymer 'RNA-directed RNA polymerase catalytic subunit'
3 polymer 'Polymerase basic protein 2'
4 polymer "5' vRNA"
5 polymer "3' vRNA"
6 polymer mRNA
7 non-polymer 'MAGNESIUM ION'
8 non-polymer "P1-7-METHYLGUANOSINE-P3-ADENOSINE-5',5'-TRIPHOSPHATE"
#
loop_
_entity_poly.entity_id
_entity_poly.type
_entity_poly.pdbx_seq_one_letter_code
_entity_poly.pdbx_strand_id
1 'polypeptide(L)'
;GSHHHHHHHHGSGSMDTFITRNFQTTIIQKAKNTMAEFSEDPELQPAMLFNICVHLEVCYVISDMNFLDEEGKAYTALEG
QGKEQNLRPQYEVIEGMPRTIAWMVQRSLAQEHGIETPKYLADLFDYKTKRFIEVGITKGLADDYFWKKKEKLGNSMELM
IFSYNQDYSLSNESSLDEEGKGRVLSRLTELQAELSLKNLWQVLIGEEDVEKGIDFKLGQTISRLRDISVPAGFSNFEGM
RSYIDNIDPKGAIERNLARMSPLVSVTPKKLTWEDLRPIGPHIYNHELPEVPYNAFLLMSDELGLANMTEGKSKKPKTLA
KECLEKYSTLRDQTDPILIMKSEKANENFLWKLWRDCVNTISNEEMSNELQKTNYAKWATGDGLTYQKIMKEVAIDDETM
CQEEPKIPNKCRVAAWVQTEMNLLSTLTSKRALDLPEIGPDVAPVEHVGSERRKYFVNEINYCKASTVMMKYVLFHTSLL
NESNASMGKYKVIPITNRVVNEKGESFDMLYGLAVKGQSHLRGDTDVVTVVTFEFSSTDPRVDSGKWPKYTVFRIGSLFV
SGREKSVYLYCRVNGTNKIQMKWGMEARRCLLQSMQQMEAIVEQESSIQGYDMTKACFKGDRVNSPKTFSIGTQEGKLVK
GSFGKALRVIFTKCLMHYVFGNAQLEGFSAESRRLLLLIQALKDRKGPWVFDLEGMYSGIEECISNNPWVIQSAYWFNEW
LGFEKEGSKVLESVDEIMDEGSGSGENLYFQ
;
A
2 'polypeptide(L)'
;GSGSGSGSGMNINPYFLFIDVPIQAAISTTFPYTGVPPYSHGTGTGYTIDTVIRTHEYSNKGKQYISDVTGCTMVDPTNG
PLPEDNEPSAYAQLDCVLEALDRMDEEHPGLFQAASQNAMETLMVTTVDKLTQGRQTFDWTVCRNQPAATALNTTITSFR
LNDLNGADKGGLIPFCQDIIDSLDRPEMTFFSVKNIKKKLPAKNRKGFLIKRIPMKVKDKITKVEYIKRALSLNTMTKDA
ERGKLKRRAIATAGIQIRGFVLVVENLAKNICENLEQSGLPVGGNEKKAKLSNAVAKMLSNCPPGGISMTVTGDNTKWNE
CLNPRIFLAMTERITRDSPIWFRDFCSIAPVLFSNKIARLGKGFMITSKTKRLKAQIPCPDLFSIPLERYNEETRAKLKK
LKPFFNEEGTASLSPGMMMGMFNMLSTVLGVAALGIKNIGNKEYLWDGLQSSDDFALFVNAKDEETCMEGINDFYRTCKL
LGINMSKKKSYCNETGMFEFTSMFYRDGFVSNFAMELPSFGVAGVNESADMAIGMTIIKNNMINNGMGPATAQTAIQLFI
ADYRYTYKCHRGDSKVEGKRMKIIKELWENTKGRDGLLVADGGPNIYNLRNLHIPEIVLKYNLMDPEYKGRLLHPQNPFV
GHLSIEGIKEADITPAHGPVKKMDYDAVSGTHSWRTKRNRSILNTDQRNMILEEQCYAKCCNLFEACFNSASYRKPVGQH
SMLEAMAHRLRMDARLDYESGRMSKDDFEKAMAHLGEIGYIGSGSGENLYFQ
;
B
3 'polypeptide(L)'
;GSGSGSGSGMTLAKIELLKQLLRDNEAKTVLKQTTVDQYNIIRKFNTSRIEKNPSLRMKWAMCSNFPLALTKGDMANRIP
LEYKGIQLKTNAEDIGTKGQMCSIAAVTWWNTYGPIGDTEGFERVYESFFLRKMRLDNATWGRITFGPVERVRKRVLLNP
LTKEMPPDEASNVIMEILFPKEAGIPRESTWIHRELIKEKREKLKGTMITPIVLAYMLERELVARRRFLPVAGATSAEFI
EMLHCLQGENWRQIYHPGGNKLTESRSQSMIVACRKIIRRSIVASNPLELAVEIANKTVIDTEPLKSCLAAIDGGDVACD
IIRAALGLKIRQRQRFGRLELKRISGRGFKNDEEILIGNGTIQKIGIWDGEEEFHVRCGECRGILKKSKMKLEKLLINSA
KKEDMRDLIILCMVFSQDTRMFQGVRGEINFLNRAGQLLSPMYQLQRYFLNRSNDLFDQWGYEESPKASELHGINESMNA
SDYTLKGVVVTRNVIDDFSSTETEKVSITKNLSLIKRTGEVIMGANDVSELESQAQLMITYDTPKMWEMGTTKELVQNTY
QWVLKNLVTLKAQFLLGKEDMFQWDAFEAFESIIPQKMAGQYSGFARAVLKQMRDQEVMKTDQFIKLLPFCFSPPKLRSN
GEPYQFLKLVLKGGGENFIEVRKGSPLFSYNPQTEVLTICGRMMSLKGKIEDEERNRSMGNAVLAGFLVSGKYDPDLGDF
KTIEELEKLKPGEKANILLYQGKPVKVVKRKRYSALSNDISQGIKRQRMTVESMGWALSGWSHPQFEKGSGSENLYFQ
;
C
4 'polyribonucleotide' AGUAGUAACAAGUU V
5 'polyribonucleotide' UAUACAACUGAUGAGGCUAUU R
6 'polyribonucleotide' AUCUAUAAUAGCCUC(K1F)UC(K1F) M
#
# COMPACT_ATOMS: atom_id res chain seq x y z
N MET A 15 40.14 -32.95 29.79
CA MET A 15 39.20 -31.88 30.20
C MET A 15 37.76 -32.40 30.21
N ASP A 16 37.22 -32.64 29.00
CA ASP A 16 35.84 -33.10 28.87
C ASP A 16 35.69 -34.58 29.20
N THR A 17 36.78 -35.34 29.21
CA THR A 17 36.68 -36.76 29.53
C THR A 17 36.15 -36.98 30.94
N PHE A 18 36.62 -36.19 31.90
CA PHE A 18 36.13 -36.31 33.27
C PHE A 18 34.63 -36.01 33.34
N ILE A 19 34.19 -34.96 32.65
CA ILE A 19 32.78 -34.60 32.68
C ILE A 19 31.94 -35.70 32.07
N THR A 20 32.38 -36.24 30.94
CA THR A 20 31.62 -37.31 30.29
C THR A 20 31.56 -38.56 31.17
N ARG A 21 32.68 -38.93 31.80
CA ARG A 21 32.71 -40.14 32.60
C ARG A 21 31.86 -40.01 33.86
N ASN A 22 31.97 -38.87 34.56
CA ASN A 22 31.29 -38.73 35.83
C ASN A 22 29.80 -38.42 35.66
N PHE A 23 29.51 -37.28 35.02
CA PHE A 23 28.12 -36.88 34.80
C PHE A 23 27.47 -37.74 33.72
N GLN A 24 26.21 -38.08 33.93
CA GLN A 24 25.49 -38.95 33.01
C GLN A 24 25.28 -38.25 31.66
N THR A 25 24.84 -39.04 30.68
CA THR A 25 24.61 -38.50 29.35
C THR A 25 23.52 -37.44 29.36
N THR A 26 22.45 -37.66 30.12
CA THR A 26 21.35 -36.69 30.17
C THR A 26 21.83 -35.37 30.74
N ILE A 27 22.65 -35.40 31.79
CA ILE A 27 23.11 -34.16 32.42
C ILE A 27 23.93 -33.34 31.43
N ILE A 28 24.87 -33.99 30.74
CA ILE A 28 25.71 -33.28 29.78
C ILE A 28 24.88 -32.75 28.62
N GLN A 29 23.92 -33.56 28.14
CA GLN A 29 23.07 -33.12 27.05
C GLN A 29 22.27 -31.88 27.44
N LYS A 30 21.69 -31.89 28.64
CA LYS A 30 20.89 -30.75 29.08
C LYS A 30 21.76 -29.53 29.34
N ALA A 31 22.98 -29.71 29.87
CA ALA A 31 23.88 -28.58 30.05
C ALA A 31 24.26 -27.97 28.71
N LYS A 32 24.54 -28.81 27.71
CA LYS A 32 24.87 -28.30 26.38
C LYS A 32 23.69 -27.55 25.79
N ASN A 33 22.47 -28.09 25.96
CA ASN A 33 21.30 -27.40 25.44
C ASN A 33 21.10 -26.05 26.13
N THR A 34 21.31 -26.00 27.44
CA THR A 34 21.18 -24.73 28.16
C THR A 34 22.21 -23.72 27.67
N MET A 35 23.46 -24.16 27.48
CA MET A 35 24.48 -23.24 26.99
C MET A 35 24.15 -22.75 25.58
N ALA A 36 23.65 -23.64 24.73
CA ALA A 36 23.23 -23.22 23.40
C ALA A 36 22.11 -22.19 23.48
N GLU A 37 21.17 -22.40 24.42
CA GLU A 37 20.13 -21.40 24.65
C GLU A 37 20.74 -20.06 25.04
N PHE A 38 21.77 -20.09 25.89
CA PHE A 38 22.46 -18.87 26.30
C PHE A 38 23.53 -18.44 25.30
N SER A 39 23.77 -19.22 24.25
CA SER A 39 24.69 -18.84 23.18
C SER A 39 26.12 -18.73 23.70
N GLU A 40 26.59 -19.80 24.34
CA GLU A 40 27.97 -19.90 24.81
C GLU A 40 28.59 -21.17 24.25
N ASP A 41 29.78 -21.03 23.66
CA ASP A 41 30.44 -22.18 23.06
C ASP A 41 30.99 -23.09 24.16
N PRO A 42 30.60 -24.37 24.20
CA PRO A 42 31.10 -25.23 25.29
C PRO A 42 32.61 -25.35 25.34
N GLU A 43 33.28 -25.41 24.19
CA GLU A 43 34.73 -25.59 24.19
C GLU A 43 35.43 -24.39 24.81
N LEU A 44 35.00 -23.18 24.47
CA LEU A 44 35.66 -21.98 24.98
C LEU A 44 35.44 -21.82 26.48
N GLN A 45 34.36 -22.36 27.03
CA GLN A 45 34.02 -22.21 28.44
C GLN A 45 33.62 -23.57 29.02
N PRO A 46 34.58 -24.49 29.18
CA PRO A 46 34.25 -25.76 29.85
C PRO A 46 33.89 -25.59 31.31
N ALA A 47 34.37 -24.53 31.97
CA ALA A 47 34.04 -24.32 33.37
C ALA A 47 32.55 -24.11 33.56
N MET A 48 31.92 -23.32 32.67
CA MET A 48 30.48 -23.15 32.74
C MET A 48 29.75 -24.47 32.50
N LEU A 49 30.27 -25.29 31.58
CA LEU A 49 29.70 -26.61 31.36
C LEU A 49 29.72 -27.42 32.65
N PHE A 50 30.87 -27.45 33.34
CA PHE A 50 30.97 -28.21 34.57
C PHE A 50 30.05 -27.67 35.64
N ASN A 51 29.97 -26.35 35.76
CA ASN A 51 29.09 -25.74 36.77
C ASN A 51 27.63 -26.10 36.51
N ILE A 52 27.20 -26.02 35.25
CA ILE A 52 25.81 -26.36 34.92
C ILE A 52 25.56 -27.84 35.19
N CYS A 53 26.53 -28.69 34.86
CA CYS A 53 26.36 -30.12 35.10
C CYS A 53 26.19 -30.41 36.59
N VAL A 54 27.02 -29.80 37.44
CA VAL A 54 26.91 -30.06 38.87
C VAL A 54 25.62 -29.48 39.42
N HIS A 55 25.20 -28.31 38.92
CA HIS A 55 23.94 -27.73 39.38
C HIS A 55 22.78 -28.66 39.05
N LEU A 56 22.75 -29.19 37.82
CA LEU A 56 21.67 -30.10 37.44
C LEU A 56 21.76 -31.40 38.23
N GLU A 57 22.97 -31.86 38.52
CA GLU A 57 23.13 -33.08 39.30
C GLU A 57 22.55 -32.91 40.70
N VAL A 58 22.85 -31.80 41.36
CA VAL A 58 22.29 -31.57 42.69
C VAL A 58 20.78 -31.40 42.62
N CYS A 59 20.30 -30.71 41.57
CA CYS A 59 18.86 -30.55 41.40
C CYS A 59 18.17 -31.91 41.32
N TYR A 60 18.69 -32.82 40.49
CA TYR A 60 18.09 -34.14 40.38
C TYR A 60 18.24 -34.95 41.65
N VAL A 61 19.38 -34.83 42.33
CA VAL A 61 19.58 -35.56 43.58
C VAL A 61 18.52 -35.17 44.59
N ILE A 62 18.27 -33.87 44.75
CA ILE A 62 17.24 -33.44 45.68
C ILE A 62 15.85 -33.82 45.17
N SER A 63 15.62 -33.74 43.86
CA SER A 63 14.33 -34.04 43.28
C SER A 63 13.98 -35.53 43.31
N ASP A 64 14.95 -36.40 43.59
CA ASP A 64 14.73 -37.84 43.61
C ASP A 64 14.87 -38.39 45.03
N MET A 65 14.29 -37.69 46.00
CA MET A 65 14.37 -38.09 47.40
C MET A 65 13.03 -38.16 48.12
N ASN A 66 11.96 -37.61 47.55
CA ASN A 66 10.63 -37.69 48.14
C ASN A 66 9.61 -37.99 47.06
N PHE A 67 8.50 -38.58 47.48
CA PHE A 67 7.38 -38.88 46.59
C PHE A 67 6.08 -38.62 47.33
N LEU A 68 5.15 -37.92 46.68
CA LEU A 68 3.83 -37.70 47.25
C LEU A 68 3.03 -38.99 47.22
N ASP A 69 2.27 -39.22 48.29
CA ASP A 69 1.43 -40.40 48.42
C ASP A 69 -0.02 -40.04 48.12
N GLU A 70 -0.91 -41.03 48.25
CA GLU A 70 -2.33 -40.78 48.01
C GLU A 70 -2.89 -39.74 48.97
N GLU A 71 -2.29 -39.60 50.15
CA GLU A 71 -2.72 -38.62 51.14
C GLU A 71 -2.02 -37.28 50.99
N GLY A 72 -1.18 -37.12 49.96
CA GLY A 72 -0.47 -35.88 49.76
C GLY A 72 0.57 -35.58 50.83
N LYS A 73 1.34 -36.59 51.24
CA LYS A 73 2.42 -36.40 52.20
C LYS A 73 3.68 -37.07 51.66
N ALA A 74 4.82 -36.43 51.90
CA ALA A 74 6.08 -36.91 51.36
C ALA A 74 6.54 -38.18 52.07
N TYR A 75 7.15 -39.09 51.31
CA TYR A 75 7.80 -40.27 51.87
C TYR A 75 9.06 -40.57 51.08
N THR A 76 10.04 -41.17 51.75
CA THR A 76 11.34 -41.42 51.14
C THR A 76 11.27 -42.61 50.19
N ALA A 77 12.37 -42.85 49.49
CA ALA A 77 12.50 -43.93 48.53
C ALA A 77 13.58 -44.91 48.99
N LEU A 78 13.43 -46.16 48.56
CA LEU A 78 14.35 -47.22 48.95
C LEU A 78 14.31 -48.30 47.87
N GLU A 79 15.16 -49.31 48.03
CA GLU A 79 15.20 -50.42 47.09
C GLU A 79 13.96 -51.31 47.27
N GLY A 80 13.72 -52.15 46.28
CA GLY A 80 12.61 -53.08 46.31
C GLY A 80 11.27 -52.49 45.95
N GLN A 81 11.21 -51.21 45.58
CA GLN A 81 9.96 -50.57 45.23
C GLN A 81 9.72 -50.65 43.73
N GLY A 82 8.47 -50.92 43.35
CA GLY A 82 8.12 -51.00 41.95
C GLY A 82 7.95 -49.64 41.31
N LYS A 83 7.89 -49.64 39.98
CA LYS A 83 7.71 -48.40 39.24
C LYS A 83 6.31 -47.83 39.42
N GLU A 84 5.32 -48.70 39.62
CA GLU A 84 3.95 -48.22 39.77
C GLU A 84 3.79 -47.36 41.00
N GLN A 85 4.48 -47.70 42.09
CA GLN A 85 4.37 -46.93 43.32
C GLN A 85 4.83 -45.49 43.12
N ASN A 86 5.92 -45.29 42.36
CA ASN A 86 6.44 -43.95 42.10
C ASN A 86 5.63 -43.34 40.97
N LEU A 87 4.61 -42.55 41.33
CA LEU A 87 3.71 -41.93 40.36
C LEU A 87 4.06 -40.46 40.11
N ARG A 88 4.08 -39.65 41.16
CA ARG A 88 4.30 -38.21 41.04
C ARG A 88 5.43 -37.81 41.98
N PRO A 89 6.50 -37.20 41.48
CA PRO A 89 7.60 -36.81 42.38
C PRO A 89 7.20 -35.69 43.31
N GLN A 90 7.86 -35.66 44.48
CA GLN A 90 7.64 -34.58 45.44
C GLN A 90 8.05 -33.23 44.85
N TYR A 91 9.18 -33.18 44.16
CA TYR A 91 9.70 -31.97 43.57
C TYR A 91 9.67 -32.06 42.05
N GLU A 92 9.33 -30.94 41.42
CA GLU A 92 9.34 -30.82 39.96
C GLU A 92 10.56 -30.00 39.55
N VAL A 93 11.31 -30.53 38.59
CA VAL A 93 12.57 -29.92 38.17
C VAL A 93 12.29 -28.90 37.07
N ILE A 94 12.82 -27.70 37.25
CA ILE A 94 12.69 -26.62 36.26
C ILE A 94 13.94 -26.49 35.42
N GLU A 95 15.11 -26.50 36.06
CA GLU A 95 16.36 -26.36 35.34
C GLU A 95 16.65 -27.60 34.51
N GLY A 96 17.61 -27.47 33.59
CA GLY A 96 17.95 -28.55 32.70
C GLY A 96 16.96 -28.75 31.57
N MET A 97 16.13 -27.77 31.30
CA MET A 97 15.09 -27.86 30.28
C MET A 97 15.14 -26.61 29.41
N PRO A 98 14.59 -26.68 28.20
CA PRO A 98 14.56 -25.49 27.34
C PRO A 98 13.81 -24.35 28.02
N ARG A 99 14.25 -23.13 27.73
CA ARG A 99 13.67 -21.95 28.36
C ARG A 99 12.16 -21.91 28.20
N THR A 100 11.67 -22.18 26.99
CA THR A 100 10.24 -22.12 26.73
C THR A 100 9.49 -23.12 27.60
N ILE A 101 9.95 -24.38 27.63
CA ILE A 101 9.25 -25.41 28.38
C ILE A 101 9.29 -25.10 29.87
N ALA A 102 10.45 -24.69 30.38
CA ALA A 102 10.56 -24.37 31.80
C ALA A 102 9.65 -23.21 32.18
N TRP A 103 9.60 -22.18 31.35
CA TRP A 103 8.73 -21.04 31.63
C TRP A 103 7.26 -21.45 31.59
N MET A 104 6.89 -22.30 30.64
CA MET A 104 5.53 -22.81 30.60
C MET A 104 5.19 -23.59 31.86
N VAL A 105 6.12 -24.44 32.31
CA VAL A 105 5.88 -25.22 33.53
C VAL A 105 5.69 -24.30 34.72
N GLN A 106 6.57 -23.30 34.86
CA GLN A 106 6.48 -22.39 35.99
C GLN A 106 5.18 -21.59 35.97
N ARG A 107 4.80 -21.10 34.79
CA ARG A 107 3.57 -20.33 34.67
C ARG A 107 2.36 -21.19 34.99
N SER A 108 2.35 -22.44 34.52
CA SER A 108 1.23 -23.34 34.82
C SER A 108 1.13 -23.61 36.32
N LEU A 109 2.27 -23.86 36.96
CA LEU A 109 2.25 -24.09 38.41
C LEU A 109 1.74 -22.86 39.15
N ALA A 110 2.22 -21.67 38.76
CA ALA A 110 1.76 -20.45 39.41
C ALA A 110 0.26 -20.25 39.21
N GLN A 111 -0.23 -20.50 37.99
CA GLN A 111 -1.65 -20.30 37.70
C GLN A 111 -2.52 -21.27 38.50
N GLU A 112 -2.10 -22.53 38.60
CA GLU A 112 -2.91 -23.54 39.26
C GLU A 112 -2.67 -23.63 40.76
N HIS A 113 -1.73 -22.84 41.30
CA HIS A 113 -1.51 -22.81 42.74
C HIS A 113 -1.74 -21.42 43.34
N GLY A 114 -2.38 -20.52 42.61
CA GLY A 114 -2.78 -19.24 43.17
C GLY A 114 -1.63 -18.43 43.74
N ILE A 115 -0.50 -18.42 43.05
CA ILE A 115 0.68 -17.65 43.48
C ILE A 115 1.19 -16.88 42.27
N GLU A 116 1.61 -15.64 42.51
CA GLU A 116 2.14 -14.81 41.43
C GLU A 116 3.39 -15.45 40.83
N THR A 117 3.55 -15.30 39.53
CA THR A 117 4.72 -15.86 38.85
C THR A 117 5.95 -15.05 39.21
N PRO A 118 7.01 -15.66 39.76
CA PRO A 118 8.22 -14.88 40.06
C PRO A 118 8.87 -14.36 38.79
N LYS A 119 9.53 -13.22 38.91
CA LYS A 119 10.11 -12.55 37.75
C LYS A 119 11.24 -13.34 37.10
N TYR A 120 11.84 -14.28 37.82
CA TYR A 120 12.98 -15.02 37.32
C TYR A 120 12.70 -16.52 37.36
N LEU A 121 13.31 -17.24 36.44
CA LEU A 121 13.09 -18.68 36.33
C LEU A 121 13.65 -19.39 37.56
N ALA A 122 12.88 -20.33 38.11
CA ALA A 122 13.29 -21.05 39.29
C ALA A 122 14.00 -22.35 38.90
N ASP A 123 14.54 -23.03 39.92
CA ASP A 123 15.26 -24.28 39.71
C ASP A 123 14.44 -25.51 40.10
N LEU A 124 13.59 -25.40 41.11
CA LEU A 124 12.75 -26.52 41.54
C LEU A 124 11.43 -25.97 42.03
N PHE A 125 10.42 -26.84 42.09
CA PHE A 125 9.14 -26.51 42.69
C PHE A 125 8.72 -27.62 43.64
N ASP A 126 8.34 -27.24 44.86
CA ASP A 126 7.90 -28.19 45.88
C ASP A 126 6.39 -28.08 46.03
N TYR A 127 5.70 -29.20 45.82
CA TYR A 127 4.24 -29.22 45.91
C TYR A 127 3.76 -29.22 47.36
N LYS A 128 4.48 -29.91 48.26
CA LYS A 128 4.06 -29.97 49.65
C LYS A 128 3.89 -28.57 50.22
N THR A 129 4.91 -27.73 50.08
CA THR A 129 4.83 -26.34 50.51
C THR A 129 4.42 -25.40 49.38
N LYS A 130 4.32 -25.90 48.15
CA LYS A 130 3.90 -25.09 47.00
C LYS A 130 4.77 -23.84 46.87
N ARG A 131 6.07 -24.06 46.67
CA ARG A 131 7.02 -22.95 46.60
C ARG A 131 8.07 -23.23 45.54
N PHE A 132 8.68 -22.16 45.05
CA PHE A 132 9.75 -22.24 44.07
C PHE A 132 11.09 -22.09 44.78
N ILE A 133 12.01 -23.01 44.49
CA ILE A 133 13.31 -23.08 45.16
C ILE A 133 14.39 -22.79 44.13
N GLU A 134 15.29 -21.87 44.47
CA GLU A 134 16.43 -21.50 43.63
C GLU A 134 17.69 -22.04 44.32
N VAL A 135 18.10 -23.24 43.93
CA VAL A 135 19.28 -23.87 44.50
C VAL A 135 20.52 -23.28 43.83
N GLY A 136 21.49 -22.89 44.63
CA GLY A 136 22.71 -22.29 44.13
C GLY A 136 23.94 -22.94 44.72
N ILE A 137 25.03 -22.86 43.96
CA ILE A 137 26.33 -23.36 44.38
C ILE A 137 27.29 -22.18 44.44
N THR A 138 27.99 -22.05 45.56
CA THR A 138 28.90 -20.93 45.79
C THR A 138 30.28 -21.45 46.13
N LYS A 139 31.30 -20.70 45.73
CA LYS A 139 32.69 -21.05 46.03
C LYS A 139 33.18 -20.39 47.31
N GLY A 140 32.64 -19.23 47.68
CA GLY A 140 33.02 -18.50 48.86
C GLY A 140 32.07 -18.73 50.01
N LEU A 141 31.92 -17.70 50.85
CA LEU A 141 31.05 -17.80 52.02
C LEU A 141 29.61 -18.09 51.58
N ALA A 142 28.99 -19.08 52.24
CA ALA A 142 27.62 -19.44 51.91
C ALA A 142 26.66 -18.31 52.24
N ASP A 143 26.85 -17.65 53.38
CA ASP A 143 25.94 -16.59 53.79
C ASP A 143 25.98 -15.41 52.82
N ASP A 144 27.18 -15.07 52.32
CA ASP A 144 27.29 -13.97 51.37
C ASP A 144 26.49 -14.25 50.11
N TYR A 145 26.65 -15.45 49.55
CA TYR A 145 25.90 -15.81 48.35
C TYR A 145 24.41 -15.86 48.64
N PHE A 146 24.03 -16.37 49.81
CA PHE A 146 22.62 -16.42 50.18
C PHE A 146 22.02 -15.02 50.22
N TRP A 147 22.73 -14.07 50.82
CA TRP A 147 22.23 -12.70 50.87
C TRP A 147 22.18 -12.08 49.47
N LYS A 148 23.20 -12.33 48.66
CA LYS A 148 23.20 -11.76 47.31
C LYS A 148 22.02 -12.28 46.50
N LYS A 149 21.72 -13.58 46.60
CA LYS A 149 20.52 -14.10 45.94
C LYS A 149 19.25 -13.56 46.59
N LYS A 150 19.30 -13.27 47.88
CA LYS A 150 18.18 -12.62 48.55
C LYS A 150 17.91 -11.25 47.96
N GLU A 151 18.95 -10.57 47.46
CA GLU A 151 18.78 -9.22 46.94
C GLU A 151 17.75 -9.18 45.81
N LYS A 152 17.67 -10.23 44.99
CA LYS A 152 16.78 -10.19 43.84
C LYS A 152 15.32 -10.19 44.26
N LEU A 153 14.87 -11.27 44.91
CA LEU A 153 13.50 -11.40 45.37
C LEU A 153 13.38 -11.59 46.86
N GLY A 154 14.23 -12.42 47.46
CA GLY A 154 14.25 -12.62 48.89
C GLY A 154 13.25 -13.63 49.39
N ASN A 155 11.96 -13.27 49.43
CA ASN A 155 10.93 -14.13 49.97
C ASN A 155 10.03 -14.76 48.92
N SER A 156 10.01 -14.22 47.69
CA SER A 156 9.19 -14.80 46.65
C SER A 156 9.66 -16.18 46.24
N MET A 157 10.93 -16.52 46.49
CA MET A 157 11.47 -17.83 46.14
C MET A 157 12.46 -18.24 47.22
N GLU A 158 12.05 -19.14 48.10
CA GLU A 158 12.95 -19.63 49.13
C GLU A 158 14.14 -20.33 48.50
N LEU A 159 15.33 -19.77 48.72
CA LEU A 159 16.55 -20.26 48.09
C LEU A 159 17.47 -20.88 49.13
N MET A 160 18.18 -21.93 48.74
CA MET A 160 19.14 -22.61 49.59
C MET A 160 20.44 -22.77 48.83
N ILE A 161 21.56 -22.48 49.50
CA ILE A 161 22.87 -22.40 48.88
C ILE A 161 23.76 -23.50 49.45
N PHE A 162 24.45 -24.22 48.57
CA PHE A 162 25.48 -25.17 48.96
C PHE A 162 26.84 -24.63 48.55
N SER A 163 27.89 -25.11 49.24
CA SER A 163 29.25 -24.65 49.01
C SER A 163 30.19 -25.85 48.97
N TYR A 164 31.33 -25.67 48.31
CA TYR A 164 32.33 -26.72 48.21
C TYR A 164 33.07 -26.96 49.52
N ASN A 165 32.96 -26.05 50.48
CA ASN A 165 33.58 -26.20 51.79
C ASN A 165 32.61 -26.74 52.83
N GLN A 166 31.65 -27.56 52.39
CA GLN A 166 30.68 -28.18 53.30
C GLN A 166 29.91 -27.13 54.08
N ASP A 167 29.65 -25.99 53.44
CA ASP A 167 28.88 -24.90 54.03
C ASP A 167 27.54 -24.81 53.32
N TYR A 168 26.46 -24.83 54.09
CA TYR A 168 25.11 -24.78 53.54
C TYR A 168 24.35 -23.60 54.16
N SER A 169 23.42 -23.05 53.38
CA SER A 169 22.54 -21.97 53.84
C SER A 169 21.13 -22.33 53.38
N LEU A 170 20.42 -23.10 54.20
CA LEU A 170 19.06 -23.49 53.89
C LEU A 170 18.10 -22.34 54.13
N SER A 171 17.01 -22.31 53.37
CA SER A 171 16.03 -21.25 53.49
C SER A 171 15.31 -21.35 54.84
N ASN A 172 14.42 -20.38 55.09
CA ASN A 172 13.69 -20.35 56.35
C ASN A 172 12.82 -21.58 56.51
N GLU A 173 12.12 -21.99 55.45
CA GLU A 173 11.21 -23.13 55.49
C GLU A 173 11.97 -24.35 55.00
N SER A 174 12.56 -25.10 55.93
CA SER A 174 13.27 -26.32 55.59
C SER A 174 12.30 -27.34 55.01
N SER A 175 12.69 -27.99 53.92
CA SER A 175 11.85 -28.96 53.22
C SER A 175 12.64 -30.22 52.87
N LEU A 176 13.66 -30.54 53.66
CA LEU A 176 14.46 -31.73 53.43
C LEU A 176 15.03 -32.21 54.76
N ASP A 177 15.37 -33.49 54.82
CA ASP A 177 15.92 -34.08 56.02
C ASP A 177 17.45 -34.00 55.98
N GLU A 178 18.08 -34.44 57.07
CA GLU A 178 19.54 -34.38 57.16
C GLU A 178 20.20 -35.40 56.24
N GLU A 179 19.54 -36.53 55.98
CA GLU A 179 20.15 -37.55 55.14
C GLU A 179 20.41 -37.04 53.74
N GLY A 180 19.42 -36.35 53.15
CA GLY A 180 19.60 -35.83 51.80
C GLY A 180 20.68 -34.78 51.71
N LYS A 181 20.70 -33.85 52.68
CA LYS A 181 21.76 -32.83 52.71
C LYS A 181 23.12 -33.47 52.86
N GLY A 182 23.25 -34.46 53.74
CA GLY A 182 24.51 -35.15 53.89
C GLY A 182 24.94 -35.87 52.63
N ARG A 183 23.99 -36.51 51.93
CA ARG A 183 24.33 -37.20 50.70
C ARG A 183 24.78 -36.22 49.63
N VAL A 184 24.11 -35.07 49.52
CA VAL A 184 24.51 -34.06 48.54
C VAL A 184 25.91 -33.56 48.86
N LEU A 185 26.17 -33.26 50.12
CA LEU A 185 27.49 -32.77 50.51
C LEU A 185 28.56 -33.82 50.26
N SER A 186 28.26 -35.09 50.54
CA SER A 186 29.22 -36.16 50.29
C SER A 186 29.51 -36.31 48.81
N ARG A 187 28.48 -36.22 47.96
CA ARG A 187 28.70 -36.30 46.53
C ARG A 187 29.56 -35.14 46.06
N LEU A 188 29.29 -33.93 46.57
CA LEU A 188 30.11 -32.78 46.20
C LEU A 188 31.56 -32.97 46.64
N THR A 189 31.77 -33.50 47.85
CA THR A 189 33.12 -33.73 48.33
C THR A 189 33.84 -34.78 47.50
N GLU A 190 33.13 -35.85 47.10
CA GLU A 190 33.74 -36.85 46.25
C GLU A 190 34.12 -36.26 44.90
N LEU A 191 33.24 -35.42 44.34
CA LEU A 191 33.56 -34.72 43.10
C LEU A 191 34.80 -33.86 43.26
N GLN A 192 34.88 -33.13 44.38
CA GLN A 192 36.05 -32.30 44.64
C GLN A 192 37.31 -33.14 44.73
N ALA A 193 37.26 -34.26 45.44
CA ALA A 193 38.44 -35.11 45.57
C ALA A 193 38.88 -35.66 44.23
N GLU A 194 37.93 -36.13 43.42
CA GLU A 194 38.31 -36.74 42.14
C GLU A 194 38.85 -35.70 41.17
N LEU A 195 38.31 -34.47 41.20
CA LEU A 195 38.84 -33.44 40.33
C LEU A 195 40.18 -32.92 40.84
N SER A 196 40.42 -32.98 42.16
CA SER A 196 41.70 -32.55 42.69
C SER A 196 42.81 -33.55 42.37
N LEU A 197 42.53 -34.84 42.55
CA LEU A 197 43.54 -35.85 42.23
C LEU A 197 43.78 -35.96 40.73
N LYS A 198 42.83 -35.52 39.91
CA LYS A 198 42.97 -35.55 38.46
C LYS A 198 43.57 -34.25 37.91
N ASN A 199 43.90 -33.30 38.77
CA ASN A 199 44.54 -32.04 38.35
C ASN A 199 43.65 -31.28 37.37
N LEU A 200 42.44 -30.97 37.83
CA LEU A 200 41.49 -30.20 37.04
C LEU A 200 40.94 -28.98 37.78
N TRP A 201 41.25 -28.81 39.07
CA TRP A 201 40.76 -27.64 39.79
C TRP A 201 41.31 -26.35 39.19
N GLN A 202 42.60 -26.34 38.86
CA GLN A 202 43.20 -25.16 38.25
C GLN A 202 42.61 -24.89 36.87
N VAL A 203 42.17 -25.93 36.17
CA VAL A 203 41.54 -25.73 34.87
C VAL A 203 40.26 -24.93 35.02
N LEU A 204 39.44 -25.26 36.00
CA LEU A 204 38.17 -24.57 36.19
C LEU A 204 38.36 -23.19 36.83
N ILE A 205 39.30 -23.07 37.76
CA ILE A 205 39.46 -21.81 38.48
C ILE A 205 39.84 -20.68 37.53
N GLY A 206 40.55 -21.00 36.46
CA GLY A 206 41.00 -19.98 35.53
C GLY A 206 39.87 -19.14 34.95
N GLU A 207 40.00 -17.83 35.03
CA GLU A 207 39.00 -16.89 34.50
C GLU A 207 39.46 -16.50 33.10
N GLU A 208 38.99 -17.26 32.10
CA GLU A 208 39.35 -17.07 30.70
C GLU A 208 38.07 -16.99 29.88
N ASP A 209 37.55 -15.77 29.69
CA ASP A 209 36.33 -15.54 28.91
C ASP A 209 36.58 -14.30 28.04
N VAL A 210 37.05 -14.53 26.83
CA VAL A 210 37.29 -13.44 25.89
C VAL A 210 35.99 -13.11 25.16
N GLU A 211 35.96 -11.92 24.54
CA GLU A 211 34.76 -11.49 23.84
C GLU A 211 34.40 -12.46 22.72
N LYS A 212 33.12 -12.81 22.64
CA LYS A 212 32.62 -13.75 21.65
C LYS A 212 31.46 -13.10 20.90
N GLY A 213 31.50 -13.21 19.57
CA GLY A 213 30.47 -12.60 18.74
C GLY A 213 30.00 -13.49 17.62
N ILE A 214 29.13 -12.97 16.76
CA ILE A 214 28.59 -13.75 15.66
C ILE A 214 29.72 -14.14 14.72
N ASP A 215 29.62 -15.33 14.15
CA ASP A 215 30.60 -15.84 13.20
C ASP A 215 29.92 -16.16 11.89
N PHE A 216 30.48 -15.65 10.79
CA PHE A 216 29.99 -15.94 9.44
C PHE A 216 31.21 -16.09 8.54
N LYS A 217 31.64 -17.34 8.35
CA LYS A 217 32.82 -17.64 7.55
C LYS A 217 32.41 -18.01 6.14
N LEU A 218 33.29 -17.75 5.19
CA LEU A 218 33.06 -18.03 3.78
C LEU A 218 33.85 -19.26 3.35
N GLY A 219 33.19 -20.18 2.67
CA GLY A 219 33.82 -21.38 2.18
C GLY A 219 34.59 -21.15 0.90
N GLN A 220 35.15 -22.23 0.36
CA GLN A 220 35.96 -22.13 -0.83
C GLN A 220 35.14 -21.69 -2.04
N THR A 221 33.99 -22.33 -2.26
CA THR A 221 33.20 -22.03 -3.44
C THR A 221 32.71 -20.60 -3.44
N ILE A 222 32.14 -20.15 -2.31
CA ILE A 222 31.62 -18.79 -2.25
C ILE A 222 32.75 -17.78 -2.32
N SER A 223 33.90 -18.09 -1.71
CA SER A 223 35.04 -17.18 -1.79
C SER A 223 35.51 -17.02 -3.22
N ARG A 224 35.59 -18.13 -3.98
CA ARG A 224 35.99 -18.03 -5.38
C ARG A 224 34.94 -17.29 -6.19
N LEU A 225 33.66 -17.52 -5.91
CA LEU A 225 32.61 -16.78 -6.62
C LEU A 225 32.74 -15.28 -6.39
N ARG A 226 33.01 -14.88 -5.14
CA ARG A 226 33.21 -13.47 -4.86
C ARG A 226 34.46 -12.93 -5.53
N ASP A 227 35.51 -13.75 -5.60
CA ASP A 227 36.76 -13.32 -6.22
C ASP A 227 36.54 -13.00 -7.70
N ILE A 228 35.79 -13.85 -8.41
CA ILE A 228 35.49 -13.61 -9.82
C ILE A 228 34.31 -12.67 -10.03
N SER A 229 33.77 -12.10 -8.95
CA SER A 229 32.62 -11.20 -9.03
C SER A 229 33.02 -9.74 -8.87
N VAL A 230 34.24 -9.39 -9.28
CA VAL A 230 34.75 -8.02 -9.12
C VAL A 230 34.86 -7.35 -10.49
N PRO A 231 34.78 -6.03 -10.56
CA PRO A 231 34.96 -5.35 -11.84
C PRO A 231 36.35 -5.58 -12.42
N ALA A 232 36.52 -5.16 -13.67
CA ALA A 232 37.80 -5.25 -14.33
C ALA A 232 38.82 -4.36 -13.61
N GLY A 233 40.04 -4.87 -13.47
CA GLY A 233 41.10 -4.17 -12.79
C GLY A 233 41.37 -4.63 -11.37
N PHE A 234 40.63 -5.62 -10.88
CA PHE A 234 40.84 -6.17 -9.55
C PHE A 234 41.10 -7.67 -9.67
N SER A 235 42.17 -8.14 -9.02
CA SER A 235 42.52 -9.55 -9.07
C SER A 235 41.58 -10.39 -8.21
N ASN A 236 41.25 -9.92 -7.02
CA ASN A 236 40.40 -10.66 -6.11
C ASN A 236 39.58 -9.67 -5.29
N PHE A 237 38.77 -10.20 -4.37
CA PHE A 237 37.88 -9.35 -3.59
C PHE A 237 38.64 -8.58 -2.52
N GLU A 238 39.77 -9.10 -2.04
CA GLU A 238 40.55 -8.37 -1.04
C GLU A 238 41.04 -7.04 -1.61
N GLY A 239 41.53 -7.05 -2.85
CA GLY A 239 41.92 -5.82 -3.50
C GLY A 239 40.76 -4.85 -3.65
N MET A 240 39.59 -5.38 -4.02
CA MET A 240 38.39 -4.54 -4.08
C MET A 240 38.11 -3.88 -2.74
N ARG A 241 38.11 -4.67 -1.66
CA ARG A 241 37.74 -4.11 -0.36
C ARG A 241 38.74 -3.07 0.07
N SER A 242 40.04 -3.33 -0.11
CA SER A 242 41.05 -2.33 0.22
C SER A 242 40.86 -1.06 -0.60
N TYR A 243 40.61 -1.21 -1.89
CA TYR A 243 40.42 -0.05 -2.75
C TYR A 243 39.21 0.77 -2.32
N ILE A 244 38.11 0.10 -1.99
CA ILE A 244 36.91 0.81 -1.56
C ILE A 244 37.16 1.53 -0.24
N ASP A 245 37.87 0.88 0.68
CA ASP A 245 38.05 1.45 2.01
C ASP A 245 39.04 2.62 2.00
N ASN A 246 40.07 2.57 1.16
CA ASN A 246 41.18 3.50 1.26
C ASN A 246 41.14 4.62 0.22
N ILE A 247 40.96 4.30 -1.05
CA ILE A 247 41.10 5.30 -2.11
C ILE A 247 40.04 6.39 -1.96
N ASP A 248 40.43 7.62 -2.28
CA ASP A 248 39.54 8.76 -2.29
C ASP A 248 39.07 9.02 -3.73
N PRO A 249 37.77 8.88 -4.03
CA PRO A 249 37.34 9.01 -5.43
C PRO A 249 37.04 10.44 -5.85
N LYS A 250 37.49 11.41 -5.06
CA LYS A 250 37.15 12.81 -5.33
C LYS A 250 37.60 13.22 -6.72
N GLY A 251 36.70 13.87 -7.47
CA GLY A 251 37.01 14.38 -8.78
C GLY A 251 36.88 13.37 -9.92
N ALA A 252 36.48 12.13 -9.62
CA ALA A 252 36.38 11.13 -10.68
C ALA A 252 35.32 11.48 -11.71
N ILE A 253 34.16 11.96 -11.25
CA ILE A 253 33.07 12.25 -12.15
C ILE A 253 33.48 13.33 -13.15
N GLU A 254 34.15 14.39 -12.66
CA GLU A 254 34.57 15.46 -13.54
C GLU A 254 35.54 14.95 -14.60
N ARG A 255 36.52 14.14 -14.21
CA ARG A 255 37.48 13.60 -15.17
C ARG A 255 36.78 12.74 -16.22
N ASN A 256 35.88 11.86 -15.77
CA ASN A 256 35.19 10.96 -16.70
C ASN A 256 34.32 11.74 -17.66
N LEU A 257 33.63 12.77 -17.17
CA LEU A 257 32.84 13.61 -18.06
C LEU A 257 33.73 14.37 -19.03
N ALA A 258 34.92 14.79 -18.58
CA ALA A 258 35.85 15.48 -19.47
C ALA A 258 36.28 14.55 -20.61
N ARG A 259 36.56 13.29 -20.30
CA ARG A 259 37.02 12.36 -21.33
C ARG A 259 35.88 11.61 -22.00
N MET A 260 34.63 11.92 -21.66
CA MET A 260 33.49 11.30 -22.33
C MET A 260 33.19 12.02 -23.65
N SER A 261 32.82 11.24 -24.66
CA SER A 261 32.62 11.80 -25.99
C SER A 261 31.44 12.77 -25.98
N PRO A 262 31.53 13.88 -26.72
CA PRO A 262 30.38 14.78 -26.83
C PRO A 262 29.16 14.14 -27.48
N LEU A 263 29.36 13.07 -28.27
CA LEU A 263 28.22 12.41 -28.90
C LEU A 263 27.23 11.89 -27.88
N VAL A 264 27.70 11.60 -26.66
CA VAL A 264 26.82 11.19 -25.57
C VAL A 264 26.14 12.46 -25.04
N SER A 265 24.91 12.71 -25.51
CA SER A 265 24.21 13.93 -25.16
C SER A 265 22.72 13.65 -25.08
N VAL A 266 22.01 14.46 -24.29
CA VAL A 266 20.56 14.35 -24.21
C VAL A 266 19.87 15.07 -25.35
N THR A 267 20.60 15.87 -26.13
CA THR A 267 20.07 16.51 -27.32
C THR A 267 18.76 17.24 -27.05
N PRO A 268 18.76 18.24 -26.16
CA PRO A 268 17.52 18.96 -25.88
C PRO A 268 17.04 19.75 -27.09
N LYS A 269 15.72 19.86 -27.21
CA LYS A 269 15.11 20.58 -28.32
C LYS A 269 13.83 21.23 -27.83
N LYS A 270 13.73 22.54 -27.95
CA LYS A 270 12.52 23.24 -27.52
C LYS A 270 11.34 22.83 -28.39
N LEU A 271 10.22 22.54 -27.76
CA LEU A 271 9.05 22.07 -28.48
C LEU A 271 8.24 23.24 -29.01
N THR A 272 7.80 23.13 -30.26
CA THR A 272 6.95 24.11 -30.90
C THR A 272 5.74 23.41 -31.50
N TRP A 273 4.65 24.17 -31.67
CA TRP A 273 3.45 23.60 -32.25
C TRP A 273 3.73 22.95 -33.60
N GLU A 274 4.62 23.56 -34.39
CA GLU A 274 4.93 23.02 -35.71
C GLU A 274 5.59 21.65 -35.60
N ASP A 275 6.29 21.38 -34.50
CA ASP A 275 6.95 20.10 -34.34
C ASP A 275 5.98 18.96 -34.06
N LEU A 276 4.74 19.27 -33.67
CA LEU A 276 3.73 18.26 -33.38
C LEU A 276 3.00 17.93 -34.67
N ARG A 277 3.38 16.82 -35.29
CA ARG A 277 2.76 16.36 -36.52
C ARG A 277 1.63 15.37 -36.22
N PRO A 278 0.75 15.12 -37.18
CA PRO A 278 -0.29 14.12 -36.96
C PRO A 278 0.30 12.75 -36.66
N ILE A 279 -0.37 12.01 -35.78
CA ILE A 279 0.08 10.68 -35.38
C ILE A 279 -0.55 9.64 -36.29
N GLY A 280 0.26 8.66 -36.69
CA GLY A 280 -0.20 7.57 -37.51
C GLY A 280 -0.71 8.02 -38.88
N PRO A 281 0.18 8.53 -39.72
CA PRO A 281 -0.24 8.96 -41.05
C PRO A 281 -0.83 7.83 -41.88
N HIS A 282 -0.39 6.59 -41.65
CA HIS A 282 -0.83 5.48 -42.49
C HIS A 282 -2.34 5.26 -42.42
N ILE A 283 -3.00 5.75 -41.37
CA ILE A 283 -4.45 5.60 -41.27
C ILE A 283 -5.19 6.44 -42.31
N TYR A 284 -4.49 7.32 -43.02
CA TYR A 284 -5.11 8.18 -44.01
C TYR A 284 -4.96 7.66 -45.44
N ASN A 285 -3.99 6.79 -45.71
CA ASN A 285 -3.83 6.25 -47.05
C ASN A 285 -4.93 5.23 -47.34
N HIS A 286 -5.33 5.19 -48.61
CA HIS A 286 -6.44 4.34 -49.03
C HIS A 286 -5.99 2.98 -49.55
N GLU A 287 -4.69 2.72 -49.60
CA GLU A 287 -4.22 1.38 -49.96
C GLU A 287 -4.65 0.35 -48.92
N LEU A 288 -4.58 0.72 -47.64
CA LEU A 288 -4.98 -0.19 -46.59
C LEU A 288 -6.51 -0.31 -46.53
N PRO A 289 -7.02 -1.46 -46.11
CA PRO A 289 -8.47 -1.58 -45.92
C PRO A 289 -8.93 -0.82 -44.68
N GLU A 290 -10.16 -0.34 -44.74
CA GLU A 290 -10.74 0.32 -43.57
C GLU A 290 -10.98 -0.71 -42.47
N VAL A 291 -10.79 -0.27 -41.23
CA VAL A 291 -10.86 -1.22 -40.10
C VAL A 291 -12.26 -1.82 -40.06
N PRO A 292 -12.40 -3.15 -39.99
CA PRO A 292 -13.74 -3.74 -39.95
C PRO A 292 -14.33 -3.74 -38.54
N TYR A 293 -15.62 -4.01 -38.49
CA TYR A 293 -16.32 -4.13 -37.21
C TYR A 293 -16.00 -5.47 -36.57
N ASN A 294 -15.50 -5.44 -35.34
CA ASN A 294 -15.04 -6.64 -34.66
C ASN A 294 -15.53 -6.73 -33.22
N ALA A 295 -16.50 -5.91 -32.82
CA ALA A 295 -17.02 -6.01 -31.46
C ALA A 295 -17.83 -7.29 -31.28
N PHE A 296 -17.94 -7.72 -30.02
CA PHE A 296 -18.60 -8.98 -29.73
C PHE A 296 -20.07 -8.95 -30.15
N LEU A 297 -20.75 -7.83 -29.90
CA LEU A 297 -22.17 -7.70 -30.23
C LEU A 297 -22.38 -6.40 -30.99
N LEU A 298 -23.48 -6.34 -31.73
CA LEU A 298 -23.88 -5.12 -32.40
C LEU A 298 -24.29 -4.07 -31.36
N MET A 299 -23.90 -2.82 -31.60
CA MET A 299 -24.15 -1.74 -30.66
C MET A 299 -25.12 -0.70 -31.23
N SER A 300 -24.80 -0.10 -32.37
CA SER A 300 -25.69 0.87 -32.98
C SER A 300 -26.60 0.25 -34.02
N ASP A 301 -26.21 -0.90 -34.58
CA ASP A 301 -27.04 -1.61 -35.55
C ASP A 301 -27.92 -2.67 -34.89
N GLU A 302 -27.89 -2.77 -33.57
CA GLU A 302 -28.72 -3.74 -32.88
C GLU A 302 -30.19 -3.41 -33.09
N LEU A 303 -30.99 -4.45 -33.31
CA LEU A 303 -32.44 -4.33 -33.40
C LEU A 303 -33.04 -5.28 -32.38
N GLY A 304 -33.81 -4.73 -31.43
CA GLY A 304 -34.39 -5.51 -30.37
C GLY A 304 -35.88 -5.73 -30.59
N LEU A 305 -36.27 -7.00 -30.61
CA LEU A 305 -37.68 -7.36 -30.65
C LEU A 305 -38.26 -7.18 -29.26
N ALA A 306 -39.25 -6.28 -29.13
CA ALA A 306 -39.78 -5.88 -27.85
C ALA A 306 -41.07 -6.63 -27.55
N ASN A 307 -41.15 -7.20 -26.35
CA ASN A 307 -42.36 -7.86 -25.87
C ASN A 307 -42.72 -7.25 -24.52
N MET A 308 -43.94 -6.72 -24.41
CA MET A 308 -44.38 -6.14 -23.15
C MET A 308 -44.39 -7.21 -22.06
N THR A 309 -43.83 -6.87 -20.91
CA THR A 309 -43.73 -7.80 -19.80
C THR A 309 -44.48 -7.25 -18.59
N GLU A 310 -44.89 -8.17 -17.71
CA GLU A 310 -45.62 -7.83 -16.49
C GLU A 310 -44.71 -7.78 -15.27
N GLY A 311 -43.40 -7.58 -15.48
CA GLY A 311 -42.46 -7.55 -14.39
C GLY A 311 -41.98 -8.89 -13.90
N LYS A 312 -42.37 -9.98 -14.57
CA LYS A 312 -42.00 -11.33 -14.17
C LYS A 312 -40.86 -11.81 -15.05
N SER A 313 -39.70 -12.05 -14.44
CA SER A 313 -38.54 -12.60 -15.15
C SER A 313 -38.69 -14.13 -15.17
N LYS A 314 -39.47 -14.62 -16.12
CA LYS A 314 -39.81 -16.04 -16.19
C LYS A 314 -38.57 -16.88 -16.41
N LYS A 315 -37.92 -16.70 -17.55
CA LYS A 315 -36.75 -17.50 -17.92
C LYS A 315 -36.17 -16.96 -19.22
N PRO A 316 -34.89 -17.21 -19.50
CA PRO A 316 -34.33 -16.79 -20.81
C PRO A 316 -34.99 -17.48 -21.99
N LYS A 317 -35.08 -18.81 -21.95
CA LYS A 317 -35.71 -19.54 -23.03
C LYS A 317 -37.17 -19.14 -23.20
N THR A 318 -37.90 -18.98 -22.07
CA THR A 318 -39.29 -18.56 -22.15
C THR A 318 -39.40 -17.14 -22.70
N LEU A 319 -38.51 -16.25 -22.28
CA LEU A 319 -38.53 -14.88 -22.80
C LEU A 319 -38.33 -14.86 -24.30
N ALA A 320 -37.35 -15.62 -24.79
CA ALA A 320 -37.11 -15.70 -26.23
C ALA A 320 -38.31 -16.32 -26.94
N LYS A 321 -38.93 -17.34 -26.33
CA LYS A 321 -40.09 -17.97 -26.93
C LYS A 321 -41.22 -16.96 -27.10
N GLU A 322 -41.51 -16.17 -26.06
CA GLU A 322 -42.56 -15.16 -26.17
C GLU A 322 -42.22 -14.11 -27.22
N CYS A 323 -40.96 -13.65 -27.23
CA CYS A 323 -40.58 -12.64 -28.21
C CYS A 323 -40.74 -13.16 -29.63
N LEU A 324 -40.37 -14.42 -29.86
CA LEU A 324 -40.51 -15.00 -31.20
C LEU A 324 -41.97 -15.26 -31.54
N GLU A 325 -42.80 -15.61 -30.54
CA GLU A 325 -44.23 -15.79 -30.79
C GLU A 325 -44.87 -14.48 -31.21
N LYS A 326 -44.50 -13.38 -30.56
CA LYS A 326 -45.02 -12.08 -30.97
C LYS A 326 -44.64 -11.77 -32.41
N TYR A 327 -43.37 -11.96 -32.75
CA TYR A 327 -42.90 -11.77 -34.12
C TYR A 327 -42.80 -13.13 -34.83
N SER A 328 -43.98 -13.69 -35.10
CA SER A 328 -44.05 -15.02 -35.67
C SER A 328 -43.56 -15.07 -37.11
N THR A 329 -43.71 -13.96 -37.85
CA THR A 329 -43.28 -13.95 -39.24
C THR A 329 -41.76 -14.14 -39.34
N LEU A 330 -41.00 -13.45 -38.49
CA LEU A 330 -39.55 -13.63 -38.49
C LEU A 330 -39.16 -15.03 -38.02
N ARG A 331 -39.85 -15.53 -36.98
CA ARG A 331 -39.51 -16.85 -36.45
C ARG A 331 -39.76 -17.94 -37.48
N ASP A 332 -40.85 -17.84 -38.23
CA ASP A 332 -41.24 -18.86 -39.18
C ASP A 332 -40.48 -18.77 -40.51
N GLN A 333 -39.66 -17.73 -40.71
CA GLN A 333 -38.89 -17.60 -41.92
C GLN A 333 -37.94 -18.79 -42.06
N THR A 334 -38.19 -19.66 -43.05
CA THR A 334 -37.41 -20.87 -43.24
C THR A 334 -36.49 -20.82 -44.43
N ASP A 335 -36.85 -20.11 -45.50
CA ASP A 335 -36.00 -20.00 -46.68
C ASP A 335 -35.12 -18.76 -46.56
N PRO A 336 -33.80 -18.89 -46.62
CA PRO A 336 -32.94 -17.71 -46.51
C PRO A 336 -32.70 -17.01 -47.84
N ILE A 337 -32.50 -15.70 -47.75
CA ILE A 337 -32.08 -14.88 -48.88
C ILE A 337 -30.74 -14.26 -48.47
N LEU A 338 -29.65 -14.80 -49.00
CA LEU A 338 -28.32 -14.37 -48.60
C LEU A 338 -28.05 -12.96 -49.12
N ILE A 339 -27.61 -12.08 -48.23
CA ILE A 339 -27.24 -10.72 -48.57
C ILE A 339 -25.74 -10.53 -48.59
N MET A 340 -25.04 -11.06 -47.58
CA MET A 340 -23.59 -10.98 -47.50
C MET A 340 -23.08 -12.25 -46.87
N LYS A 341 -21.85 -12.62 -47.24
CA LYS A 341 -21.25 -13.87 -46.77
C LYS A 341 -19.80 -13.62 -46.40
N SER A 342 -19.40 -14.12 -45.24
CA SER A 342 -18.01 -14.02 -44.83
C SER A 342 -17.14 -14.94 -45.68
N GLU A 343 -15.84 -14.62 -45.75
CA GLU A 343 -14.96 -15.27 -46.71
C GLU A 343 -14.90 -16.78 -46.46
N LYS A 344 -14.73 -17.19 -45.21
CA LYS A 344 -14.55 -18.60 -44.86
C LYS A 344 -15.74 -19.18 -44.13
N ALA A 345 -16.92 -18.59 -44.30
CA ALA A 345 -18.13 -19.06 -43.64
C ALA A 345 -18.93 -19.95 -44.57
N ASN A 346 -19.68 -20.87 -43.96
CA ASN A 346 -20.59 -21.76 -44.68
C ASN A 346 -22.01 -21.28 -44.41
N GLU A 347 -22.58 -20.54 -45.36
CA GLU A 347 -23.90 -19.95 -45.15
C GLU A 347 -24.96 -21.01 -44.92
N ASN A 348 -24.85 -22.17 -45.58
CA ASN A 348 -25.82 -23.23 -45.36
C ASN A 348 -25.77 -23.72 -43.92
N PHE A 349 -24.57 -23.97 -43.41
CA PHE A 349 -24.44 -24.43 -42.03
C PHE A 349 -24.89 -23.36 -41.06
N LEU A 350 -24.58 -22.09 -41.34
CA LEU A 350 -25.00 -21.02 -40.44
C LEU A 350 -26.53 -20.91 -40.39
N TRP A 351 -27.18 -21.01 -41.54
CA TRP A 351 -28.64 -20.96 -41.56
C TRP A 351 -29.24 -22.17 -40.87
N LYS A 352 -28.65 -23.35 -41.06
CA LYS A 352 -29.15 -24.54 -40.37
C LYS A 352 -29.01 -24.39 -38.86
N LEU A 353 -27.89 -23.83 -38.40
CA LEU A 353 -27.71 -23.60 -36.97
C LEU A 353 -28.72 -22.57 -36.45
N TRP A 354 -28.98 -21.52 -37.23
CA TRP A 354 -30.00 -20.54 -36.82
C TRP A 354 -31.37 -21.20 -36.70
N ARG A 355 -31.74 -22.03 -37.67
CA ARG A 355 -33.02 -22.71 -37.61
C ARG A 355 -33.08 -23.66 -36.42
N ASP A 356 -31.98 -24.35 -36.14
CA ASP A 356 -31.93 -25.22 -34.97
C ASP A 356 -32.13 -24.42 -33.68
N CYS A 357 -31.49 -23.25 -33.60
CA CYS A 357 -31.65 -22.41 -32.42
C CYS A 357 -33.11 -21.97 -32.26
N VAL A 358 -33.73 -21.54 -33.36
CA VAL A 358 -35.11 -21.09 -33.30
C VAL A 358 -36.02 -22.24 -32.87
N ASN A 359 -35.81 -23.42 -33.43
CA ASN A 359 -36.65 -24.56 -33.09
C ASN A 359 -36.47 -24.97 -31.63
N THR A 360 -35.23 -24.99 -31.16
CA THR A 360 -34.99 -25.35 -29.76
C THR A 360 -35.61 -24.33 -28.81
N ILE A 361 -35.48 -23.03 -29.12
CA ILE A 361 -36.07 -22.01 -28.27
C ILE A 361 -37.59 -22.12 -28.27
N SER A 362 -38.18 -22.37 -29.44
CA SER A 362 -39.63 -22.42 -29.58
C SER A 362 -40.23 -23.74 -29.12
N ASN A 363 -39.42 -24.78 -28.90
CA ASN A 363 -39.96 -26.06 -28.49
C ASN A 363 -40.50 -26.01 -27.07
N GLU A 364 -41.38 -26.96 -26.77
CA GLU A 364 -41.99 -27.02 -25.44
C GLU A 364 -41.01 -27.51 -24.38
N GLU A 365 -39.92 -28.14 -24.78
CA GLU A 365 -38.93 -28.60 -23.81
C GLU A 365 -38.28 -27.41 -23.11
N MET A 366 -37.82 -27.64 -21.89
CA MET A 366 -37.26 -26.59 -21.06
C MET A 366 -35.75 -26.48 -21.17
N SER A 367 -35.10 -27.29 -22.00
CA SER A 367 -33.66 -27.29 -22.14
C SER A 367 -33.26 -26.52 -23.40
N ASN A 368 -32.18 -25.74 -23.28
CA ASN A 368 -31.64 -24.97 -24.39
C ASN A 368 -30.44 -25.65 -25.03
N GLU A 369 -30.44 -26.98 -25.07
CA GLU A 369 -29.33 -27.76 -25.61
C GLU A 369 -29.51 -27.98 -27.10
N LEU A 370 -28.39 -27.93 -27.83
CA LEU A 370 -28.35 -28.26 -29.25
C LEU A 370 -27.55 -29.54 -29.45
N GLN A 371 -28.01 -30.39 -30.37
CA GLN A 371 -27.29 -31.60 -30.70
C GLN A 371 -26.02 -31.26 -31.49
N LYS A 372 -24.98 -32.06 -31.27
CA LYS A 372 -23.69 -31.85 -31.94
C LYS A 372 -23.78 -32.40 -33.35
N THR A 373 -24.41 -31.62 -34.22
CA THR A 373 -24.57 -31.98 -35.62
C THR A 373 -23.36 -31.53 -36.42
N ASN A 374 -23.35 -31.85 -37.72
CA ASN A 374 -22.21 -31.48 -38.56
C ASN A 374 -22.07 -29.97 -38.65
N TYR A 375 -23.18 -29.26 -38.86
CA TYR A 375 -23.10 -27.80 -38.99
C TYR A 375 -22.77 -27.13 -37.67
N ALA A 376 -23.35 -27.62 -36.57
CA ALA A 376 -23.00 -27.08 -35.27
C ALA A 376 -21.55 -27.37 -34.93
N LYS A 377 -21.06 -28.57 -35.27
CA LYS A 377 -19.67 -28.91 -35.02
C LYS A 377 -18.75 -27.99 -35.82
N TRP A 378 -19.08 -27.75 -37.08
CA TRP A 378 -18.27 -26.82 -37.87
C TRP A 378 -18.30 -25.42 -37.28
N ALA A 379 -19.47 -24.94 -36.88
CA ALA A 379 -19.60 -23.57 -36.39
C ALA A 379 -18.83 -23.39 -35.09
N THR A 380 -18.86 -24.38 -34.21
CA THR A 380 -18.18 -24.29 -32.92
C THR A 380 -16.73 -24.72 -32.98
N GLY A 381 -16.23 -25.09 -34.14
CA GLY A 381 -14.84 -25.50 -34.27
C GLY A 381 -14.51 -26.78 -33.53
N ASP A 382 -15.38 -27.78 -33.60
CA ASP A 382 -15.15 -29.04 -32.91
C ASP A 382 -13.98 -29.78 -33.53
N GLY A 383 -13.13 -30.36 -32.69
CA GLY A 383 -12.03 -31.18 -33.16
C GLY A 383 -11.04 -30.45 -34.03
N LEU A 384 -10.68 -29.22 -33.66
CA LEU A 384 -9.71 -28.43 -34.40
C LEU A 384 -8.39 -28.27 -33.67
N THR A 385 -8.30 -28.66 -32.40
CA THR A 385 -7.05 -28.59 -31.68
C THR A 385 -6.05 -29.60 -32.26
N TYR A 386 -4.79 -29.21 -32.33
CA TYR A 386 -3.76 -30.09 -32.85
C TYR A 386 -3.49 -31.23 -31.87
N GLN A 387 -3.16 -32.39 -32.42
CA GLN A 387 -2.80 -33.53 -31.59
C GLN A 387 -1.39 -33.36 -31.06
N LYS A 388 -1.21 -33.58 -29.76
CA LYS A 388 0.10 -33.44 -29.13
C LYS A 388 0.87 -34.74 -29.29
N ILE A 389 2.06 -34.65 -29.88
CA ILE A 389 2.91 -35.81 -30.10
C ILE A 389 4.16 -35.67 -29.23
N MET A 390 4.93 -36.75 -29.14
CA MET A 390 6.08 -36.78 -28.26
C MET A 390 7.19 -35.89 -28.82
N LYS A 391 8.10 -35.50 -27.92
CA LYS A 391 9.19 -34.61 -28.29
C LYS A 391 10.11 -35.26 -29.32
N GLU A 392 10.43 -36.54 -29.14
CA GLU A 392 11.40 -37.20 -30.01
C GLU A 392 10.89 -37.28 -31.45
N VAL A 393 9.62 -37.69 -31.61
CA VAL A 393 9.05 -37.82 -32.95
C VAL A 393 9.03 -36.47 -33.64
N ALA A 394 8.59 -35.43 -32.93
CA ALA A 394 8.54 -34.10 -33.52
C ALA A 394 9.93 -33.61 -33.91
N ILE A 395 10.93 -33.85 -33.05
CA ILE A 395 12.28 -33.43 -33.37
C ILE A 395 12.78 -34.15 -34.62
N ASP A 396 12.55 -35.46 -34.71
CA ASP A 396 12.96 -36.19 -35.90
C ASP A 396 12.20 -35.70 -37.14
N ASP A 397 10.89 -35.48 -36.99
CA ASP A 397 10.06 -35.06 -38.11
C ASP A 397 10.49 -33.69 -38.61
N GLU A 398 11.05 -33.63 -39.82
CA GLU A 398 11.56 -32.38 -40.37
C GLU A 398 10.46 -31.46 -40.87
N THR A 399 9.22 -31.95 -41.01
CA THR A 399 8.12 -31.11 -41.45
C THR A 399 7.54 -30.27 -40.32
N MET A 400 7.85 -30.58 -39.07
CA MET A 400 7.33 -29.83 -37.94
C MET A 400 8.22 -28.61 -37.71
N CYS A 401 7.66 -27.42 -37.91
CA CYS A 401 8.39 -26.17 -37.78
C CYS A 401 7.59 -25.23 -36.88
N GLN A 402 8.31 -24.25 -36.32
CA GLN A 402 7.65 -23.24 -35.50
C GLN A 402 6.78 -22.34 -36.37
N GLU A 403 5.53 -22.18 -35.97
CA GLU A 403 4.60 -21.37 -36.75
C GLU A 403 5.03 -19.91 -36.72
N GLU A 404 5.01 -19.26 -37.88
CA GLU A 404 5.32 -17.84 -37.95
C GLU A 404 4.20 -17.05 -37.30
N PRO A 405 4.50 -16.14 -36.37
CA PRO A 405 3.41 -15.43 -35.68
C PRO A 405 2.60 -14.59 -36.65
N LYS A 406 1.31 -14.48 -36.36
CA LYS A 406 0.41 -13.61 -37.13
C LYS A 406 0.34 -12.26 -36.44
N ILE A 407 0.70 -11.21 -37.18
CA ILE A 407 0.71 -9.85 -36.64
C ILE A 407 -0.59 -9.17 -37.03
N PRO A 408 -1.20 -8.37 -36.16
CA PRO A 408 -2.40 -7.63 -36.57
C PRO A 408 -2.09 -6.74 -37.77
N ASN A 409 -3.01 -6.73 -38.72
CA ASN A 409 -2.81 -6.00 -39.96
C ASN A 409 -3.02 -4.50 -39.75
N LYS A 410 -2.62 -3.72 -40.75
CA LYS A 410 -2.77 -2.27 -40.73
C LYS A 410 -4.04 -1.88 -41.48
N CYS A 411 -4.86 -1.05 -40.85
CA CYS A 411 -6.11 -0.59 -41.43
C CYS A 411 -6.16 0.93 -41.37
N ARG A 412 -7.06 1.50 -42.18
CA ARG A 412 -7.25 2.94 -42.24
C ARG A 412 -8.52 3.34 -41.50
N VAL A 413 -8.73 4.65 -41.39
CA VAL A 413 -9.90 5.16 -40.68
C VAL A 413 -11.17 4.69 -41.36
N ALA A 414 -12.15 4.30 -40.56
CA ALA A 414 -13.46 3.87 -41.04
C ALA A 414 -14.52 4.79 -40.47
N ALA A 415 -15.44 5.25 -41.32
CA ALA A 415 -16.47 6.18 -40.90
C ALA A 415 -17.45 5.55 -39.93
N TRP A 416 -17.57 4.22 -39.91
CA TRP A 416 -18.56 3.60 -39.04
C TRP A 416 -18.21 3.80 -37.57
N VAL A 417 -16.93 3.97 -37.24
CA VAL A 417 -16.57 4.23 -35.85
C VAL A 417 -17.10 5.60 -35.42
N GLN A 418 -16.95 6.61 -36.29
CA GLN A 418 -17.52 7.92 -35.99
C GLN A 418 -19.03 7.85 -35.90
N THR A 419 -19.67 7.10 -36.80
CA THR A 419 -21.12 6.95 -36.74
C THR A 419 -21.55 6.30 -35.43
N GLU A 420 -20.82 5.28 -34.99
CA GLU A 420 -21.13 4.62 -33.73
C GLU A 420 -20.97 5.58 -32.56
N MET A 421 -19.91 6.39 -32.57
CA MET A 421 -19.72 7.37 -31.51
C MET A 421 -20.87 8.37 -31.49
N ASN A 422 -21.30 8.83 -32.67
CA ASN A 422 -22.40 9.79 -32.73
C ASN A 422 -23.70 9.18 -32.22
N LEU A 423 -24.00 7.94 -32.62
CA LEU A 423 -25.28 7.34 -32.29
C LEU A 423 -25.34 6.87 -30.84
N LEU A 424 -24.25 6.33 -30.31
CA LEU A 424 -24.29 5.77 -28.96
C LEU A 424 -24.38 6.84 -27.88
N SER A 425 -24.08 8.10 -28.21
CA SER A 425 -24.14 9.19 -27.25
C SER A 425 -25.43 9.99 -27.35
N THR A 426 -26.40 9.52 -28.12
CA THR A 426 -27.68 10.21 -28.26
C THR A 426 -28.69 9.67 -27.26
N LEU A 427 -29.62 10.53 -26.85
CA LEU A 427 -30.67 10.15 -25.92
C LEU A 427 -31.73 9.33 -26.62
N THR A 428 -32.28 8.35 -25.91
CA THR A 428 -33.36 7.52 -26.40
C THR A 428 -34.53 7.59 -25.41
N SER A 429 -35.57 6.80 -25.69
CA SER A 429 -36.76 6.75 -24.86
C SER A 429 -36.82 5.51 -23.98
N LYS A 430 -35.72 4.77 -23.88
CA LYS A 430 -35.69 3.52 -23.13
C LYS A 430 -34.62 3.59 -22.05
N ARG A 431 -34.94 3.04 -20.88
CA ARG A 431 -34.02 2.97 -19.75
C ARG A 431 -33.66 1.52 -19.51
N ALA A 432 -32.35 1.22 -19.49
CA ALA A 432 -31.88 -0.14 -19.31
C ALA A 432 -31.21 -0.39 -17.97
N LEU A 433 -30.72 0.65 -17.30
CA LEU A 433 -30.05 0.46 -16.02
C LEU A 433 -31.04 -0.03 -14.97
N ASP A 434 -30.59 -0.97 -14.14
CA ASP A 434 -31.42 -1.56 -13.10
C ASP A 434 -30.78 -1.34 -11.74
N LEU A 435 -30.36 -0.10 -11.47
CA LEU A 435 -29.64 0.20 -10.26
C LEU A 435 -30.47 -0.17 -9.04
N PRO A 436 -29.91 -0.90 -8.06
CA PRO A 436 -30.67 -1.21 -6.85
C PRO A 436 -30.76 -0.01 -5.92
N GLU A 437 -31.61 -0.15 -4.90
CA GLU A 437 -31.84 0.91 -3.95
C GLU A 437 -30.70 1.02 -2.95
N ILE A 438 -30.63 2.18 -2.30
CA ILE A 438 -29.68 2.39 -1.21
C ILE A 438 -30.46 2.83 0.03
N GLY A 439 -29.76 3.06 1.14
CA GLY A 439 -30.40 3.47 2.35
C GLY A 439 -30.91 4.90 2.27
N PRO A 440 -31.90 5.24 3.08
CA PRO A 440 -32.42 6.62 3.05
C PRO A 440 -31.37 7.63 3.47
N ASP A 441 -31.49 8.84 2.92
CA ASP A 441 -30.54 9.90 3.22
C ASP A 441 -30.85 10.53 4.56
N VAL A 442 -29.79 10.81 5.33
CA VAL A 442 -29.92 11.46 6.64
C VAL A 442 -29.05 12.71 6.64
N ALA A 443 -27.76 12.54 6.35
CA ALA A 443 -26.87 13.68 6.32
C ALA A 443 -27.16 14.56 5.10
N PRO A 444 -26.96 15.87 5.21
CA PRO A 444 -27.17 16.74 4.05
C PRO A 444 -26.32 16.36 2.85
N VAL A 445 -25.11 15.84 3.08
CA VAL A 445 -24.26 15.42 1.97
C VAL A 445 -24.94 14.30 1.19
N GLU A 446 -25.63 13.40 1.89
CA GLU A 446 -26.35 12.33 1.21
C GLU A 446 -27.49 12.89 0.37
N HIS A 447 -28.20 13.90 0.88
CA HIS A 447 -29.25 14.53 0.08
C HIS A 447 -28.68 15.20 -1.16
N VAL A 448 -27.54 15.87 -1.02
CA VAL A 448 -26.89 16.49 -2.17
C VAL A 448 -26.50 15.43 -3.18
N GLY A 449 -25.96 14.31 -2.70
CA GLY A 449 -25.59 13.22 -3.60
C GLY A 449 -26.78 12.66 -4.34
N SER A 450 -27.91 12.49 -3.64
CA SER A 450 -29.11 11.99 -4.30
C SER A 450 -29.63 12.97 -5.34
N GLU A 451 -29.62 14.27 -5.01
CA GLU A 451 -30.09 15.27 -5.96
C GLU A 451 -29.22 15.29 -7.21
N ARG A 452 -27.91 15.18 -7.03
CA ARG A 452 -26.99 15.14 -8.18
C ARG A 452 -27.16 13.85 -8.98
N ARG A 453 -27.36 12.72 -8.27
CA ARG A 453 -27.57 11.45 -8.94
C ARG A 453 -28.82 11.50 -9.81
N LYS A 454 -29.86 12.19 -9.35
CA LYS A 454 -31.03 12.37 -10.20
C LYS A 454 -30.62 12.80 -11.60
N TYR A 455 -29.94 13.94 -11.70
CA TYR A 455 -29.55 14.48 -13.01
C TYR A 455 -28.62 13.52 -13.74
N PHE A 456 -27.58 13.04 -13.05
CA PHE A 456 -26.56 12.22 -13.74
C PHE A 456 -27.16 10.94 -14.30
N VAL A 457 -27.92 10.22 -13.47
CA VAL A 457 -28.50 8.95 -13.89
C VAL A 457 -29.58 9.19 -14.93
N ASN A 458 -30.35 10.28 -14.82
CA ASN A 458 -31.32 10.58 -15.85
C ASN A 458 -30.64 10.77 -17.19
N GLU A 459 -29.50 11.48 -17.20
CA GLU A 459 -28.79 11.70 -18.45
C GLU A 459 -28.25 10.40 -19.02
N ILE A 460 -27.56 9.61 -18.20
CA ILE A 460 -26.90 8.42 -18.72
C ILE A 460 -27.91 7.34 -19.11
N ASN A 461 -28.92 7.11 -18.25
CA ASN A 461 -29.79 5.95 -18.43
C ASN A 461 -30.53 5.97 -19.75
N TYR A 462 -30.77 7.16 -20.31
CA TYR A 462 -31.58 7.30 -21.51
C TYR A 462 -30.75 7.25 -22.80
N CYS A 463 -29.44 7.07 -22.70
CA CYS A 463 -28.58 7.04 -23.87
C CYS A 463 -28.45 5.60 -24.40
N LYS A 464 -28.18 5.50 -25.70
CA LYS A 464 -28.07 4.19 -26.33
C LYS A 464 -26.91 3.39 -25.75
N ALA A 465 -25.82 4.07 -25.41
CA ALA A 465 -24.67 3.38 -24.85
C ALA A 465 -25.02 2.64 -23.57
N SER A 466 -25.94 3.19 -22.76
CA SER A 466 -26.37 2.49 -21.56
C SER A 466 -27.06 1.17 -21.90
N THR A 467 -27.93 1.18 -22.90
CA THR A 467 -28.59 -0.05 -23.31
C THR A 467 -27.60 -1.07 -23.84
N VAL A 468 -26.64 -0.61 -24.65
CA VAL A 468 -25.62 -1.52 -25.16
C VAL A 468 -24.80 -2.12 -24.03
N MET A 469 -24.42 -1.29 -23.05
CA MET A 469 -23.65 -1.77 -21.92
C MET A 469 -24.43 -2.81 -21.12
N MET A 470 -25.72 -2.55 -20.87
CA MET A 470 -26.53 -3.50 -20.14
C MET A 470 -26.65 -4.81 -20.89
N LYS A 471 -26.84 -4.74 -22.21
CA LYS A 471 -26.90 -5.95 -23.03
C LYS A 471 -25.60 -6.74 -22.90
N TYR A 472 -24.46 -6.06 -23.00
CA TYR A 472 -23.18 -6.74 -22.88
C TYR A 472 -23.05 -7.41 -21.51
N VAL A 473 -23.40 -6.69 -20.45
CA VAL A 473 -23.23 -7.22 -19.09
C VAL A 473 -24.10 -8.46 -18.90
N LEU A 474 -25.37 -8.37 -19.29
CA LEU A 474 -26.27 -9.50 -19.12
C LEU A 474 -25.82 -10.69 -19.95
N PHE A 475 -25.42 -10.46 -21.20
CA PHE A 475 -25.00 -11.57 -22.05
C PHE A 475 -23.75 -12.24 -21.50
N HIS A 476 -22.80 -11.45 -21.00
CA HIS A 476 -21.57 -12.05 -20.47
C HIS A 476 -21.86 -12.82 -19.19
N THR A 477 -22.75 -12.31 -18.34
CA THR A 477 -23.14 -13.06 -17.15
C THR A 477 -23.74 -14.41 -17.54
N SER A 478 -24.71 -14.39 -18.47
CA SER A 478 -25.33 -15.63 -18.90
C SER A 478 -24.33 -16.59 -19.52
N LEU A 479 -23.41 -16.05 -20.33
CA LEU A 479 -22.42 -16.87 -21.00
C LEU A 479 -21.47 -17.52 -20.00
N LEU A 480 -21.01 -16.77 -18.99
CA LEU A 480 -20.15 -17.37 -17.98
C LEU A 480 -20.89 -18.46 -17.21
N ASN A 481 -22.15 -18.20 -16.84
CA ASN A 481 -22.91 -19.21 -16.13
C ASN A 481 -23.08 -20.47 -16.95
N GLU A 482 -23.41 -20.32 -18.24
CA GLU A 482 -23.59 -21.49 -19.10
C GLU A 482 -22.28 -22.22 -19.32
N SER A 483 -21.18 -21.49 -19.50
CA SER A 483 -19.88 -22.12 -19.72
C SER A 483 -19.47 -22.96 -18.53
N ASN A 484 -19.66 -22.44 -17.32
CA ASN A 484 -19.35 -23.25 -16.14
C ASN A 484 -20.32 -24.43 -16.01
N ALA A 485 -21.61 -24.17 -16.16
CA ALA A 485 -22.61 -25.21 -15.94
C ALA A 485 -22.54 -26.29 -17.01
N SER A 486 -22.49 -25.89 -18.28
CA SER A 486 -22.56 -26.83 -19.42
C SER A 486 -21.23 -26.77 -20.16
N MET A 487 -20.27 -27.58 -19.70
CA MET A 487 -18.95 -27.60 -20.33
C MET A 487 -18.96 -28.39 -21.63
N GLY A 488 -19.68 -29.51 -21.67
CA GLY A 488 -19.66 -30.39 -22.82
C GLY A 488 -20.95 -30.40 -23.62
N LYS A 489 -21.66 -29.27 -23.61
CA LYS A 489 -22.94 -29.15 -24.31
C LYS A 489 -22.93 -27.91 -25.19
N TYR A 490 -23.71 -27.99 -26.27
CA TYR A 490 -24.01 -26.81 -27.09
C TYR A 490 -25.32 -26.21 -26.59
N LYS A 491 -25.27 -24.94 -26.18
CA LYS A 491 -26.40 -24.28 -25.56
C LYS A 491 -26.78 -23.02 -26.34
N VAL A 492 -28.08 -22.80 -26.48
CA VAL A 492 -28.59 -21.58 -27.08
C VAL A 492 -28.78 -20.55 -25.96
N ILE A 493 -28.09 -19.43 -26.07
CA ILE A 493 -28.13 -18.37 -25.07
C ILE A 493 -28.72 -17.12 -25.73
N PRO A 494 -30.00 -16.83 -25.49
CA PRO A 494 -30.58 -15.63 -26.11
C PRO A 494 -29.89 -14.36 -25.63
N ILE A 495 -29.75 -13.41 -26.55
CA ILE A 495 -29.24 -12.08 -26.22
C ILE A 495 -30.44 -11.24 -25.80
N THR A 496 -30.47 -10.84 -24.53
CA THR A 496 -31.66 -10.28 -23.92
C THR A 496 -31.33 -9.03 -23.14
N ASN A 497 -32.32 -8.14 -23.05
CA ASN A 497 -32.23 -6.95 -22.21
C ASN A 497 -33.61 -6.62 -21.70
N ARG A 498 -33.66 -5.79 -20.66
CA ARG A 498 -34.93 -5.34 -20.09
C ARG A 498 -34.91 -3.81 -20.06
N VAL A 499 -35.89 -3.19 -20.71
CA VAL A 499 -35.95 -1.74 -20.82
C VAL A 499 -37.25 -1.25 -20.21
N VAL A 500 -37.29 0.05 -19.92
CA VAL A 500 -38.47 0.69 -19.35
C VAL A 500 -38.76 1.95 -20.14
N ASN A 501 -40.01 2.13 -20.54
CA ASN A 501 -40.42 3.33 -21.26
C ASN A 501 -40.53 4.51 -20.29
N GLU A 502 -40.66 5.71 -20.87
CA GLU A 502 -40.89 6.89 -20.06
C GLU A 502 -42.21 6.83 -19.31
N LYS A 503 -43.15 6.00 -19.76
CA LYS A 503 -44.44 5.83 -19.10
C LYS A 503 -44.39 4.78 -17.99
N GLY A 504 -43.22 4.16 -17.75
CA GLY A 504 -43.08 3.18 -16.70
C GLY A 504 -43.32 1.75 -17.11
N GLU A 505 -43.73 1.51 -18.36
CA GLU A 505 -44.00 0.15 -18.81
C GLU A 505 -42.70 -0.54 -19.20
N SER A 506 -42.56 -1.80 -18.78
CA SER A 506 -41.36 -2.58 -19.02
C SER A 506 -41.50 -3.43 -20.26
N PHE A 507 -40.37 -3.63 -20.95
CA PHE A 507 -40.30 -4.46 -22.15
C PHE A 507 -39.11 -5.39 -22.06
N ASP A 508 -39.27 -6.60 -22.57
CA ASP A 508 -38.18 -7.55 -22.74
C ASP A 508 -37.74 -7.48 -24.20
N MET A 509 -36.46 -7.21 -24.42
CA MET A 509 -35.90 -7.02 -25.75
C MET A 509 -35.02 -8.21 -26.10
N LEU A 510 -35.34 -8.85 -27.22
CA LEU A 510 -34.55 -9.96 -27.75
C LEU A 510 -33.75 -9.44 -28.93
N TYR A 511 -32.42 -9.44 -28.81
CA TYR A 511 -31.53 -8.96 -29.85
C TYR A 511 -30.98 -10.07 -30.73
N GLY A 512 -31.19 -11.32 -30.37
CA GLY A 512 -30.70 -12.42 -31.16
C GLY A 512 -30.49 -13.65 -30.30
N LEU A 513 -29.78 -14.62 -30.87
CA LEU A 513 -29.50 -15.89 -30.22
C LEU A 513 -28.02 -16.23 -30.37
N ALA A 514 -27.44 -16.78 -29.30
CA ALA A 514 -26.04 -17.16 -29.29
C ALA A 514 -25.91 -18.65 -28.98
N VAL A 515 -25.01 -19.30 -29.70
CA VAL A 515 -24.72 -20.72 -29.51
C VAL A 515 -23.36 -20.82 -28.84
N LYS A 516 -23.31 -21.51 -27.71
CA LYS A 516 -22.08 -21.73 -26.97
C LYS A 516 -21.53 -23.11 -27.33
N GLY A 517 -20.27 -23.17 -27.70
CA GLY A 517 -19.61 -24.43 -27.98
C GLY A 517 -19.18 -25.12 -26.70
N GLN A 518 -18.34 -26.15 -26.87
CA GLN A 518 -17.81 -26.85 -25.72
C GLN A 518 -16.97 -25.90 -24.88
N SER A 519 -17.21 -25.91 -23.56
CA SER A 519 -16.58 -24.98 -22.63
C SER A 519 -15.80 -25.79 -21.60
N HIS A 520 -14.56 -26.13 -21.93
CA HIS A 520 -13.64 -26.81 -21.03
C HIS A 520 -12.47 -25.90 -20.70
N LEU A 521 -12.78 -24.66 -20.33
CA LEU A 521 -11.77 -23.62 -20.15
C LEU A 521 -10.99 -23.84 -18.86
N ARG A 522 -9.92 -24.62 -18.94
CA ARG A 522 -9.07 -24.82 -17.77
C ARG A 522 -8.25 -23.57 -17.48
N GLY A 523 -7.68 -22.96 -18.52
CA GLY A 523 -6.95 -21.72 -18.35
C GLY A 523 -7.84 -20.50 -18.50
N ASP A 524 -7.33 -19.36 -18.03
CA ASP A 524 -8.08 -18.12 -18.11
C ASP A 524 -8.18 -17.59 -19.54
N THR A 525 -7.19 -17.91 -20.39
CA THR A 525 -7.19 -17.48 -21.78
C THR A 525 -7.72 -18.54 -22.74
N ASP A 526 -8.22 -19.66 -22.21
CA ASP A 526 -8.83 -20.67 -23.07
C ASP A 526 -10.06 -20.08 -23.74
N VAL A 527 -10.31 -20.48 -24.98
CA VAL A 527 -11.29 -19.84 -25.85
C VAL A 527 -12.49 -20.77 -26.01
N VAL A 528 -13.68 -20.22 -25.79
CA VAL A 528 -14.94 -20.85 -26.13
C VAL A 528 -15.52 -20.10 -27.33
N THR A 529 -15.97 -20.86 -28.32
CA THR A 529 -16.57 -20.27 -29.51
C THR A 529 -18.04 -19.97 -29.27
N VAL A 530 -18.47 -18.78 -29.70
CA VAL A 530 -19.85 -18.35 -29.61
C VAL A 530 -20.31 -17.95 -31.01
N VAL A 531 -21.40 -18.55 -31.47
CA VAL A 531 -21.96 -18.23 -32.78
C VAL A 531 -23.16 -17.32 -32.53
N THR A 532 -23.07 -16.08 -32.99
CA THR A 532 -24.07 -15.06 -32.68
C THR A 532 -24.91 -14.78 -33.93
N PHE A 533 -26.23 -14.78 -33.76
CA PHE A 533 -27.17 -14.38 -34.80
C PHE A 533 -27.97 -13.22 -34.22
N GLU A 534 -27.74 -12.02 -34.72
CA GLU A 534 -28.31 -10.80 -34.18
C GLU A 534 -29.24 -10.16 -35.20
N PHE A 535 -30.42 -9.74 -34.74
CA PHE A 535 -31.32 -8.99 -35.60
C PHE A 535 -30.78 -7.58 -35.84
N SER A 536 -31.05 -7.07 -37.05
CA SER A 536 -30.62 -5.71 -37.36
C SER A 536 -31.53 -5.13 -38.43
N SER A 537 -31.56 -3.80 -38.50
CA SER A 537 -32.23 -3.08 -39.57
C SER A 537 -31.24 -2.48 -40.57
N THR A 538 -29.95 -2.51 -40.27
CA THR A 538 -28.94 -1.95 -41.15
C THR A 538 -28.71 -2.87 -42.34
N ASP A 539 -28.72 -2.30 -43.54
CA ASP A 539 -28.37 -3.05 -44.73
C ASP A 539 -26.85 -3.17 -44.80
N PRO A 540 -26.28 -4.37 -44.80
CA PRO A 540 -24.81 -4.47 -44.83
C PRO A 540 -24.19 -3.91 -46.10
N ARG A 541 -24.97 -3.76 -47.17
CA ARG A 541 -24.44 -3.29 -48.44
C ARG A 541 -24.24 -1.77 -48.49
N VAL A 542 -24.80 -1.02 -47.53
CA VAL A 542 -24.59 0.42 -47.51
C VAL A 542 -23.11 0.73 -47.40
N ASP A 543 -22.42 0.04 -46.48
CA ASP A 543 -20.96 0.01 -46.45
C ASP A 543 -20.54 -1.43 -46.17
N SER A 544 -19.94 -2.06 -47.18
CA SER A 544 -19.56 -3.46 -47.07
C SER A 544 -18.26 -3.64 -46.29
N GLY A 545 -17.41 -2.61 -46.27
CA GLY A 545 -16.14 -2.73 -45.58
C GLY A 545 -16.28 -2.87 -44.08
N LYS A 546 -17.46 -2.59 -43.53
CA LYS A 546 -17.69 -2.73 -42.11
C LYS A 546 -18.00 -4.16 -41.68
N TRP A 547 -18.45 -5.00 -42.62
CA TRP A 547 -18.92 -6.35 -42.26
C TRP A 547 -18.19 -7.45 -43.02
N PRO A 548 -16.86 -7.46 -43.10
CA PRO A 548 -16.19 -8.64 -43.67
C PRO A 548 -16.40 -9.91 -42.85
N LYS A 549 -16.68 -9.77 -41.55
CA LYS A 549 -16.74 -10.91 -40.65
C LYS A 549 -18.15 -11.47 -40.48
N TYR A 550 -19.15 -10.88 -41.14
CA TYR A 550 -20.54 -11.23 -40.90
C TYR A 550 -21.18 -11.82 -42.15
N THR A 551 -21.91 -12.92 -41.94
CA THR A 551 -22.80 -13.47 -42.96
C THR A 551 -24.21 -13.01 -42.63
N VAL A 552 -24.85 -12.31 -43.56
CA VAL A 552 -26.11 -11.63 -43.30
C VAL A 552 -27.19 -12.25 -44.18
N PHE A 553 -28.32 -12.59 -43.56
CA PHE A 553 -29.53 -13.00 -44.26
C PHE A 553 -30.63 -11.98 -44.00
N ARG A 554 -31.46 -11.75 -45.03
CA ARG A 554 -32.64 -10.91 -44.89
C ARG A 554 -33.79 -11.82 -44.46
N ILE A 555 -34.21 -11.69 -43.20
CA ILE A 555 -35.17 -12.62 -42.62
C ILE A 555 -36.60 -12.08 -42.59
N GLY A 556 -36.80 -10.77 -42.75
CA GLY A 556 -38.17 -10.30 -42.84
C GLY A 556 -38.29 -8.79 -42.84
N SER A 557 -39.40 -8.31 -42.28
CA SER A 557 -39.67 -6.88 -42.22
C SER A 557 -40.44 -6.58 -40.94
N LEU A 558 -40.41 -5.31 -40.54
CA LEU A 558 -41.14 -4.84 -39.37
C LEU A 558 -41.73 -3.47 -39.67
N PHE A 559 -42.72 -3.11 -38.87
CA PHE A 559 -43.43 -1.84 -39.02
C PHE A 559 -43.18 -0.97 -37.79
N VAL A 560 -42.53 0.17 -38.01
CA VAL A 560 -42.36 1.17 -36.98
C VAL A 560 -43.07 2.48 -37.31
N SER A 561 -43.34 2.76 -38.58
CA SER A 561 -44.11 3.91 -39.00
C SER A 561 -44.85 3.52 -40.27
N GLY A 562 -45.31 4.51 -41.03
CA GLY A 562 -45.96 4.21 -42.30
C GLY A 562 -45.06 3.42 -43.22
N ARG A 563 -43.75 3.58 -43.09
CA ARG A 563 -42.77 2.85 -43.90
C ARG A 563 -42.24 1.66 -43.12
N GLU A 564 -42.23 0.50 -43.76
CA GLU A 564 -41.68 -0.69 -43.15
C GLU A 564 -40.16 -0.72 -43.32
N LYS A 565 -39.49 -1.43 -42.41
CA LYS A 565 -38.04 -1.55 -42.42
C LYS A 565 -37.65 -3.03 -42.46
N SER A 566 -36.68 -3.35 -43.32
CA SER A 566 -36.22 -4.71 -43.45
C SER A 566 -35.51 -5.16 -42.17
N VAL A 567 -35.55 -6.46 -41.92
CA VAL A 567 -34.91 -7.08 -40.76
C VAL A 567 -33.98 -8.16 -41.29
N TYR A 568 -32.69 -7.95 -41.08
CA TYR A 568 -31.63 -8.89 -41.45
C TYR A 568 -31.12 -9.62 -40.22
N LEU A 569 -30.49 -10.77 -40.46
CA LEU A 569 -29.88 -11.58 -39.41
C LEU A 569 -28.37 -11.60 -39.65
N TYR A 570 -27.62 -10.88 -38.82
CA TYR A 570 -26.17 -10.89 -38.89
C TYR A 570 -25.64 -12.11 -38.13
N CYS A 571 -25.00 -13.02 -38.85
CA CYS A 571 -24.45 -14.24 -38.28
C CYS A 571 -22.93 -14.15 -38.26
N ARG A 572 -22.33 -14.49 -37.12
CA ARG A 572 -20.89 -14.41 -36.99
C ARG A 572 -20.38 -15.46 -36.01
N VAL A 573 -19.25 -16.06 -36.36
CA VAL A 573 -18.51 -16.92 -35.45
C VAL A 573 -17.52 -16.06 -34.68
N ASN A 574 -17.55 -16.16 -33.36
CA ASN A 574 -16.75 -15.32 -32.48
C ASN A 574 -16.19 -16.19 -31.36
N GLY A 575 -15.39 -15.60 -30.51
CA GLY A 575 -14.81 -16.35 -29.39
C GLY A 575 -14.62 -15.45 -28.19
N THR A 576 -14.56 -16.09 -27.02
CA THR A 576 -14.31 -15.35 -25.79
C THR A 576 -13.69 -16.29 -24.77
N ASN A 577 -13.05 -15.71 -23.77
CA ASN A 577 -12.42 -16.46 -22.68
C ASN A 577 -13.01 -16.03 -21.35
N LYS A 578 -12.55 -16.67 -20.28
CA LYS A 578 -13.09 -16.40 -18.95
C LYS A 578 -12.79 -14.97 -18.51
N ILE A 579 -11.61 -14.46 -18.86
CA ILE A 579 -11.25 -13.10 -18.47
C ILE A 579 -12.18 -12.10 -19.13
N GLN A 580 -12.43 -12.27 -20.43
CA GLN A 580 -13.31 -11.36 -21.14
C GLN A 580 -14.73 -11.42 -20.58
N MET A 581 -15.22 -12.63 -20.28
CA MET A 581 -16.55 -12.77 -19.70
C MET A 581 -16.63 -12.08 -18.35
N LYS A 582 -15.63 -12.29 -17.49
CA LYS A 582 -15.64 -11.68 -16.17
C LYS A 582 -15.60 -10.16 -16.27
N TRP A 583 -14.78 -9.62 -17.17
CA TRP A 583 -14.70 -8.17 -17.31
C TRP A 583 -15.93 -7.58 -17.97
N GLY A 584 -16.65 -8.37 -18.77
CA GLY A 584 -17.91 -7.90 -19.31
C GLY A 584 -19.03 -7.94 -18.29
N MET A 585 -18.98 -8.88 -17.35
CA MET A 585 -19.97 -8.91 -16.28
C MET A 585 -19.94 -7.66 -15.41
N GLU A 586 -18.80 -6.95 -15.39
CA GLU A 586 -18.62 -5.78 -14.54
C GLU A 586 -18.33 -4.54 -15.37
N ALA A 587 -18.98 -4.42 -16.53
CA ALA A 587 -18.83 -3.25 -17.37
C ALA A 587 -19.60 -2.04 -16.83
N ARG A 588 -20.50 -2.24 -15.86
CA ARG A 588 -21.22 -1.13 -15.28
C ARG A 588 -20.29 -0.07 -14.72
N ARG A 589 -19.06 -0.46 -14.35
CA ARG A 589 -18.12 0.49 -13.80
C ARG A 589 -17.84 1.63 -14.75
N CYS A 590 -18.10 1.45 -16.05
CA CYS A 590 -17.97 2.55 -17.00
C CYS A 590 -18.71 3.78 -16.47
N LEU A 591 -19.95 3.59 -16.02
CA LEU A 591 -20.71 4.66 -15.40
C LEU A 591 -19.83 5.49 -14.47
N LEU A 592 -19.23 4.83 -13.48
CA LEU A 592 -18.43 5.55 -12.50
C LEU A 592 -17.39 6.42 -13.18
N GLN A 593 -16.61 5.84 -14.10
CA GLN A 593 -15.53 6.59 -14.71
C GLN A 593 -16.06 7.84 -15.39
N SER A 594 -17.26 7.77 -15.98
CA SER A 594 -17.85 8.94 -16.59
C SER A 594 -18.38 9.91 -15.54
N MET A 595 -19.04 9.39 -14.50
CA MET A 595 -19.62 10.26 -13.50
C MET A 595 -18.55 11.02 -12.72
N GLN A 596 -17.58 10.28 -12.17
CA GLN A 596 -16.59 10.89 -11.30
C GLN A 596 -15.93 12.09 -11.97
N GLN A 597 -15.65 11.98 -13.26
CA GLN A 597 -15.09 13.11 -13.99
C GLN A 597 -16.06 14.29 -13.96
N MET A 598 -17.25 14.12 -14.56
CA MET A 598 -18.18 15.23 -14.65
C MET A 598 -18.57 15.72 -13.27
N GLU A 599 -18.82 14.80 -12.33
CA GLU A 599 -19.11 15.18 -10.96
C GLU A 599 -18.05 16.15 -10.47
N ALA A 600 -16.77 15.81 -10.65
CA ALA A 600 -15.70 16.69 -10.19
C ALA A 600 -15.91 18.09 -10.71
N ILE A 601 -16.17 18.23 -12.02
CA ILE A 601 -16.34 19.56 -12.59
C ILE A 601 -17.43 20.31 -11.84
N VAL A 602 -18.58 19.67 -11.62
CA VAL A 602 -19.67 20.32 -10.91
C VAL A 602 -19.18 20.82 -9.57
N GLU A 603 -18.48 19.95 -8.82
CA GLU A 603 -17.99 20.34 -7.51
C GLU A 603 -17.16 21.61 -7.61
N GLN A 604 -16.26 21.67 -8.60
CA GLN A 604 -15.44 22.85 -8.75
C GLN A 604 -16.31 24.10 -8.86
N GLU A 605 -17.31 24.06 -9.74
CA GLU A 605 -18.19 25.21 -9.89
C GLU A 605 -18.83 25.58 -8.56
N SER A 606 -19.26 24.58 -7.78
CA SER A 606 -19.83 24.86 -6.48
C SER A 606 -18.86 25.64 -5.62
N SER A 607 -17.60 25.21 -5.58
CA SER A 607 -16.61 25.91 -4.78
C SER A 607 -16.46 27.36 -5.22
N ILE A 608 -16.70 27.64 -6.50
CA ILE A 608 -16.58 29.01 -6.99
C ILE A 608 -17.84 29.82 -6.73
N GLN A 609 -18.97 29.16 -6.49
CA GLN A 609 -20.25 29.86 -6.38
C GLN A 609 -20.84 29.82 -4.98
N GLY A 610 -20.39 28.92 -4.12
CA GLY A 610 -20.88 28.84 -2.76
C GLY A 610 -22.15 28.04 -2.57
N TYR A 611 -22.61 27.33 -3.60
CA TYR A 611 -23.80 26.51 -3.48
C TYR A 611 -23.75 25.42 -4.54
N ASP A 612 -24.59 24.40 -4.36
CA ASP A 612 -24.64 23.30 -5.30
C ASP A 612 -25.02 23.80 -6.69
N MET A 613 -24.25 23.38 -7.69
CA MET A 613 -24.40 23.89 -9.05
C MET A 613 -24.73 22.78 -10.06
N THR A 614 -25.29 21.67 -9.60
CA THR A 614 -25.72 20.62 -10.53
C THR A 614 -26.81 21.13 -11.44
N LYS A 615 -27.85 21.74 -10.87
CA LYS A 615 -28.95 22.26 -11.67
C LYS A 615 -28.47 23.36 -12.60
N ALA A 616 -27.63 24.25 -12.11
CA ALA A 616 -27.11 25.32 -12.95
C ALA A 616 -26.28 24.76 -14.10
N CYS A 617 -25.41 23.78 -13.81
CA CYS A 617 -24.58 23.21 -14.86
C CYS A 617 -25.42 22.50 -15.91
N PHE A 618 -26.42 21.72 -15.48
CA PHE A 618 -27.19 20.92 -16.42
C PHE A 618 -28.17 21.78 -17.22
N LYS A 619 -28.84 22.73 -16.58
CA LYS A 619 -29.87 23.53 -17.23
C LYS A 619 -29.76 25.02 -16.96
N GLY A 620 -28.92 25.46 -16.03
CA GLY A 620 -28.81 26.86 -15.71
C GLY A 620 -29.87 27.31 -14.71
N ASP A 621 -29.68 28.52 -14.20
CA ASP A 621 -30.61 29.11 -13.25
C ASP A 621 -30.61 30.63 -13.47
N ARG A 622 -31.16 31.36 -12.51
CA ARG A 622 -31.33 32.80 -12.68
C ARG A 622 -29.99 33.50 -12.85
N VAL A 623 -28.99 33.10 -12.06
CA VAL A 623 -27.71 33.79 -12.07
C VAL A 623 -26.71 33.18 -13.06
N ASN A 624 -26.77 31.87 -13.27
CA ASN A 624 -25.79 31.17 -14.10
C ASN A 624 -26.47 30.53 -15.30
N SER A 625 -25.85 30.68 -16.47
CA SER A 625 -26.31 30.02 -17.67
C SER A 625 -25.76 28.59 -17.73
N PRO A 626 -26.37 27.73 -18.54
CA PRO A 626 -25.92 26.34 -18.60
C PRO A 626 -24.45 26.24 -19.03
N LYS A 627 -23.75 25.27 -18.46
CA LYS A 627 -22.37 25.03 -18.82
C LYS A 627 -22.29 24.23 -20.11
N THR A 628 -21.40 24.65 -21.01
CA THR A 628 -21.27 24.04 -22.33
C THR A 628 -19.82 23.62 -22.56
N PHE A 629 -19.67 22.53 -23.30
CA PHE A 629 -18.37 21.97 -23.63
C PHE A 629 -18.22 21.87 -25.14
N SER A 630 -17.01 22.09 -25.63
CA SER A 630 -16.72 21.81 -27.04
C SER A 630 -16.92 20.33 -27.29
N ILE A 631 -17.94 19.97 -28.08
CA ILE A 631 -18.36 18.59 -28.20
C ILE A 631 -17.92 17.96 -29.53
N GLY A 632 -17.83 18.73 -30.61
CA GLY A 632 -17.48 18.15 -31.89
C GLY A 632 -17.41 19.19 -32.96
N THR A 633 -17.32 18.72 -34.20
CA THR A 633 -17.20 19.58 -35.38
C THR A 633 -18.38 19.35 -36.31
N GLN A 634 -18.78 20.42 -37.00
CA GLN A 634 -19.82 20.35 -38.02
C GLN A 634 -19.34 21.18 -39.21
N GLU A 635 -18.82 20.51 -40.23
CA GLU A 635 -18.28 21.16 -41.42
C GLU A 635 -17.02 21.96 -41.08
N GLY A 636 -16.17 21.39 -40.22
CA GLY A 636 -14.92 22.02 -39.86
C GLY A 636 -15.01 23.11 -38.82
N LYS A 637 -16.20 23.38 -38.28
CA LYS A 637 -16.41 24.43 -37.29
C LYS A 637 -16.70 23.80 -35.94
N LEU A 638 -16.04 24.32 -34.90
CA LEU A 638 -16.25 23.81 -33.55
C LEU A 638 -17.70 23.98 -33.13
N VAL A 639 -18.24 22.97 -32.46
CA VAL A 639 -19.63 22.95 -32.00
C VAL A 639 -19.65 22.75 -30.50
N LYS A 640 -20.58 23.41 -29.83
CA LYS A 640 -20.74 23.31 -28.39
C LYS A 640 -21.93 22.41 -28.05
N GLY A 641 -21.88 21.83 -26.86
CA GLY A 641 -22.94 20.96 -26.40
C GLY A 641 -23.13 21.12 -24.90
N SER A 642 -24.23 20.55 -24.42
CA SER A 642 -24.62 20.72 -23.02
C SER A 642 -23.73 19.87 -22.11
N PHE A 643 -23.90 20.08 -20.81
CA PHE A 643 -23.18 19.29 -19.81
C PHE A 643 -23.55 17.81 -19.93
N GLY A 644 -24.84 17.53 -20.08
CA GLY A 644 -25.28 16.15 -20.21
C GLY A 644 -24.73 15.49 -21.47
N LYS A 645 -24.61 16.26 -22.55
CA LYS A 645 -24.02 15.70 -23.77
C LYS A 645 -22.58 15.29 -23.54
N ALA A 646 -21.80 16.12 -22.84
CA ALA A 646 -20.42 15.75 -22.51
C ALA A 646 -20.38 14.53 -21.62
N LEU A 647 -21.29 14.45 -20.64
CA LEU A 647 -21.34 13.28 -19.78
C LEU A 647 -21.61 12.02 -20.59
N ARG A 648 -22.56 12.09 -21.52
CA ARG A 648 -22.86 10.93 -22.37
C ARG A 648 -21.67 10.58 -23.25
N VAL A 649 -20.97 11.58 -23.77
CA VAL A 649 -19.81 11.33 -24.62
C VAL A 649 -18.73 10.60 -23.83
N ILE A 650 -18.47 11.03 -22.59
CA ILE A 650 -17.44 10.38 -21.78
C ILE A 650 -17.87 8.96 -21.42
N PHE A 651 -19.16 8.77 -21.12
CA PHE A 651 -19.63 7.42 -20.83
C PHE A 651 -19.46 6.50 -22.04
N THR A 652 -19.77 7.01 -23.24
CA THR A 652 -19.55 6.24 -24.45
C THR A 652 -18.07 5.94 -24.64
N LYS A 653 -17.21 6.91 -24.34
CA LYS A 653 -15.77 6.67 -24.46
C LYS A 653 -15.33 5.54 -23.56
N CYS A 654 -15.80 5.52 -22.32
CA CYS A 654 -15.46 4.41 -21.42
C CYS A 654 -16.02 3.09 -21.91
N LEU A 655 -17.25 3.11 -22.42
CA LEU A 655 -17.85 1.88 -22.94
C LEU A 655 -17.04 1.33 -24.10
N MET A 656 -16.56 2.21 -24.99
CA MET A 656 -15.72 1.76 -26.10
C MET A 656 -14.35 1.30 -25.61
N HIS A 657 -13.82 1.92 -24.56
CA HIS A 657 -12.60 1.41 -23.94
C HIS A 657 -12.79 -0.03 -23.52
N TYR A 658 -13.95 -0.36 -22.95
CA TYR A 658 -14.22 -1.74 -22.60
C TYR A 658 -14.38 -2.62 -23.84
N VAL A 659 -15.18 -2.17 -24.80
CA VAL A 659 -15.57 -3.03 -25.92
C VAL A 659 -14.37 -3.31 -26.82
N PHE A 660 -13.58 -2.28 -27.12
CA PHE A 660 -12.44 -2.40 -28.02
C PHE A 660 -11.12 -2.44 -27.29
N GLY A 661 -11.13 -2.80 -26.00
CA GLY A 661 -9.91 -2.79 -25.20
C GLY A 661 -9.02 -4.00 -25.42
N ASN A 662 -7.77 -3.74 -25.79
CA ASN A 662 -6.76 -4.78 -25.90
C ASN A 662 -5.39 -4.12 -25.72
N ALA A 663 -4.33 -4.90 -25.94
CA ALA A 663 -2.99 -4.39 -25.70
C ALA A 663 -2.70 -3.15 -26.55
N GLN A 664 -3.23 -3.13 -27.78
CA GLN A 664 -3.02 -1.97 -28.65
C GLN A 664 -3.59 -0.72 -28.02
N LEU A 665 -4.81 -0.80 -27.48
CA LEU A 665 -5.43 0.36 -26.86
C LEU A 665 -4.63 0.78 -25.62
N GLU A 666 -4.13 -0.18 -24.85
CA GLU A 666 -3.36 0.18 -23.66
C GLU A 666 -2.09 0.95 -24.01
N GLY A 667 -1.30 0.40 -24.94
CA GLY A 667 -0.08 1.09 -25.34
C GLY A 667 -0.37 2.44 -25.96
N PHE A 668 -1.38 2.52 -26.83
CA PHE A 668 -1.73 3.81 -27.41
C PHE A 668 -2.15 4.80 -26.35
N SER A 669 -2.93 4.37 -25.37
CA SER A 669 -3.36 5.27 -24.31
C SER A 669 -2.17 5.81 -23.54
N ALA A 670 -1.22 4.95 -23.19
CA ALA A 670 -0.05 5.41 -22.43
C ALA A 670 0.76 6.43 -23.24
N GLU A 671 1.12 6.08 -24.47
CA GLU A 671 2.00 6.96 -25.25
C GLU A 671 1.28 8.25 -25.63
N SER A 672 0.02 8.16 -26.05
CA SER A 672 -0.74 9.36 -26.35
C SER A 672 -0.99 10.20 -25.10
N ARG A 673 -1.01 9.58 -23.92
CA ARG A 673 -1.09 10.36 -22.69
C ARG A 673 0.17 11.18 -22.48
N ARG A 674 1.33 10.58 -22.75
CA ARG A 674 2.56 11.36 -22.72
C ARG A 674 2.49 12.54 -23.68
N LEU A 675 2.04 12.29 -24.90
CA LEU A 675 1.93 13.36 -25.89
C LEU A 675 0.91 14.41 -25.45
N LEU A 676 -0.17 13.98 -24.82
CA LEU A 676 -1.18 14.91 -24.32
C LEU A 676 -0.60 15.81 -23.24
N LEU A 677 0.20 15.25 -22.35
CA LEU A 677 0.86 16.07 -21.34
C LEU A 677 1.78 17.10 -21.99
N LEU A 678 2.51 16.68 -23.03
CA LEU A 678 3.34 17.66 -23.74
C LEU A 678 2.50 18.77 -24.35
N ILE A 679 1.36 18.42 -24.97
CA ILE A 679 0.49 19.42 -25.57
C ILE A 679 -0.04 20.37 -24.51
N GLN A 680 -0.43 19.83 -23.34
CA GLN A 680 -0.91 20.68 -22.26
C GLN A 680 0.17 21.65 -21.80
N ALA A 681 1.40 21.16 -21.69
CA ALA A 681 2.50 22.04 -21.34
C ALA A 681 2.65 23.16 -22.38
N LEU A 682 2.48 22.82 -23.65
CA LEU A 682 2.53 23.85 -24.70
C LEU A 682 1.42 24.87 -24.51
N LYS A 683 0.20 24.41 -24.19
CA LYS A 683 -0.92 25.31 -24.05
C LYS A 683 -0.74 26.27 -22.89
N ASP A 684 -0.10 25.81 -21.80
CA ASP A 684 0.06 26.62 -20.60
C ASP A 684 1.28 27.53 -20.64
N ARG A 685 1.95 27.63 -21.78
CA ARG A 685 3.12 28.51 -21.92
C ARG A 685 4.20 28.15 -20.91
N LYS A 686 4.40 26.85 -20.70
CA LYS A 686 5.45 26.36 -19.81
C LYS A 686 6.73 26.00 -20.56
N GLY A 687 6.81 26.29 -21.85
CA GLY A 687 8.01 26.08 -22.62
C GLY A 687 8.54 24.67 -22.51
N PRO A 688 7.78 23.69 -22.97
CA PRO A 688 8.24 22.31 -22.92
C PRO A 688 9.44 22.08 -23.84
N TRP A 689 10.31 21.17 -23.42
CA TRP A 689 11.45 20.72 -24.20
C TRP A 689 11.40 19.21 -24.35
N VAL A 690 11.92 18.72 -25.47
CA VAL A 690 11.93 17.29 -25.77
C VAL A 690 13.34 16.88 -26.15
N PHE A 691 13.61 15.59 -26.02
CA PHE A 691 14.90 15.00 -26.36
C PHE A 691 14.83 14.12 -27.59
N ASP A 692 13.82 13.25 -27.68
CA ASP A 692 13.60 12.41 -28.87
C ASP A 692 12.10 12.41 -29.14
N LEU A 693 11.63 13.37 -29.94
CA LEU A 693 10.22 13.45 -30.27
C LEU A 693 9.83 12.36 -31.26
N GLU A 694 10.71 12.06 -32.23
CA GLU A 694 10.43 11.00 -33.19
C GLU A 694 10.31 9.65 -32.49
N GLY A 695 11.11 9.42 -31.45
CA GLY A 695 10.97 8.19 -30.69
C GLY A 695 9.61 8.07 -30.03
N MET A 696 9.13 9.16 -29.43
CA MET A 696 7.82 9.13 -28.80
C MET A 696 6.72 8.91 -29.84
N TYR A 697 6.85 9.54 -31.01
CA TYR A 697 5.88 9.33 -32.07
C TYR A 697 5.88 7.89 -32.55
N SER A 698 7.06 7.29 -32.68
CA SER A 698 7.15 5.89 -33.07
C SER A 698 6.52 4.98 -32.03
N GLY A 699 6.74 5.30 -30.74
CA GLY A 699 6.08 4.55 -29.70
C GLY A 699 4.57 4.65 -29.78
N ILE A 700 4.07 5.85 -30.08
CA ILE A 700 2.62 6.02 -30.25
C ILE A 700 2.12 5.16 -31.41
N GLU A 701 2.81 5.22 -32.55
CA GLU A 701 2.33 4.62 -33.78
C GLU A 701 2.56 3.12 -33.86
N GLU A 702 3.41 2.56 -33.00
CA GLU A 702 3.58 1.12 -32.98
C GLU A 702 2.32 0.39 -32.55
N CYS A 703 1.39 1.09 -31.89
CA CYS A 703 0.18 0.48 -31.35
C CYS A 703 -1.04 0.65 -32.24
N ILE A 704 -0.90 1.33 -33.38
CA ILE A 704 -2.03 1.61 -34.27
C ILE A 704 -1.93 0.60 -35.41
N SER A 705 -2.56 -0.56 -35.23
CA SER A 705 -2.58 -1.56 -36.29
C SER A 705 -3.99 -1.84 -36.80
N ASN A 706 -4.89 -2.35 -35.98
CA ASN A 706 -6.23 -2.67 -36.46
C ASN A 706 -7.34 -2.43 -35.45
N ASN A 707 -7.05 -1.89 -34.28
CA ASN A 707 -8.11 -1.63 -33.30
C ASN A 707 -8.94 -0.45 -33.79
N PRO A 708 -10.24 -0.63 -34.07
CA PRO A 708 -11.02 0.49 -34.60
C PRO A 708 -11.01 1.71 -33.68
N TRP A 709 -11.09 1.48 -32.37
CA TRP A 709 -11.10 2.58 -31.44
C TRP A 709 -9.76 3.32 -31.45
N VAL A 710 -8.65 2.60 -31.56
CA VAL A 710 -7.35 3.25 -31.58
C VAL A 710 -7.19 4.10 -32.84
N ILE A 711 -7.64 3.58 -33.99
CA ILE A 711 -7.54 4.34 -35.23
C ILE A 711 -8.40 5.60 -35.16
N GLN A 712 -9.64 5.45 -34.68
CA GLN A 712 -10.50 6.62 -34.56
C GLN A 712 -9.94 7.61 -33.53
N SER A 713 -9.30 7.12 -32.48
CA SER A 713 -8.69 8.00 -31.49
C SER A 713 -7.52 8.77 -32.11
N ALA A 714 -6.74 8.11 -32.96
CA ALA A 714 -5.67 8.82 -33.66
C ALA A 714 -6.24 9.91 -34.57
N TYR A 715 -7.32 9.59 -35.29
CA TYR A 715 -7.94 10.61 -36.14
C TYR A 715 -8.45 11.78 -35.32
N TRP A 716 -9.14 11.49 -34.21
CA TRP A 716 -9.66 12.55 -33.36
C TRP A 716 -8.53 13.37 -32.74
N PHE A 717 -7.45 12.71 -32.35
CA PHE A 717 -6.29 13.42 -31.81
C PHE A 717 -5.70 14.36 -32.85
N ASN A 718 -5.61 13.91 -34.11
CA ASN A 718 -5.10 14.79 -35.15
C ASN A 718 -6.00 16.00 -35.34
N GLU A 719 -7.32 15.78 -35.38
CA GLU A 719 -8.24 16.90 -35.57
C GLU A 719 -8.15 17.89 -34.40
N TRP A 720 -8.12 17.37 -33.17
CA TRP A 720 -8.05 18.23 -32.01
C TRP A 720 -6.72 18.97 -31.94
N LEU A 721 -5.63 18.32 -32.36
CA LEU A 721 -4.34 18.98 -32.39
C LEU A 721 -4.33 20.12 -33.41
N GLY A 722 -4.95 19.90 -34.57
CA GLY A 722 -5.08 21.00 -35.53
C GLY A 722 -5.88 22.15 -34.96
N PHE A 723 -6.98 21.86 -34.28
CA PHE A 723 -7.77 22.92 -33.66
C PHE A 723 -6.97 23.66 -32.59
N GLU A 724 -6.19 22.92 -31.81
CA GLU A 724 -5.36 23.55 -30.78
C GLU A 724 -4.29 24.44 -31.38
N LYS A 725 -3.69 24.00 -32.49
CA LYS A 725 -2.74 24.86 -33.20
C LYS A 725 -3.41 26.14 -33.68
N GLU A 726 -4.62 26.02 -34.25
CA GLU A 726 -5.34 27.20 -34.71
C GLU A 726 -5.62 28.14 -33.55
N GLY A 727 -6.05 27.59 -32.41
CA GLY A 727 -6.30 28.44 -31.25
C GLY A 727 -5.04 29.10 -30.72
N SER A 728 -3.94 28.36 -30.67
CA SER A 728 -2.69 28.91 -30.17
C SER A 728 -2.11 29.97 -31.09
N LYS A 729 -2.45 29.95 -32.37
CA LYS A 729 -1.95 30.99 -33.28
C LYS A 729 -2.27 32.38 -32.77
N VAL A 730 -3.38 32.54 -32.04
CA VAL A 730 -3.71 33.84 -31.46
C VAL A 730 -2.91 34.13 -30.21
N LEU A 731 -2.38 33.10 -29.55
CA LEU A 731 -1.63 33.27 -28.31
C LEU A 731 -0.17 33.63 -28.55
N GLU A 732 0.28 33.69 -29.80
CA GLU A 732 1.66 33.99 -30.14
C GLU A 732 1.93 35.48 -30.28
N SER A 733 0.92 36.33 -30.09
CA SER A 733 1.05 37.78 -30.26
C SER A 733 0.55 38.50 -29.02
N VAL A 734 0.95 38.02 -27.85
CA VAL A 734 0.61 38.65 -26.58
C VAL A 734 1.87 39.33 -26.05
N ASP A 735 1.76 40.61 -25.74
CA ASP A 735 2.89 41.40 -25.24
C ASP A 735 4.10 41.26 -26.17
N GLU A 736 3.83 41.32 -27.48
CA GLU A 736 4.89 41.20 -28.48
C GLU A 736 4.57 42.06 -29.70
N GLY B 9 -23.18 16.30 -41.06
CA GLY B 9 -23.72 16.44 -39.68
C GLY B 9 -22.66 16.78 -38.67
N MET B 10 -23.02 16.68 -37.39
CA MET B 10 -22.11 17.00 -36.29
C MET B 10 -21.45 15.71 -35.81
N ASN B 11 -20.11 15.71 -35.78
CA ASN B 11 -19.34 14.54 -35.41
C ASN B 11 -18.73 14.76 -34.02
N ILE B 12 -18.93 13.79 -33.14
CA ILE B 12 -18.44 13.89 -31.77
C ILE B 12 -16.95 13.60 -31.74
N ASN B 13 -16.20 14.48 -31.10
CA ASN B 13 -14.76 14.30 -30.88
C ASN B 13 -14.49 14.32 -29.38
N PRO B 14 -14.27 13.17 -28.73
CA PRO B 14 -14.06 13.19 -27.27
C PRO B 14 -12.88 14.03 -26.85
N TYR B 15 -11.81 14.07 -27.65
CA TYR B 15 -10.64 14.87 -27.29
C TYR B 15 -10.98 16.34 -27.11
N PHE B 16 -12.08 16.81 -27.70
CA PHE B 16 -12.47 18.20 -27.54
C PHE B 16 -12.79 18.54 -26.09
N LEU B 17 -13.03 17.53 -25.25
CA LEU B 17 -13.16 17.79 -23.82
C LEU B 17 -11.94 18.56 -23.31
N PHE B 18 -10.75 18.19 -23.80
CA PHE B 18 -9.53 18.83 -23.34
C PHE B 18 -9.47 20.30 -23.72
N ILE B 19 -10.32 20.76 -24.65
CA ILE B 19 -10.39 22.18 -24.94
C ILE B 19 -10.94 22.94 -23.75
N ASP B 20 -11.89 22.33 -23.02
CA ASP B 20 -12.51 22.98 -21.88
C ASP B 20 -11.90 22.57 -20.54
N VAL B 21 -11.18 21.46 -20.49
CA VAL B 21 -10.60 20.95 -19.26
C VAL B 21 -9.12 20.67 -19.47
N PRO B 22 -8.23 21.09 -18.57
CA PRO B 22 -6.82 20.73 -18.72
C PRO B 22 -6.62 19.22 -18.62
N ILE B 23 -5.53 18.75 -19.23
CA ILE B 23 -5.31 17.31 -19.35
C ILE B 23 -5.24 16.66 -17.97
N GLN B 24 -4.51 17.29 -17.04
CA GLN B 24 -4.40 16.70 -15.70
C GLN B 24 -5.75 16.64 -15.01
N ALA B 25 -6.57 17.69 -15.16
CA ALA B 25 -7.88 17.70 -14.54
C ALA B 25 -8.79 16.61 -15.09
N ALA B 26 -8.53 16.14 -16.31
CA ALA B 26 -9.31 15.07 -16.94
C ALA B 26 -8.43 13.88 -17.29
N ILE B 27 -7.35 13.67 -16.53
CA ILE B 27 -6.42 12.59 -16.83
C ILE B 27 -7.09 11.23 -16.69
N SER B 28 -8.10 11.13 -15.83
CA SER B 28 -8.75 9.84 -15.60
C SER B 28 -9.33 9.27 -16.88
N THR B 29 -9.77 10.13 -17.80
CA THR B 29 -10.35 9.66 -19.06
C THR B 29 -9.32 9.07 -20.00
N THR B 30 -8.02 9.24 -19.72
CA THR B 30 -6.96 8.71 -20.56
C THR B 30 -6.51 7.32 -20.15
N PHE B 31 -7.13 6.74 -19.12
CA PHE B 31 -6.78 5.39 -18.66
C PHE B 31 -7.90 4.42 -19.03
N PRO B 32 -7.70 3.55 -20.02
CA PRO B 32 -8.78 2.61 -20.41
C PRO B 32 -8.85 1.40 -19.50
N TYR B 33 -9.16 1.64 -18.23
CA TYR B 33 -9.11 0.59 -17.22
C TYR B 33 -10.44 -0.13 -17.05
N THR B 34 -11.45 0.22 -17.84
CA THR B 34 -12.66 -0.60 -17.91
C THR B 34 -12.50 -1.78 -18.85
N GLY B 35 -11.46 -1.79 -19.69
CA GLY B 35 -11.24 -2.89 -20.60
C GLY B 35 -10.44 -4.02 -19.98
N VAL B 36 -10.36 -5.11 -20.74
CA VAL B 36 -9.65 -6.30 -20.25
C VAL B 36 -8.15 -6.03 -20.27
N PRO B 37 -7.42 -6.34 -19.19
CA PRO B 37 -5.97 -6.16 -19.23
C PRO B 37 -5.34 -7.19 -20.14
N PRO B 38 -4.20 -6.87 -20.75
CA PRO B 38 -3.53 -7.85 -21.61
C PRO B 38 -3.07 -9.07 -20.83
N TYR B 39 -3.08 -10.22 -21.51
CA TYR B 39 -2.57 -11.47 -20.96
C TYR B 39 -1.61 -12.11 -21.95
N SER B 40 -0.70 -12.92 -21.42
CA SER B 40 0.26 -13.64 -22.25
C SER B 40 -0.21 -15.08 -22.45
N HIS B 41 0.09 -15.63 -23.62
CA HIS B 41 -0.29 -16.97 -23.98
C HIS B 41 0.95 -17.81 -24.25
N GLY B 42 0.85 -19.11 -23.97
CA GLY B 42 1.92 -20.02 -24.32
C GLY B 42 3.20 -19.74 -23.56
N THR B 43 4.32 -19.92 -24.26
CA THR B 43 5.63 -19.89 -23.64
C THR B 43 6.17 -18.46 -23.52
N GLY B 44 6.97 -18.24 -22.48
CA GLY B 44 7.72 -17.02 -22.30
C GLY B 44 9.19 -17.15 -22.65
N THR B 45 9.59 -18.24 -23.31
CA THR B 45 11.01 -18.44 -23.62
C THR B 45 11.53 -17.36 -24.55
N GLY B 46 10.71 -16.91 -25.51
CA GLY B 46 11.16 -15.87 -26.41
C GLY B 46 11.50 -14.58 -25.69
N TYR B 47 10.66 -14.17 -24.75
CA TYR B 47 10.93 -12.95 -23.98
C TYR B 47 12.19 -13.10 -23.14
N THR B 48 12.37 -14.26 -22.51
CA THR B 48 13.57 -14.48 -21.70
C THR B 48 14.82 -14.43 -22.56
N ILE B 49 14.79 -15.06 -23.74
CA ILE B 49 15.96 -15.03 -24.61
C ILE B 49 16.22 -13.61 -25.10
N ASP B 50 15.16 -12.86 -25.40
CA ASP B 50 15.34 -11.47 -25.79
C ASP B 50 16.01 -10.68 -24.67
N THR B 51 15.56 -10.88 -23.43
CA THR B 51 16.16 -10.17 -22.31
C THR B 51 17.62 -10.53 -22.15
N VAL B 52 17.95 -11.82 -22.27
CA VAL B 52 19.35 -12.24 -22.13
C VAL B 52 20.19 -11.60 -23.23
N ILE B 53 19.69 -11.63 -24.47
CA ILE B 53 20.44 -11.09 -25.59
C ILE B 53 20.68 -9.60 -25.41
N ARG B 54 19.65 -8.86 -25.00
CA ARG B 54 19.81 -7.43 -24.82
C ARG B 54 20.76 -7.11 -23.66
N THR B 55 20.65 -7.88 -22.57
CA THR B 55 21.54 -7.66 -21.43
C THR B 55 22.99 -7.88 -21.82
N HIS B 56 23.26 -8.89 -22.65
CA HIS B 56 24.63 -9.12 -23.10
C HIS B 56 25.05 -8.10 -24.16
N GLU B 57 24.10 -7.61 -24.96
CA GLU B 57 24.42 -6.60 -25.97
C GLU B 57 24.84 -5.28 -25.32
N TYR B 58 24.16 -4.89 -24.25
CA TYR B 58 24.51 -3.64 -23.58
C TYR B 58 25.83 -3.74 -22.81
N SER B 59 26.41 -4.92 -22.72
CA SER B 59 27.67 -5.11 -22.01
C SER B 59 28.70 -5.88 -22.82
N ASN B 60 28.49 -6.02 -24.13
CA ASN B 60 29.39 -6.85 -24.94
C ASN B 60 30.79 -6.27 -25.05
N LYS B 61 30.96 -4.98 -24.81
CA LYS B 61 32.29 -4.36 -24.90
C LYS B 61 33.11 -4.54 -23.63
N GLY B 62 32.54 -5.18 -22.60
CA GLY B 62 33.27 -5.44 -21.38
C GLY B 62 34.16 -6.66 -21.49
N LYS B 63 34.70 -7.06 -20.33
CA LYS B 63 35.63 -8.18 -20.27
C LYS B 63 34.85 -9.50 -20.26
N GLN B 64 35.13 -10.37 -21.22
CA GLN B 64 34.47 -11.66 -21.32
C GLN B 64 35.45 -12.75 -20.89
N TYR B 65 34.97 -13.65 -20.03
CA TYR B 65 35.80 -14.75 -19.54
C TYR B 65 34.91 -15.96 -19.26
N ILE B 66 35.53 -17.01 -18.73
CA ILE B 66 34.84 -18.25 -18.40
C ILE B 66 34.89 -18.43 -16.89
N SER B 67 33.73 -18.64 -16.29
CA SER B 67 33.66 -18.82 -14.84
C SER B 67 34.37 -20.11 -14.45
N ASP B 68 35.26 -20.00 -13.46
CA ASP B 68 35.99 -21.17 -12.97
C ASP B 68 35.16 -22.03 -12.04
N VAL B 69 34.06 -21.51 -11.52
CA VAL B 69 33.21 -22.28 -10.60
C VAL B 69 32.16 -23.08 -11.34
N THR B 70 31.50 -22.47 -12.34
CA THR B 70 30.44 -23.13 -13.08
C THR B 70 30.78 -23.40 -14.54
N GLY B 71 31.81 -22.76 -15.08
CA GLY B 71 32.13 -22.92 -16.49
C GLY B 71 31.30 -22.08 -17.43
N CYS B 72 30.54 -21.12 -16.92
CA CYS B 72 29.67 -20.31 -17.74
C CYS B 72 30.45 -19.14 -18.35
N THR B 73 29.86 -18.52 -19.36
CA THR B 73 30.44 -17.36 -20.02
C THR B 73 30.02 -16.11 -19.26
N MET B 74 31.00 -15.35 -18.75
CA MET B 74 30.76 -14.19 -17.91
C MET B 74 31.19 -12.93 -18.63
N VAL B 75 30.34 -11.90 -18.58
CA VAL B 75 30.62 -10.60 -19.17
C VAL B 75 30.62 -9.56 -18.05
N ASP B 76 31.68 -8.77 -17.99
CA ASP B 76 31.84 -7.74 -16.96
C ASP B 76 31.95 -6.38 -17.64
N PRO B 77 30.88 -5.57 -17.63
CA PRO B 77 30.96 -4.23 -18.23
C PRO B 77 31.49 -3.15 -17.29
N THR B 78 31.58 -3.42 -15.98
CA THR B 78 32.01 -2.40 -15.04
C THR B 78 33.45 -1.98 -15.34
N ASN B 79 33.73 -0.69 -15.17
CA ASN B 79 35.03 -0.10 -15.48
C ASN B 79 35.38 -0.25 -16.95
N GLY B 80 34.39 -0.54 -17.80
CA GLY B 80 34.63 -0.69 -19.21
C GLY B 80 34.74 0.64 -19.91
N PRO B 81 34.92 0.58 -21.23
CA PRO B 81 35.04 1.82 -22.02
C PRO B 81 33.78 2.66 -21.91
N LEU B 82 33.97 3.98 -21.88
CA LEU B 82 32.83 4.88 -21.79
C LEU B 82 32.02 4.82 -23.09
N PRO B 83 30.71 4.99 -22.99
CA PRO B 83 29.89 4.96 -24.21
C PRO B 83 30.25 6.10 -25.15
N GLU B 84 30.16 5.84 -26.44
CA GLU B 84 30.42 6.83 -27.47
C GLU B 84 29.15 7.32 -28.16
N ASP B 85 27.98 6.83 -27.74
CA ASP B 85 26.71 7.25 -28.31
C ASP B 85 25.65 7.20 -27.21
N ASN B 86 24.39 7.30 -27.62
CA ASN B 86 23.27 7.38 -26.68
C ASN B 86 22.55 6.06 -26.50
N GLU B 87 23.10 4.96 -27.02
CA GLU B 87 22.50 3.66 -26.81
C GLU B 87 22.66 3.23 -25.34
N PRO B 88 21.82 2.31 -24.87
CA PRO B 88 21.96 1.87 -23.48
C PRO B 88 23.34 1.31 -23.21
N SER B 89 23.89 1.66 -22.04
CA SER B 89 25.25 1.26 -21.68
C SER B 89 25.26 0.78 -20.24
N ALA B 90 25.89 -0.37 -20.00
CA ALA B 90 26.07 -0.92 -18.68
C ALA B 90 27.47 -0.67 -18.12
N TYR B 91 28.25 0.19 -18.78
CA TYR B 91 29.65 0.41 -18.41
C TYR B 91 29.73 1.48 -17.33
N ALA B 92 29.24 1.12 -16.15
CA ALA B 92 29.35 1.99 -14.99
C ALA B 92 30.79 2.04 -14.51
N GLN B 93 31.20 3.20 -14.03
CA GLN B 93 32.56 3.40 -13.54
C GLN B 93 32.56 3.34 -12.02
N LEU B 94 33.41 2.46 -11.47
CA LEU B 94 33.44 2.27 -10.03
C LEU B 94 33.83 3.56 -9.31
N ASP B 95 34.78 4.31 -9.87
CA ASP B 95 35.23 5.54 -9.23
C ASP B 95 34.09 6.54 -9.12
N CYS B 96 33.29 6.69 -10.17
CA CYS B 96 32.17 7.63 -10.12
C CYS B 96 31.11 7.18 -9.12
N VAL B 97 30.83 5.89 -9.05
CA VAL B 97 29.87 5.38 -8.09
C VAL B 97 30.36 5.65 -6.67
N LEU B 98 31.64 5.41 -6.41
CA LEU B 98 32.20 5.66 -5.08
C LEU B 98 32.17 7.14 -4.75
N GLU B 99 32.44 8.01 -5.74
CA GLU B 99 32.36 9.44 -5.50
C GLU B 99 30.94 9.87 -5.15
N ALA B 100 29.95 9.33 -5.86
CA ALA B 100 28.57 9.64 -5.55
C ALA B 100 28.19 9.15 -4.15
N LEU B 101 28.66 7.96 -3.78
CA LEU B 101 28.38 7.44 -2.44
C LEU B 101 29.04 8.29 -1.37
N ASP B 102 30.27 8.77 -1.62
CA ASP B 102 30.94 9.64 -0.67
C ASP B 102 30.19 10.96 -0.52
N ARG B 103 29.70 11.51 -1.64
CA ARG B 103 28.89 12.72 -1.57
C ARG B 103 27.63 12.48 -0.74
N MET B 104 26.96 11.34 -0.96
CA MET B 104 25.78 11.02 -0.18
C MET B 104 26.12 10.91 1.30
N ASP B 105 27.25 10.29 1.62
CA ASP B 105 27.64 10.14 3.02
C ASP B 105 27.91 11.48 3.67
N GLU B 106 28.57 12.39 2.96
CA GLU B 106 28.94 13.67 3.56
C GLU B 106 27.77 14.66 3.59
N GLU B 107 26.77 14.51 2.71
CA GLU B 107 25.50 15.20 2.94
C GLU B 107 24.73 14.62 4.12
N HIS B 108 24.89 13.33 4.40
CA HIS B 108 24.15 12.65 5.47
C HIS B 108 25.13 11.96 6.42
N PRO B 109 25.75 12.72 7.32
CA PRO B 109 26.70 12.11 8.26
C PRO B 109 26.03 11.03 9.10
N GLY B 110 26.70 9.88 9.19
CA GLY B 110 26.23 8.78 10.00
C GLY B 110 25.09 7.98 9.41
N LEU B 111 24.66 8.29 8.19
CA LEU B 111 23.53 7.57 7.61
C LEU B 111 23.92 6.14 7.27
N PHE B 112 25.06 5.95 6.60
CA PHE B 112 25.49 4.59 6.26
C PHE B 112 25.75 3.77 7.50
N GLN B 113 26.42 4.34 8.50
CA GLN B 113 26.70 3.60 9.73
C GLN B 113 25.43 3.20 10.44
N ALA B 114 24.48 4.15 10.55
CA ALA B 114 23.22 3.84 11.23
C ALA B 114 22.44 2.77 10.48
N ALA B 115 22.39 2.86 9.15
CA ALA B 115 21.68 1.86 8.37
C ALA B 115 22.31 0.50 8.52
N SER B 116 23.64 0.42 8.49
CA SER B 116 24.32 -0.85 8.65
C SER B 116 24.07 -1.44 10.03
N GLN B 117 24.11 -0.59 11.07
CA GLN B 117 23.85 -1.06 12.43
C GLN B 117 22.42 -1.61 12.55
N ASN B 118 21.44 -0.88 12.00
CA ASN B 118 20.07 -1.33 12.08
C ASN B 118 19.87 -2.64 11.32
N ALA B 119 20.45 -2.75 10.13
CA ALA B 119 20.34 -3.99 9.36
C ALA B 119 21.00 -5.15 10.10
N MET B 120 22.15 -4.90 10.73
CA MET B 120 22.82 -5.96 11.47
C MET B 120 21.97 -6.43 12.64
N GLU B 121 21.37 -5.50 13.38
CA GLU B 121 20.51 -5.89 14.49
C GLU B 121 19.29 -6.68 14.00
N THR B 122 18.65 -6.20 12.93
CA THR B 122 17.48 -6.90 12.41
C THR B 122 17.84 -8.30 11.94
N LEU B 123 18.98 -8.45 11.27
CA LEU B 123 19.44 -9.77 10.85
C LEU B 123 19.71 -10.65 12.06
N MET B 124 20.32 -10.07 13.11
CA MET B 124 20.62 -10.84 14.31
C MET B 124 19.36 -11.32 15.02
N VAL B 125 18.25 -10.59 14.89
CA VAL B 125 16.99 -10.99 15.51
C VAL B 125 16.00 -11.53 14.48
N THR B 126 16.49 -12.03 13.34
CA THR B 126 15.64 -12.56 12.28
C THR B 126 15.70 -14.08 12.27
N THR B 127 14.56 -14.70 12.01
CA THR B 127 14.43 -16.15 12.02
C THR B 127 14.32 -16.70 10.59
N VAL B 128 14.46 -18.02 10.48
CA VAL B 128 14.40 -18.67 9.18
C VAL B 128 13.01 -18.55 8.56
N ASP B 129 11.96 -18.57 9.39
CA ASP B 129 10.60 -18.55 8.86
C ASP B 129 10.29 -17.27 8.10
N LYS B 130 11.13 -16.24 8.23
CA LYS B 130 10.95 -15.04 7.41
C LYS B 130 11.00 -15.37 5.93
N LEU B 131 11.64 -16.48 5.54
CA LEU B 131 11.71 -16.86 4.15
C LEU B 131 10.42 -17.49 3.63
N THR B 132 9.45 -17.76 4.51
CA THR B 132 8.18 -18.32 4.08
C THR B 132 7.19 -17.26 3.63
N GLN B 133 7.55 -15.99 3.68
CA GLN B 133 6.63 -14.89 3.39
C GLN B 133 6.55 -14.54 1.92
N GLY B 134 7.29 -15.24 1.06
CA GLY B 134 7.28 -14.95 -0.36
C GLY B 134 6.22 -15.77 -1.11
N ARG B 135 6.10 -15.46 -2.40
CA ARG B 135 5.21 -16.17 -3.30
C ARG B 135 5.98 -17.32 -3.96
N GLN B 136 5.44 -17.84 -5.06
CA GLN B 136 6.08 -18.94 -5.79
C GLN B 136 7.59 -18.73 -5.88
N THR B 137 8.33 -19.71 -5.39
CA THR B 137 9.78 -19.66 -5.30
C THR B 137 10.36 -20.86 -6.04
N PHE B 138 11.52 -20.64 -6.66
CA PHE B 138 12.17 -21.71 -7.40
C PHE B 138 12.70 -22.76 -6.44
N ASP B 139 12.28 -24.01 -6.64
CA ASP B 139 12.75 -25.14 -5.87
C ASP B 139 13.78 -25.91 -6.70
N TRP B 140 15.00 -25.99 -6.19
CA TRP B 140 16.09 -26.65 -6.89
C TRP B 140 15.99 -28.17 -6.80
N THR B 141 15.41 -28.69 -5.73
CA THR B 141 15.26 -30.14 -5.59
C THR B 141 14.42 -30.71 -6.72
N VAL B 142 13.31 -30.03 -7.06
CA VAL B 142 12.46 -30.44 -8.18
C VAL B 142 12.67 -29.57 -9.41
N CYS B 143 13.50 -28.53 -9.33
CA CYS B 143 13.72 -27.62 -10.44
C CYS B 143 12.39 -27.10 -10.99
N ARG B 144 11.56 -26.62 -10.08
CA ARG B 144 10.21 -26.16 -10.43
C ARG B 144 9.93 -24.91 -9.62
N ASN B 145 8.66 -24.50 -9.56
CA ASN B 145 8.22 -23.45 -8.66
C ASN B 145 7.27 -24.04 -7.63
N GLN B 146 7.52 -23.74 -6.36
CA GLN B 146 6.69 -24.21 -5.26
C GLN B 146 6.49 -23.07 -4.29
N PRO B 147 5.45 -23.12 -3.46
CA PRO B 147 5.24 -22.05 -2.48
C PRO B 147 6.45 -21.87 -1.59
N ALA B 148 6.71 -20.61 -1.21
CA ALA B 148 7.92 -20.28 -0.47
C ALA B 148 8.10 -21.19 0.74
N ALA B 149 7.02 -21.44 1.49
CA ALA B 149 7.13 -22.32 2.65
C ALA B 149 7.50 -23.73 2.22
N THR B 150 6.89 -24.23 1.14
CA THR B 150 7.20 -25.57 0.67
C THR B 150 8.66 -25.67 0.23
N ALA B 151 9.14 -24.68 -0.53
CA ALA B 151 10.53 -24.70 -0.97
C ALA B 151 11.48 -24.64 0.22
N LEU B 152 11.18 -23.79 1.21
CA LEU B 152 12.03 -23.68 2.38
C LEU B 152 12.07 -24.99 3.15
N ASN B 153 10.93 -25.63 3.35
CA ASN B 153 10.91 -26.90 4.06
C ASN B 153 11.66 -27.98 3.30
N THR B 154 11.50 -28.03 1.98
CA THR B 154 12.22 -29.01 1.18
C THR B 154 13.72 -28.78 1.27
N THR B 155 14.15 -27.52 1.22
CA THR B 155 15.57 -27.22 1.34
C THR B 155 16.09 -27.61 2.71
N ILE B 156 15.31 -27.35 3.76
CA ILE B 156 15.74 -27.72 5.11
C ILE B 156 15.90 -29.23 5.23
N THR B 157 14.94 -29.98 4.69
CA THR B 157 15.03 -31.44 4.75
C THR B 157 16.24 -31.94 3.96
N SER B 158 16.47 -31.38 2.77
CA SER B 158 17.61 -31.80 1.97
C SER B 158 18.93 -31.49 2.69
N PHE B 159 19.01 -30.33 3.32
CA PHE B 159 20.21 -29.99 4.10
C PHE B 159 20.39 -30.96 5.25
N ARG B 160 19.30 -31.30 5.95
CA ARG B 160 19.38 -32.31 6.99
C ARG B 160 19.93 -33.62 6.44
N LEU B 161 19.60 -33.92 5.18
CA LEU B 161 20.15 -35.12 4.54
C LEU B 161 21.66 -35.00 4.35
N ASN B 162 22.15 -33.80 4.07
CA ASN B 162 23.55 -33.58 3.72
C ASN B 162 24.38 -33.08 4.89
N ASP B 163 23.95 -33.35 6.13
CA ASP B 163 24.66 -32.91 7.33
C ASP B 163 24.82 -31.39 7.32
N LEU B 164 23.66 -30.74 7.40
CA LEU B 164 23.59 -29.27 7.46
C LEU B 164 22.39 -28.92 8.32
N ASN B 165 22.66 -28.70 9.61
CA ASN B 165 21.61 -28.54 10.61
C ASN B 165 21.57 -27.12 11.19
N GLY B 166 22.00 -26.13 10.41
CA GLY B 166 21.96 -24.76 10.88
C GLY B 166 20.55 -24.25 11.11
N ALA B 167 19.60 -24.68 10.27
CA ALA B 167 18.22 -24.22 10.41
C ALA B 167 17.65 -24.58 11.77
N ASP B 168 18.15 -25.63 12.42
CA ASP B 168 17.65 -26.00 13.74
C ASP B 168 17.94 -24.91 14.77
N LYS B 169 19.02 -24.14 14.57
CA LYS B 169 19.34 -23.08 15.51
C LYS B 169 18.28 -21.98 15.51
N GLY B 170 17.46 -21.89 14.47
CA GLY B 170 16.35 -20.96 14.45
C GLY B 170 16.64 -19.66 13.73
N GLY B 171 17.85 -19.15 13.88
CA GLY B 171 18.19 -17.87 13.27
C GLY B 171 18.45 -17.99 11.78
N LEU B 172 18.40 -16.84 11.12
CA LEU B 172 18.67 -16.79 9.69
C LEU B 172 20.17 -16.85 9.39
N ILE B 173 21.00 -16.34 10.29
CA ILE B 173 22.45 -16.39 10.08
C ILE B 173 22.96 -17.83 10.01
N PRO B 174 22.61 -18.73 10.92
CA PRO B 174 23.04 -20.13 10.76
C PRO B 174 22.51 -20.77 9.49
N PHE B 175 21.30 -20.44 9.06
CA PHE B 175 20.77 -21.01 7.83
C PHE B 175 21.54 -20.53 6.61
N CYS B 176 21.90 -19.24 6.59
CA CYS B 176 22.69 -18.73 5.47
C CYS B 176 24.10 -19.30 5.49
N GLN B 177 24.66 -19.51 6.68
CA GLN B 177 25.93 -20.22 6.77
C GLN B 177 25.80 -21.64 6.22
N ASP B 178 24.67 -22.27 6.50
CA ASP B 178 24.41 -23.61 5.95
C ASP B 178 24.35 -23.58 4.44
N ILE B 179 23.72 -22.55 3.86
CA ILE B 179 23.67 -22.42 2.41
C ILE B 179 25.09 -22.27 1.85
N ILE B 180 25.89 -21.42 2.49
CA ILE B 180 27.27 -21.21 2.04
C ILE B 180 28.03 -22.52 2.08
N ASP B 181 27.89 -23.28 3.17
CA ASP B 181 28.59 -24.55 3.28
C ASP B 181 28.07 -25.56 2.25
N SER B 182 26.76 -25.56 2.01
CA SER B 182 26.18 -26.45 1.01
C SER B 182 26.76 -26.18 -0.37
N LEU B 183 27.09 -24.92 -0.66
CA LEU B 183 27.76 -24.62 -1.92
C LEU B 183 29.10 -25.35 -2.04
N ASP B 184 29.66 -25.81 -0.93
CA ASP B 184 30.96 -26.49 -0.94
C ASP B 184 30.87 -28.01 -0.90
N ARG B 185 29.70 -28.57 -0.65
CA ARG B 185 29.58 -30.02 -0.53
C ARG B 185 29.88 -30.68 -1.87
N PRO B 186 30.78 -31.67 -1.93
CA PRO B 186 31.10 -32.29 -3.22
C PRO B 186 29.92 -33.00 -3.87
N GLU B 187 28.92 -33.39 -3.10
CA GLU B 187 27.76 -34.10 -3.63
C GLU B 187 26.56 -33.76 -2.75
N MET B 188 25.40 -33.63 -3.39
CA MET B 188 24.18 -33.21 -2.71
C MET B 188 23.10 -34.27 -2.87
N THR B 189 22.54 -34.70 -1.75
CA THR B 189 21.43 -35.64 -1.72
C THR B 189 20.17 -34.90 -1.27
N PHE B 190 19.04 -35.19 -1.92
CA PHE B 190 17.80 -34.48 -1.63
C PHE B 190 16.63 -35.40 -1.97
N PHE B 191 15.43 -34.89 -1.73
CA PHE B 191 14.19 -35.56 -2.12
C PHE B 191 13.58 -34.82 -3.30
N SER B 192 13.25 -35.56 -4.35
CA SER B 192 12.66 -35.00 -5.56
C SER B 192 11.33 -35.70 -5.83
N VAL B 193 10.59 -35.16 -6.80
CA VAL B 193 9.28 -35.67 -7.19
C VAL B 193 9.42 -36.34 -8.55
N LYS B 194 9.01 -37.60 -8.62
CA LYS B 194 9.03 -38.37 -9.86
C LYS B 194 7.61 -38.81 -10.18
N ASN B 195 7.25 -38.73 -11.46
CA ASN B 195 5.89 -39.03 -11.92
C ASN B 195 5.85 -40.42 -12.53
N ILE B 196 4.84 -41.19 -12.13
CA ILE B 196 4.52 -42.47 -12.75
C ILE B 196 3.37 -42.25 -13.70
N LYS B 197 3.52 -42.68 -14.95
CA LYS B 197 2.53 -42.45 -15.99
C LYS B 197 1.72 -43.72 -16.22
N LYS B 198 0.40 -43.57 -16.26
CA LYS B 198 -0.51 -44.67 -16.51
C LYS B 198 -1.41 -44.33 -17.70
N LYS B 199 -1.84 -45.36 -18.42
CA LYS B 199 -2.67 -45.19 -19.62
C LYS B 199 -4.14 -45.38 -19.22
N LEU B 200 -4.87 -44.27 -19.12
CA LEU B 200 -6.28 -44.32 -18.81
C LEU B 200 -7.08 -44.14 -20.09
N PRO B 201 -7.80 -45.16 -20.58
CA PRO B 201 -8.47 -45.01 -21.88
C PRO B 201 -9.57 -43.96 -21.83
N ALA B 202 -9.80 -43.33 -22.98
CA ALA B 202 -10.85 -42.32 -23.10
C ALA B 202 -11.29 -42.18 -24.55
N PHE B 208 -5.91 -42.57 -25.87
CA PHE B 208 -5.96 -42.72 -24.42
C PHE B 208 -5.27 -41.55 -23.73
N LEU B 209 -5.67 -41.28 -22.50
CA LEU B 209 -5.10 -40.19 -21.70
C LEU B 209 -3.99 -40.73 -20.81
N ILE B 210 -3.15 -39.81 -20.35
CA ILE B 210 -2.00 -40.13 -19.50
C ILE B 210 -2.28 -39.57 -18.11
N LYS B 211 -2.24 -40.45 -17.11
CA LYS B 211 -2.46 -40.08 -15.72
C LYS B 211 -1.12 -40.06 -15.00
N ARG B 212 -0.82 -38.96 -14.33
CA ARG B 212 0.47 -38.74 -13.67
C ARG B 212 0.28 -38.87 -12.17
N ILE B 213 1.11 -39.72 -11.54
CA ILE B 213 1.10 -39.90 -10.09
C ILE B 213 2.47 -39.50 -9.56
N PRO B 214 2.60 -38.35 -8.90
CA PRO B 214 3.89 -37.96 -8.34
C PRO B 214 4.17 -38.67 -7.02
N MET B 215 5.46 -38.91 -6.77
CA MET B 215 5.90 -39.52 -5.53
C MET B 215 7.30 -39.04 -5.20
N LYS B 216 7.65 -39.14 -3.91
CA LYS B 216 8.94 -38.66 -3.42
C LYS B 216 10.00 -39.74 -3.53
N VAL B 217 11.15 -39.40 -4.08
CA VAL B 217 12.26 -40.33 -4.22
C VAL B 217 13.56 -39.59 -3.93
N LYS B 218 14.52 -40.30 -3.34
CA LYS B 218 15.84 -39.72 -3.11
C LYS B 218 16.57 -39.52 -4.43
N ASP B 219 17.37 -38.46 -4.49
CA ASP B 219 18.13 -38.13 -5.69
C ASP B 219 19.44 -37.48 -5.29
N LYS B 220 20.41 -37.53 -6.19
CA LYS B 220 21.75 -37.03 -5.93
C LYS B 220 22.25 -36.24 -7.13
N ILE B 221 22.95 -35.14 -6.85
CA ILE B 221 23.58 -34.33 -7.88
C ILE B 221 25.00 -33.98 -7.43
N THR B 222 25.80 -33.53 -8.38
CA THR B 222 27.20 -33.20 -8.13
C THR B 222 27.32 -31.77 -7.59
N LYS B 223 28.56 -31.39 -7.27
CA LYS B 223 28.81 -30.05 -6.74
C LYS B 223 28.46 -28.97 -7.76
N VAL B 224 28.87 -29.17 -9.01
CA VAL B 224 28.68 -28.14 -10.03
C VAL B 224 27.20 -28.00 -10.37
N GLU B 225 26.49 -29.13 -10.48
CA GLU B 225 25.07 -29.07 -10.78
C GLU B 225 24.31 -28.36 -9.66
N TYR B 226 24.64 -28.68 -8.41
CA TYR B 226 23.97 -28.00 -7.29
C TYR B 226 24.29 -26.51 -7.29
N ILE B 227 25.55 -26.16 -7.57
CA ILE B 227 25.93 -24.74 -7.59
C ILE B 227 25.13 -24.00 -8.66
N LYS B 228 25.01 -24.60 -9.85
CA LYS B 228 24.26 -23.96 -10.92
C LYS B 228 22.79 -23.85 -10.55
N ARG B 229 22.22 -24.88 -9.91
CA ARG B 229 20.82 -24.82 -9.51
C ARG B 229 20.60 -23.73 -8.47
N ALA B 230 21.51 -23.60 -7.51
CA ALA B 230 21.36 -22.58 -6.48
C ALA B 230 21.43 -21.17 -7.07
N LEU B 231 22.14 -21.00 -8.17
CA LEU B 231 22.26 -19.71 -8.84
C LEU B 231 21.21 -19.51 -9.92
N SER B 232 20.31 -20.48 -10.12
CA SER B 232 19.36 -20.41 -11.21
C SER B 232 18.19 -19.49 -10.88
N LEU B 233 17.65 -18.86 -11.92
CA LEU B 233 16.46 -18.03 -11.82
C LEU B 233 15.40 -18.61 -12.75
N ASN B 234 14.22 -18.88 -12.21
CA ASN B 234 13.12 -19.43 -13.00
C ASN B 234 12.34 -18.28 -13.62
N THR B 235 12.21 -18.30 -14.95
CA THR B 235 11.60 -17.22 -15.69
C THR B 235 10.20 -17.62 -16.17
N MET B 236 9.28 -16.65 -16.14
CA MET B 236 7.93 -16.85 -16.61
C MET B 236 7.44 -15.55 -17.24
N THR B 237 6.20 -15.55 -17.70
CA THR B 237 5.62 -14.38 -18.35
C THR B 237 4.64 -13.69 -17.41
N LYS B 238 4.69 -12.36 -17.39
CA LYS B 238 3.81 -11.57 -16.54
C LYS B 238 2.48 -11.32 -17.24
N ASP B 239 1.40 -11.39 -16.47
CA ASP B 239 0.05 -11.25 -16.99
C ASP B 239 -0.66 -10.07 -16.33
N ALA B 240 -1.66 -9.54 -17.03
CA ALA B 240 -2.50 -8.48 -16.51
C ALA B 240 -1.70 -7.21 -16.20
N GLU B 241 -1.02 -6.70 -17.22
CA GLU B 241 -0.21 -5.49 -17.11
C GLU B 241 -0.75 -4.44 -18.06
N ARG B 242 -1.06 -3.26 -17.53
CA ARG B 242 -1.64 -2.19 -18.31
C ARG B 242 -0.55 -1.30 -18.90
N GLY B 243 -0.90 -0.60 -19.98
CA GLY B 243 -0.03 0.38 -20.59
C GLY B 243 1.08 -0.16 -21.45
N LYS B 244 1.09 -1.46 -21.74
CA LYS B 244 2.17 -2.08 -22.50
C LYS B 244 1.59 -2.84 -23.69
N LEU B 245 2.16 -2.62 -24.87
CA LEU B 245 1.74 -3.33 -26.06
C LEU B 245 2.29 -4.75 -26.09
N LYS B 246 3.51 -4.94 -25.62
CA LYS B 246 4.20 -6.23 -25.70
C LYS B 246 4.39 -6.82 -24.31
N ARG B 247 4.26 -8.14 -24.22
CA ARG B 247 4.43 -8.84 -22.96
C ARG B 247 5.92 -8.90 -22.60
N ARG B 248 6.17 -9.09 -21.31
CA ARG B 248 7.53 -9.14 -20.78
C ARG B 248 7.66 -10.35 -19.85
N ALA B 249 8.91 -10.63 -19.47
CA ALA B 249 9.23 -11.79 -18.66
C ALA B 249 9.68 -11.36 -17.28
N ILE B 250 9.17 -12.06 -16.27
CA ILE B 250 9.58 -11.88 -14.89
C ILE B 250 10.35 -13.13 -14.47
N ALA B 251 11.00 -13.04 -13.31
CA ALA B 251 11.79 -14.15 -12.80
C ALA B 251 11.67 -14.25 -11.29
N THR B 252 11.95 -15.45 -10.78
CA THR B 252 11.92 -15.74 -9.36
C THR B 252 13.17 -16.54 -9.01
N ALA B 253 13.74 -16.24 -7.85
CA ALA B 253 14.96 -16.88 -7.37
C ALA B 253 14.62 -18.00 -6.39
N GLY B 254 15.65 -18.74 -5.99
CA GLY B 254 15.51 -19.84 -5.06
C GLY B 254 15.68 -19.39 -3.63
N ILE B 255 15.73 -20.39 -2.74
CA ILE B 255 15.85 -20.10 -1.31
C ILE B 255 17.23 -19.51 -1.01
N GLN B 256 18.27 -20.00 -1.68
CA GLN B 256 19.63 -19.55 -1.38
C GLN B 256 19.78 -18.05 -1.61
N ILE B 257 19.26 -17.55 -2.73
CA ILE B 257 19.39 -16.13 -3.03
C ILE B 257 18.50 -15.31 -2.10
N ARG B 258 17.28 -15.78 -1.86
CA ARG B 258 16.34 -15.03 -1.02
C ARG B 258 16.83 -14.92 0.41
N GLY B 259 17.61 -15.90 0.87
CA GLY B 259 18.16 -15.82 2.21
C GLY B 259 19.04 -14.61 2.42
N PHE B 260 19.77 -14.19 1.39
CA PHE B 260 20.70 -13.08 1.49
C PHE B 260 20.12 -11.77 0.96
N VAL B 261 19.13 -11.82 0.07
CA VAL B 261 18.58 -10.58 -0.48
C VAL B 261 17.90 -9.76 0.62
N LEU B 262 17.42 -10.42 1.67
CA LEU B 262 16.67 -9.72 2.71
C LEU B 262 17.51 -8.66 3.40
N VAL B 263 18.76 -8.99 3.74
CA VAL B 263 19.59 -8.04 4.48
C VAL B 263 19.98 -6.86 3.61
N VAL B 264 20.30 -7.11 2.33
CA VAL B 264 20.64 -6.02 1.44
C VAL B 264 19.43 -5.10 1.26
N GLU B 265 18.24 -5.67 1.10
CA GLU B 265 17.05 -4.85 0.96
C GLU B 265 16.77 -4.06 2.23
N ASN B 266 16.99 -4.67 3.40
CA ASN B 266 16.79 -3.96 4.66
C ASN B 266 17.74 -2.78 4.78
N LEU B 267 19.01 -3.00 4.46
CA LEU B 267 19.99 -1.91 4.51
C LEU B 267 19.61 -0.79 3.56
N ALA B 268 19.22 -1.15 2.34
CA ALA B 268 18.85 -0.13 1.36
C ALA B 268 17.62 0.63 1.80
N LYS B 269 16.64 -0.06 2.40
CA LYS B 269 15.46 0.62 2.91
C LYS B 269 15.82 1.57 4.05
N ASN B 270 16.71 1.14 4.95
CA ASN B 270 17.15 2.02 6.02
C ASN B 270 17.80 3.28 5.45
N ILE B 271 18.60 3.13 4.40
CA ILE B 271 19.22 4.29 3.77
C ILE B 271 18.16 5.18 3.12
N CYS B 272 17.25 4.57 2.38
CA CYS B 272 16.29 5.34 1.58
C CYS B 272 15.33 6.13 2.46
N GLU B 273 14.89 5.53 3.57
CA GLU B 273 13.92 6.20 4.42
C GLU B 273 14.44 7.53 4.97
N ASN B 274 15.75 7.71 5.04
CA ASN B 274 16.35 8.95 5.53
C ASN B 274 16.82 9.88 4.41
N LEU B 275 16.49 9.56 3.16
CA LEU B 275 16.86 10.40 2.02
C LEU B 275 15.63 11.19 1.57
N GLU B 276 15.79 12.51 1.45
CA GLU B 276 14.68 13.36 1.06
C GLU B 276 14.37 13.31 -0.44
N GLN B 277 15.24 12.70 -1.24
CA GLN B 277 15.03 12.59 -2.68
C GLN B 277 14.48 11.21 -3.08
N SER B 278 14.15 10.36 -2.12
CA SER B 278 13.73 9.00 -2.39
C SER B 278 12.21 8.90 -2.29
N GLY B 279 11.59 8.37 -3.34
CA GLY B 279 10.17 8.10 -3.34
C GLY B 279 9.78 6.79 -2.70
N LEU B 280 10.75 6.05 -2.18
CA LEU B 280 10.53 4.78 -1.51
C LEU B 280 11.16 4.84 -0.13
N PRO B 281 10.59 4.11 0.85
CA PRO B 281 9.42 3.23 0.78
C PRO B 281 8.09 3.97 0.97
N VAL B 282 8.11 5.30 1.08
CA VAL B 282 6.87 6.04 1.28
C VAL B 282 5.92 5.77 0.12
N GLY B 283 4.64 5.63 0.45
CA GLY B 283 3.63 5.39 -0.56
C GLY B 283 2.28 5.94 -0.14
N GLY B 284 1.44 6.20 -1.14
CA GLY B 284 0.10 6.68 -0.84
C GLY B 284 0.10 8.11 -0.36
N ASN B 285 -0.69 8.37 0.68
CA ASN B 285 -0.82 9.73 1.20
C ASN B 285 0.51 10.23 1.74
N GLU B 286 1.28 9.37 2.41
CA GLU B 286 2.59 9.79 2.91
C GLU B 286 3.49 10.21 1.75
N LYS B 287 3.51 9.42 0.67
CA LYS B 287 4.31 9.77 -0.48
C LYS B 287 3.84 11.08 -1.12
N LYS B 288 2.51 11.26 -1.20
CA LYS B 288 1.99 12.51 -1.75
C LYS B 288 2.42 13.70 -0.92
N ALA B 289 2.36 13.58 0.41
CA ALA B 289 2.78 14.68 1.27
C ALA B 289 4.26 14.97 1.10
N LYS B 290 5.10 13.92 1.08
CA LYS B 290 6.53 14.13 0.91
C LYS B 290 6.84 14.79 -0.43
N LEU B 291 6.20 14.32 -1.50
CA LEU B 291 6.45 14.88 -2.82
C LEU B 291 5.99 16.34 -2.89
N SER B 292 4.83 16.65 -2.32
CA SER B 292 4.36 18.03 -2.33
C SER B 292 5.29 18.93 -1.54
N ASN B 293 5.77 18.46 -0.38
CA ASN B 293 6.72 19.25 0.39
C ASN B 293 8.00 19.49 -0.38
N ALA B 294 8.52 18.45 -1.04
CA ALA B 294 9.74 18.61 -1.82
C ALA B 294 9.54 19.59 -2.96
N VAL B 295 8.41 19.50 -3.67
CA VAL B 295 8.15 20.39 -4.78
C VAL B 295 8.03 21.83 -4.30
N ALA B 296 7.33 22.04 -3.19
CA ALA B 296 7.20 23.39 -2.63
C ALA B 296 8.56 23.94 -2.22
N LYS B 297 9.39 23.11 -1.59
CA LYS B 297 10.72 23.54 -1.19
C LYS B 297 11.55 23.94 -2.40
N MET B 298 11.49 23.14 -3.47
N MET B 298 11.49 23.14 -3.47
CA MET B 298 12.23 23.48 -4.68
CA MET B 298 12.21 23.48 -4.68
C MET B 298 11.70 24.77 -5.30
C MET B 298 11.70 24.77 -5.29
N LEU B 299 10.38 24.96 -5.29
CA LEU B 299 9.82 26.20 -5.84
C LEU B 299 10.27 27.42 -5.05
N SER B 300 10.31 27.31 -3.72
CA SER B 300 10.73 28.44 -2.91
C SER B 300 12.23 28.70 -3.04
N ASN B 301 13.01 27.68 -3.36
CA ASN B 301 14.46 27.80 -3.45
C ASN B 301 14.95 28.31 -4.80
N CYS B 302 14.04 28.57 -5.73
CA CYS B 302 14.45 29.05 -7.04
C CYS B 302 15.14 30.41 -6.91
N PRO B 303 16.31 30.61 -7.52
CA PRO B 303 16.96 31.92 -7.43
C PRO B 303 16.09 33.00 -8.01
N PRO B 304 16.12 34.22 -7.45
CA PRO B 304 15.24 35.28 -7.96
C PRO B 304 15.61 35.68 -9.38
N GLY B 305 14.60 35.76 -10.23
CA GLY B 305 14.79 36.14 -11.61
C GLY B 305 15.26 35.02 -12.52
N GLY B 306 15.51 33.83 -11.98
CA GLY B 306 15.94 32.70 -12.77
C GLY B 306 14.77 31.87 -13.26
N ILE B 307 15.08 30.63 -13.65
CA ILE B 307 14.07 29.71 -14.15
C ILE B 307 14.29 28.34 -13.52
N SER B 308 13.20 27.72 -13.11
CA SER B 308 13.19 26.36 -12.59
C SER B 308 12.44 25.47 -13.57
N MET B 309 13.05 24.34 -13.93
CA MET B 309 12.48 23.43 -14.92
C MET B 309 12.41 22.03 -14.33
N THR B 310 11.30 21.37 -14.57
CA THR B 310 11.07 19.99 -14.12
C THR B 310 11.15 19.05 -15.31
N VAL B 311 11.93 17.98 -15.15
CA VAL B 311 12.08 16.92 -16.13
C VAL B 311 11.37 15.71 -15.58
N THR B 312 10.31 15.29 -16.27
CA THR B 312 9.68 14.01 -16.01
C THR B 312 10.42 12.95 -16.81
N GLY B 313 11.05 11.99 -16.14
CA GLY B 313 11.89 11.04 -16.82
C GLY B 313 11.74 9.64 -16.28
N ASP B 314 11.92 8.68 -17.17
CA ASP B 314 12.07 7.27 -16.82
C ASP B 314 13.37 6.77 -17.42
N ASN B 315 13.94 5.76 -16.79
CA ASN B 315 15.22 5.20 -17.23
C ASN B 315 14.97 4.01 -18.13
N THR B 316 15.59 4.02 -19.31
CA THR B 316 15.43 2.93 -20.25
C THR B 316 16.41 1.81 -19.91
N LYS B 317 15.92 0.57 -20.03
CA LYS B 317 16.72 -0.61 -19.72
C LYS B 317 17.33 -0.50 -18.31
N TRP B 318 16.49 -0.08 -17.37
CA TRP B 318 16.94 0.08 -15.99
C TRP B 318 17.54 -1.21 -15.46
N ASN B 319 16.82 -2.31 -15.62
CA ASN B 319 17.27 -3.58 -15.06
C ASN B 319 18.39 -4.22 -15.88
N GLU B 320 18.36 -4.07 -17.20
CA GLU B 320 19.36 -4.71 -18.04
C GLU B 320 20.74 -4.10 -17.82
N CYS B 321 20.80 -2.81 -17.49
CA CYS B 321 22.06 -2.10 -17.45
C CYS B 321 22.68 -2.03 -16.06
N LEU B 322 21.88 -2.08 -15.01
CA LEU B 322 22.43 -2.12 -13.66
C LEU B 322 23.20 -3.42 -13.45
N ASN B 323 24.37 -3.31 -12.84
CA ASN B 323 25.28 -4.44 -12.72
C ASN B 323 25.39 -4.90 -11.27
N PRO B 324 25.32 -6.21 -11.00
CA PRO B 324 25.51 -6.67 -9.61
C PRO B 324 26.88 -6.35 -9.04
N ARG B 325 27.90 -6.19 -9.87
CA ARG B 325 29.22 -5.81 -9.36
C ARG B 325 29.19 -4.39 -8.78
N ILE B 326 28.47 -3.48 -9.43
CA ILE B 326 28.30 -2.15 -8.88
C ILE B 326 27.58 -2.21 -7.54
N PHE B 327 26.62 -3.13 -7.42
CA PHE B 327 25.92 -3.29 -6.14
C PHE B 327 26.83 -3.88 -5.07
N LEU B 328 27.75 -4.78 -5.46
CA LEU B 328 28.74 -5.27 -4.51
C LEU B 328 29.63 -4.14 -4.02
N ALA B 329 30.05 -3.26 -4.93
CA ALA B 329 30.83 -2.09 -4.53
C ALA B 329 30.03 -1.18 -3.61
N MET B 330 28.75 -0.99 -3.92
CA MET B 330 27.88 -0.17 -3.08
C MET B 330 27.77 -0.75 -1.68
N THR B 331 27.57 -2.06 -1.58
CA THR B 331 27.47 -2.72 -0.29
C THR B 331 28.78 -2.59 0.49
N GLU B 332 29.91 -2.77 -0.19
CA GLU B 332 31.20 -2.63 0.49
C GLU B 332 31.39 -1.21 1.01
N ARG B 333 31.02 -0.21 0.21
CA ARG B 333 31.18 1.18 0.65
C ARG B 333 30.26 1.50 1.81
N ILE B 334 29.01 1.04 1.77
CA ILE B 334 28.04 1.39 2.80
C ILE B 334 28.43 0.78 4.13
N THR B 335 28.83 -0.49 4.13
CA THR B 335 29.19 -1.19 5.37
C THR B 335 30.67 -1.04 5.67
N ARG B 336 31.15 0.22 5.67
CA ARG B 336 32.56 0.47 5.89
C ARG B 336 32.96 0.23 7.33
N ASP B 337 32.13 0.67 8.28
CA ASP B 337 32.43 0.59 9.71
C ASP B 337 31.64 -0.51 10.40
N SER B 338 31.47 -1.65 9.74
CA SER B 338 30.74 -2.78 10.28
C SER B 338 31.69 -3.95 10.52
N PRO B 339 31.31 -4.89 11.39
CA PRO B 339 32.15 -6.07 11.61
C PRO B 339 32.29 -6.90 10.34
N ILE B 340 33.41 -7.62 10.24
CA ILE B 340 33.75 -8.32 9.01
C ILE B 340 32.65 -9.29 8.62
N TRP B 341 32.07 -9.98 9.61
CA TRP B 341 31.06 -10.99 9.29
C TRP B 341 29.85 -10.35 8.60
N PHE B 342 29.41 -9.19 9.08
CA PHE B 342 28.28 -8.53 8.45
C PHE B 342 28.62 -8.06 7.05
N ARG B 343 29.85 -7.58 6.84
CA ARG B 343 30.25 -7.16 5.51
C ARG B 343 30.23 -8.32 4.53
N ASP B 344 30.74 -9.48 4.96
CA ASP B 344 30.69 -10.66 4.10
C ASP B 344 29.26 -11.07 3.83
N PHE B 345 28.41 -11.05 4.86
CA PHE B 345 27.01 -11.42 4.70
C PHE B 345 26.33 -10.52 3.67
N CYS B 346 26.57 -9.21 3.76
CA CYS B 346 25.97 -8.29 2.79
C CYS B 346 26.57 -8.47 1.41
N SER B 347 27.84 -8.88 1.32
CA SER B 347 28.46 -9.09 0.02
C SER B 347 27.97 -10.35 -0.67
N ILE B 348 27.44 -11.32 0.08
CA ILE B 348 27.06 -12.59 -0.53
C ILE B 348 26.07 -12.37 -1.67
N ALA B 349 25.00 -11.62 -1.43
CA ALA B 349 23.92 -11.55 -2.41
C ALA B 349 24.36 -10.95 -3.74
N PRO B 350 25.05 -9.81 -3.79
CA PRO B 350 25.57 -9.34 -5.08
C PRO B 350 26.49 -10.35 -5.75
N VAL B 351 27.27 -11.10 -4.96
CA VAL B 351 28.13 -12.13 -5.54
C VAL B 351 27.29 -13.20 -6.21
N LEU B 352 26.20 -13.62 -5.56
CA LEU B 352 25.32 -14.62 -6.16
C LEU B 352 24.68 -14.09 -7.43
N PHE B 353 24.27 -12.82 -7.42
CA PHE B 353 23.65 -12.25 -8.62
C PHE B 353 24.66 -12.04 -9.74
N SER B 354 25.94 -11.88 -9.43
CA SER B 354 26.94 -11.74 -10.48
C SER B 354 27.11 -13.04 -11.24
N ASN B 355 26.83 -14.18 -10.61
CA ASN B 355 26.97 -15.50 -11.22
C ASN B 355 25.62 -16.16 -11.44
N LYS B 356 24.58 -15.36 -11.70
CA LYS B 356 23.24 -15.91 -11.85
C LYS B 356 23.11 -16.66 -13.18
N ILE B 357 22.21 -17.64 -13.17
CA ILE B 357 21.89 -18.43 -14.36
C ILE B 357 20.40 -18.32 -14.60
N ALA B 358 20.03 -18.06 -15.85
CA ALA B 358 18.63 -17.86 -16.23
C ALA B 358 18.08 -19.13 -16.85
N ARG B 359 17.00 -19.65 -16.30
CA ARG B 359 16.27 -20.74 -16.92
C ARG B 359 15.35 -20.17 -17.99
N LEU B 360 15.36 -20.77 -19.17
CA LEU B 360 14.76 -20.16 -20.35
C LEU B 360 13.28 -20.51 -20.52
N GLY B 361 12.69 -21.26 -19.59
CA GLY B 361 11.25 -21.45 -19.58
C GLY B 361 10.79 -22.79 -20.12
N LYS B 362 9.61 -22.80 -20.74
CA LYS B 362 9.02 -24.05 -21.22
C LYS B 362 9.55 -24.48 -22.58
N GLY B 363 10.27 -23.60 -23.28
CA GLY B 363 10.76 -23.92 -24.61
C GLY B 363 9.89 -23.34 -25.69
N PHE B 364 9.82 -24.01 -26.85
CA PHE B 364 9.03 -23.53 -27.97
C PHE B 364 8.10 -24.64 -28.44
N MET B 365 7.21 -24.29 -29.36
CA MET B 365 6.24 -25.24 -29.91
C MET B 365 6.40 -25.29 -31.42
N ILE B 366 6.56 -26.49 -31.96
CA ILE B 366 6.67 -26.71 -33.40
C ILE B 366 5.46 -27.51 -33.85
N THR B 367 4.85 -27.09 -34.95
CA THR B 367 3.58 -27.65 -35.40
C THR B 367 3.65 -28.01 -36.87
N SER B 368 2.85 -29.00 -37.24
CA SER B 368 2.57 -29.37 -38.62
C SER B 368 1.12 -28.99 -38.91
N LYS B 369 0.94 -27.99 -39.78
CA LYS B 369 -0.40 -27.50 -40.09
C LYS B 369 -1.19 -28.52 -40.90
N THR B 370 -0.55 -29.12 -41.91
CA THR B 370 -1.24 -30.09 -42.73
C THR B 370 -1.63 -31.33 -41.93
N LYS B 371 -0.73 -31.83 -41.09
CA LYS B 371 -0.99 -32.99 -40.27
C LYS B 371 -1.68 -32.66 -38.96
N ARG B 372 -1.88 -31.38 -38.66
CA ARG B 372 -2.56 -30.95 -37.44
C ARG B 372 -1.88 -31.54 -36.20
N LEU B 373 -0.57 -31.35 -36.11
CA LEU B 373 0.22 -31.86 -35.00
C LEU B 373 0.98 -30.73 -34.34
N LYS B 374 1.28 -30.90 -33.05
CA LYS B 374 2.10 -29.93 -32.33
C LYS B 374 2.94 -30.66 -31.29
N ALA B 375 4.08 -30.06 -30.96
CA ALA B 375 4.97 -30.64 -29.96
C ALA B 375 5.77 -29.53 -29.30
N GLN B 376 6.05 -29.73 -28.01
CA GLN B 376 6.79 -28.76 -27.21
C GLN B 376 8.25 -29.20 -27.11
N ILE B 377 9.13 -28.45 -27.75
CA ILE B 377 10.58 -28.65 -27.61
C ILE B 377 11.02 -27.92 -26.35
N PRO B 378 11.52 -28.63 -25.33
CA PRO B 378 11.98 -27.96 -24.11
C PRO B 378 13.28 -27.21 -24.33
N CYS B 379 13.65 -26.42 -23.33
CA CYS B 379 14.85 -25.59 -23.43
C CYS B 379 16.10 -26.40 -23.67
N PRO B 380 16.34 -27.53 -22.99
CA PRO B 380 17.55 -28.31 -23.28
C PRO B 380 17.67 -28.74 -24.73
N ASP B 381 16.55 -28.98 -25.41
CA ASP B 381 16.55 -29.46 -26.79
C ASP B 381 16.30 -28.34 -27.79
N LEU B 382 16.60 -27.09 -27.43
CA LEU B 382 16.36 -25.98 -28.35
C LEU B 382 17.18 -26.13 -29.63
N PHE B 383 18.44 -26.52 -29.49
CA PHE B 383 19.34 -26.67 -30.63
C PHE B 383 19.40 -28.10 -31.15
N SER B 384 18.48 -28.96 -30.71
CA SER B 384 18.41 -30.32 -31.23
C SER B 384 17.86 -30.35 -32.65
N ILE B 385 17.09 -29.35 -33.05
CA ILE B 385 16.56 -29.26 -34.41
C ILE B 385 17.32 -28.18 -35.16
N PRO B 386 17.43 -28.27 -36.49
CA PRO B 386 18.07 -27.17 -37.22
C PRO B 386 17.36 -25.86 -37.01
N LEU B 387 18.13 -24.78 -36.96
CA LEU B 387 17.55 -23.45 -36.73
C LEU B 387 16.63 -23.01 -37.86
N GLU B 388 16.70 -23.68 -39.02
CA GLU B 388 15.80 -23.34 -40.11
C GLU B 388 14.36 -23.71 -39.82
N ARG B 389 14.12 -24.62 -38.88
CA ARG B 389 12.76 -25.00 -38.51
C ARG B 389 12.13 -24.04 -37.52
N TYR B 390 12.88 -23.09 -36.98
CA TYR B 390 12.35 -22.01 -36.16
C TYR B 390 11.96 -20.83 -37.06
N ASN B 391 11.06 -20.00 -36.55
CA ASN B 391 10.66 -18.82 -37.29
C ASN B 391 11.80 -17.80 -37.27
N GLU B 392 11.62 -16.73 -38.05
CA GLU B 392 12.70 -15.79 -38.28
C GLU B 392 13.22 -15.18 -36.98
N GLU B 393 12.33 -14.62 -36.16
CA GLU B 393 12.78 -13.96 -34.94
C GLU B 393 13.38 -14.98 -33.97
N THR B 394 12.73 -16.14 -33.81
CA THR B 394 13.26 -17.15 -32.90
C THR B 394 14.60 -17.67 -33.39
N ARG B 395 14.74 -17.85 -34.71
CA ARG B 395 16.02 -18.31 -35.26
C ARG B 395 17.13 -17.32 -34.98
N ALA B 396 16.86 -16.02 -35.22
CA ALA B 396 17.87 -15.01 -34.94
C ALA B 396 18.21 -14.96 -33.45
N LYS B 397 17.18 -15.05 -32.60
CA LYS B 397 17.42 -15.00 -31.15
C LYS B 397 18.26 -16.17 -30.69
N LEU B 398 17.96 -17.37 -31.20
CA LEU B 398 18.76 -18.54 -30.83
C LEU B 398 20.19 -18.41 -31.33
N LYS B 399 20.37 -17.88 -32.55
CA LYS B 399 21.72 -17.67 -33.06
C LYS B 399 22.50 -16.73 -32.15
N LYS B 400 21.86 -15.65 -31.69
CA LYS B 400 22.54 -14.72 -30.80
C LYS B 400 22.70 -15.28 -29.39
N LEU B 401 21.86 -16.24 -28.99
CA LEU B 401 21.92 -16.83 -27.66
C LEU B 401 22.96 -17.93 -27.56
N LYS B 402 23.33 -18.55 -28.68
CA LYS B 402 24.24 -19.69 -28.64
C LYS B 402 25.47 -19.48 -27.78
N PRO B 403 26.19 -18.35 -27.85
CA PRO B 403 27.40 -18.21 -27.02
C PRO B 403 27.15 -18.32 -25.53
N PHE B 404 25.99 -17.90 -25.05
CA PHE B 404 25.70 -17.88 -23.62
C PHE B 404 24.81 -19.03 -23.18
N PHE B 405 24.66 -20.06 -24.02
CA PHE B 405 23.76 -21.16 -23.73
C PHE B 405 24.48 -22.30 -23.03
N ASN B 406 23.81 -22.89 -22.04
CA ASN B 406 24.31 -24.05 -21.32
C ASN B 406 23.60 -25.30 -21.82
N GLU B 407 24.33 -26.40 -21.86
CA GLU B 407 23.78 -27.63 -22.44
C GLU B 407 22.58 -28.17 -21.66
N GLU B 408 22.37 -27.70 -20.44
CA GLU B 408 21.24 -28.13 -19.62
C GLU B 408 20.01 -27.26 -19.81
N GLY B 409 19.98 -26.42 -20.84
CA GLY B 409 18.83 -25.61 -21.15
C GLY B 409 18.76 -24.26 -20.47
N THR B 410 19.87 -23.81 -19.88
CA THR B 410 19.92 -22.52 -19.20
C THR B 410 20.89 -21.59 -19.93
N ALA B 411 20.94 -20.35 -19.46
CA ALA B 411 21.80 -19.34 -20.05
C ALA B 411 22.59 -18.62 -18.97
N SER B 412 23.80 -18.21 -19.32
CA SER B 412 24.63 -17.41 -18.42
C SER B 412 24.22 -15.95 -18.54
N LEU B 413 23.95 -15.32 -17.40
CA LEU B 413 23.42 -13.96 -17.36
C LEU B 413 24.15 -13.15 -16.28
N SER B 414 25.48 -13.18 -16.32
CA SER B 414 26.25 -12.43 -15.33
C SER B 414 25.84 -10.96 -15.25
N PRO B 415 25.68 -10.23 -16.35
CA PRO B 415 25.30 -8.83 -16.26
C PRO B 415 23.80 -8.64 -16.02
N GLY B 416 23.47 -7.51 -15.43
CA GLY B 416 22.09 -7.11 -15.28
C GLY B 416 21.44 -7.62 -14.00
N MET B 417 20.25 -7.08 -13.75
N MET B 417 20.20 -7.17 -13.81
CA MET B 417 19.36 -7.60 -12.72
CA MET B 417 19.43 -7.42 -12.59
C MET B 417 18.10 -8.08 -13.42
C MET B 417 18.06 -7.98 -13.00
N MET B 418 17.76 -9.37 -13.23
N MET B 418 18.09 -9.02 -13.85
CA MET B 418 16.71 -9.95 -14.04
CA MET B 418 16.86 -9.59 -14.38
C MET B 418 15.39 -9.21 -13.89
C MET B 418 15.77 -9.72 -13.31
N MET B 419 14.93 -9.03 -12.65
N MET B 419 16.12 -10.23 -12.14
CA MET B 419 13.68 -8.31 -12.42
CA MET B 419 15.12 -10.46 -11.10
C MET B 419 13.61 -7.82 -10.99
C MET B 419 14.47 -9.16 -10.67
N GLY B 420 13.72 -6.50 -10.80
N GLY B 420 15.21 -8.06 -10.74
CA GLY B 420 13.34 -5.83 -9.58
CA GLY B 420 14.69 -6.79 -10.25
C GLY B 420 13.59 -6.55 -8.28
C GLY B 420 14.39 -6.80 -8.77
N MET B 421 14.84 -6.95 -8.05
N MET B 421 15.29 -7.38 -7.98
CA MET B 421 15.21 -7.60 -6.79
CA MET B 421 15.09 -7.58 -6.55
C MET B 421 15.90 -6.64 -5.83
C MET B 421 15.78 -6.52 -5.70
N PHE B 422 16.42 -5.53 -6.33
CA PHE B 422 17.16 -4.53 -5.56
C PHE B 422 16.56 -3.15 -5.79
N ASN B 423 15.24 -3.05 -5.71
CA ASN B 423 14.57 -1.77 -5.92
C ASN B 423 15.13 -0.71 -4.99
N MET B 424 15.33 -1.05 -3.72
CA MET B 424 15.82 -0.08 -2.75
C MET B 424 17.26 0.35 -3.07
N LEU B 425 18.12 -0.61 -3.42
CA LEU B 425 19.50 -0.26 -3.74
C LEU B 425 19.58 0.53 -5.04
N SER B 426 18.75 0.20 -6.02
CA SER B 426 18.69 0.98 -7.24
C SER B 426 18.22 2.40 -6.96
N THR B 427 17.25 2.55 -6.05
CA THR B 427 16.81 3.87 -5.65
C THR B 427 17.94 4.64 -4.96
N VAL B 428 18.73 3.96 -4.13
CA VAL B 428 19.86 4.60 -3.49
C VAL B 428 20.85 5.10 -4.53
N LEU B 429 21.14 4.27 -5.54
CA LEU B 429 22.06 4.68 -6.60
C LEU B 429 21.51 5.87 -7.37
N GLY B 430 20.22 5.85 -7.68
CA GLY B 430 19.61 6.98 -8.38
C GLY B 430 19.67 8.26 -7.57
N VAL B 431 19.42 8.16 -6.26
CA VAL B 431 19.47 9.34 -5.41
C VAL B 431 20.90 9.85 -5.30
N ALA B 432 21.87 8.94 -5.25
CA ALA B 432 23.28 9.35 -5.27
C ALA B 432 23.60 10.10 -6.56
N ALA B 433 23.03 9.64 -7.68
CA ALA B 433 23.16 10.40 -8.92
C ALA B 433 22.54 11.78 -8.79
N LEU B 434 21.37 11.86 -8.13
CA LEU B 434 20.71 13.14 -7.93
C LEU B 434 21.46 14.05 -6.96
N GLY B 435 22.36 13.49 -6.14
CA GLY B 435 23.03 14.26 -5.12
C GLY B 435 24.23 15.07 -5.60
N ILE B 436 24.66 14.89 -6.84
CA ILE B 436 25.78 15.68 -7.35
C ILE B 436 25.39 17.14 -7.49
N LYS B 437 24.24 17.40 -8.11
CA LYS B 437 23.61 18.71 -8.14
C LYS B 437 24.35 19.72 -9.02
N ASN B 438 25.54 19.37 -9.51
CA ASN B 438 26.33 20.32 -10.29
C ASN B 438 27.57 19.67 -10.87
N ILE B 439 27.99 20.14 -12.05
CA ILE B 439 29.21 19.67 -12.70
C ILE B 439 30.06 20.88 -13.07
N GLY B 440 31.31 20.87 -12.64
CA GLY B 440 32.24 21.91 -13.06
C GLY B 440 31.85 23.31 -12.63
N ASN B 441 31.22 23.45 -11.47
CA ASN B 441 30.87 24.75 -10.91
C ASN B 441 30.00 25.56 -11.88
N LYS B 442 29.29 24.87 -12.77
CA LYS B 442 28.43 25.55 -13.73
C LYS B 442 27.24 26.18 -13.01
N GLU B 443 26.66 27.21 -13.64
CA GLU B 443 25.66 28.06 -13.00
C GLU B 443 24.26 27.43 -13.10
N TYR B 444 24.15 26.24 -12.50
CA TYR B 444 22.86 25.56 -12.37
C TYR B 444 22.92 24.66 -11.16
N LEU B 445 21.74 24.33 -10.62
CA LEU B 445 21.64 23.41 -9.50
C LEU B 445 20.49 22.45 -9.75
N TRP B 446 20.76 21.16 -9.69
CA TRP B 446 19.73 20.15 -9.91
C TRP B 446 19.49 19.35 -8.64
N ASP B 447 18.22 19.05 -8.39
CA ASP B 447 17.79 18.15 -7.33
C ASP B 447 16.70 17.27 -7.96
N GLY B 448 16.01 16.49 -7.14
CA GLY B 448 14.88 15.75 -7.68
C GLY B 448 14.43 14.64 -6.76
N LEU B 449 13.57 13.80 -7.33
CA LEU B 449 12.95 12.67 -6.66
C LEU B 449 13.19 11.41 -7.48
N GLN B 450 13.48 10.31 -6.79
CA GLN B 450 13.81 9.03 -7.41
C GLN B 450 12.95 7.93 -6.83
N SER B 451 12.49 7.03 -7.70
CA SER B 451 11.77 5.84 -7.26
C SER B 451 12.08 4.76 -8.29
N SER B 452 13.02 3.87 -7.94
CA SER B 452 13.49 2.86 -8.88
C SER B 452 13.96 3.53 -10.18
N ASP B 453 13.27 3.26 -11.29
CA ASP B 453 13.67 3.82 -12.57
C ASP B 453 12.98 5.14 -12.90
N ASP B 454 11.98 5.54 -12.13
CA ASP B 454 11.27 6.79 -12.37
C ASP B 454 11.95 7.93 -11.63
N PHE B 455 11.98 9.11 -12.24
CA PHE B 455 12.58 10.25 -11.57
C PHE B 455 11.97 11.55 -12.08
N ALA B 456 12.04 12.56 -11.21
CA ALA B 456 11.69 13.93 -11.55
C ALA B 456 12.89 14.79 -11.18
N LEU B 457 13.43 15.51 -12.15
CA LEU B 457 14.64 16.30 -11.97
C LEU B 457 14.29 17.79 -12.03
N PHE B 458 14.57 18.51 -10.94
CA PHE B 458 14.30 19.94 -10.86
C PHE B 458 15.61 20.70 -10.99
N VAL B 459 15.75 21.48 -12.05
CA VAL B 459 16.96 22.23 -12.35
C VAL B 459 16.65 23.71 -12.25
N ASN B 460 17.37 24.42 -11.39
CA ASN B 460 17.25 25.86 -11.24
C ASN B 460 18.48 26.52 -11.86
N ALA B 461 18.25 27.50 -12.72
CA ALA B 461 19.34 28.21 -13.39
C ALA B 461 18.88 29.62 -13.68
N LYS B 462 19.63 30.32 -14.54
CA LYS B 462 19.31 31.70 -14.89
C LYS B 462 18.51 31.80 -16.18
N ASP B 463 18.66 30.84 -17.08
CA ASP B 463 17.94 30.85 -18.34
C ASP B 463 17.67 29.41 -18.76
N GLU B 464 16.89 29.26 -19.83
CA GLU B 464 16.53 27.93 -20.31
C GLU B 464 17.75 27.17 -20.81
N GLU B 465 18.67 27.86 -21.49
CA GLU B 465 19.84 27.19 -22.03
C GLU B 465 20.70 26.59 -20.92
N THR B 466 20.87 27.32 -19.82
CA THR B 466 21.63 26.79 -18.69
C THR B 466 20.93 25.59 -18.07
N CYS B 467 19.60 25.64 -17.99
CA CYS B 467 18.86 24.48 -17.49
C CYS B 467 19.06 23.26 -18.39
N MET B 468 19.05 23.47 -19.70
CA MET B 468 19.29 22.36 -20.62
C MET B 468 20.71 21.83 -20.48
N GLU B 469 21.68 22.72 -20.26
CA GLU B 469 23.05 22.27 -20.02
C GLU B 469 23.12 21.43 -18.75
N GLY B 470 22.42 21.85 -17.69
CA GLY B 470 22.40 21.06 -16.48
C GLY B 470 21.74 19.71 -16.68
N ILE B 471 20.68 19.67 -17.47
CA ILE B 471 20.01 18.40 -17.77
C ILE B 471 20.95 17.48 -18.54
N ASN B 472 21.69 18.04 -19.51
CA ASN B 472 22.67 17.25 -20.24
C ASN B 472 23.76 16.72 -19.32
N ASP B 473 24.22 17.54 -18.38
CA ASP B 473 25.24 17.10 -17.43
C ASP B 473 24.70 15.98 -16.56
N PHE B 474 23.44 16.09 -16.11
CA PHE B 474 22.84 15.02 -15.33
C PHE B 474 22.72 13.75 -16.15
N TYR B 475 22.37 13.87 -17.42
CA TYR B 475 22.28 12.72 -18.31
C TYR B 475 23.63 12.01 -18.41
N ARG B 476 24.69 12.79 -18.63
CA ARG B 476 26.02 12.19 -18.77
C ARG B 476 26.48 11.57 -17.45
N THR B 477 26.20 12.24 -16.33
CA THR B 477 26.57 11.68 -15.03
C THR B 477 25.84 10.37 -14.78
N CYS B 478 24.57 10.30 -15.13
CA CYS B 478 23.84 9.04 -15.01
C CYS B 478 24.45 7.97 -15.90
N LYS B 479 24.86 8.35 -17.12
CA LYS B 479 25.56 7.40 -17.98
C LYS B 479 26.80 6.85 -17.28
N LEU B 480 27.51 7.71 -16.55
CA LEU B 480 28.70 7.25 -15.84
C LEU B 480 28.36 6.22 -14.76
N LEU B 481 27.15 6.27 -14.22
CA LEU B 481 26.74 5.36 -13.15
C LEU B 481 25.99 4.14 -13.67
N GLY B 482 25.91 3.96 -14.99
CA GLY B 482 25.15 2.86 -15.54
C GLY B 482 23.66 3.10 -15.64
N ILE B 483 23.22 4.36 -15.55
CA ILE B 483 21.81 4.72 -15.62
C ILE B 483 21.57 5.42 -16.95
N ASN B 484 20.62 4.90 -17.71
CA ASN B 484 20.33 5.40 -19.06
C ASN B 484 18.96 6.07 -19.04
N MET B 485 18.95 7.40 -19.10
CA MET B 485 17.71 8.14 -19.17
C MET B 485 17.02 7.88 -20.50
N SER B 486 15.69 7.74 -20.46
CA SER B 486 14.91 7.47 -21.67
C SER B 486 14.64 8.79 -22.39
N LYS B 487 15.36 9.02 -23.49
CA LYS B 487 15.15 10.24 -24.26
C LYS B 487 13.82 10.22 -25.01
N LYS B 488 13.24 9.04 -25.23
CA LYS B 488 11.98 8.95 -25.94
C LYS B 488 10.79 9.23 -25.03
N LYS B 489 10.87 8.80 -23.77
CA LYS B 489 9.76 8.90 -22.85
C LYS B 489 9.94 9.98 -21.79
N SER B 490 11.06 10.70 -21.81
CA SER B 490 11.31 11.78 -20.87
C SER B 490 11.08 13.12 -21.56
N TYR B 491 10.60 14.09 -20.80
CA TYR B 491 10.41 15.45 -21.31
C TYR B 491 10.58 16.42 -20.16
N CYS B 492 10.57 17.71 -20.48
N CYS B 492 10.54 17.71 -20.48
CA CYS B 492 10.76 18.74 -19.47
CA CYS B 492 10.81 18.76 -19.51
C CYS B 492 9.89 19.94 -19.79
C CYS B 492 9.92 19.96 -19.80
N ASN B 493 9.62 20.73 -18.75
CA ASN B 493 8.86 21.95 -18.88
C ASN B 493 9.21 22.86 -17.70
N GLU B 494 8.57 24.03 -17.65
CA GLU B 494 8.77 24.91 -16.52
C GLU B 494 8.13 24.31 -15.27
N THR B 495 8.80 24.48 -14.13
CA THR B 495 8.33 23.86 -12.90
C THR B 495 6.91 24.30 -12.58
N GLY B 496 6.10 23.34 -12.13
CA GLY B 496 4.71 23.60 -11.85
C GLY B 496 3.81 22.48 -12.34
N MET B 497 4.33 21.69 -13.28
CA MET B 497 3.58 20.59 -13.87
C MET B 497 4.55 19.46 -14.20
N PHE B 498 4.21 18.24 -13.79
CA PHE B 498 5.06 17.09 -14.09
C PHE B 498 4.31 15.82 -13.73
N GLU B 499 4.96 14.68 -13.94
CA GLU B 499 4.41 13.37 -13.62
C GLU B 499 5.51 12.52 -13.01
N PHE B 500 5.14 11.72 -12.01
CA PHE B 500 6.11 10.91 -11.29
C PHE B 500 5.39 9.70 -10.72
N THR B 501 5.86 8.50 -11.09
CA THR B 501 5.29 7.26 -10.59
C THR B 501 3.80 7.20 -10.93
N SER B 502 3.46 7.72 -12.11
CA SER B 502 2.08 7.74 -12.59
C SER B 502 1.19 8.63 -11.73
N MET B 503 1.77 9.57 -11.00
CA MET B 503 1.04 10.59 -10.27
C MET B 503 1.28 11.93 -10.96
N PHE B 504 0.20 12.65 -11.27
CA PHE B 504 0.27 13.84 -12.10
C PHE B 504 0.14 15.08 -11.21
N TYR B 505 1.18 15.89 -11.19
CA TYR B 505 1.23 17.12 -10.40
C TYR B 505 0.96 18.29 -11.33
N ARG B 506 -0.07 19.09 -11.02
CA ARG B 506 -0.38 20.34 -11.72
C ARG B 506 -0.76 21.35 -10.64
N ASP B 507 0.22 22.09 -10.14
CA ASP B 507 0.02 22.99 -9.00
C ASP B 507 -0.63 22.22 -7.86
N GLY B 508 -0.15 21.00 -7.64
CA GLY B 508 -0.77 20.07 -6.70
C GLY B 508 -1.07 18.75 -7.38
N PHE B 509 -1.18 17.68 -6.62
CA PHE B 509 -1.45 16.37 -7.19
C PHE B 509 -2.93 16.21 -7.46
N VAL B 510 -3.27 15.82 -8.68
CA VAL B 510 -4.66 15.64 -9.08
C VAL B 510 -5.09 14.21 -8.80
N SER B 511 -6.39 14.02 -8.67
CA SER B 511 -6.93 12.69 -8.41
C SER B 511 -7.03 11.90 -9.70
N ASN B 512 -6.67 10.61 -9.63
CA ASN B 512 -6.74 9.69 -10.76
C ASN B 512 -7.68 8.56 -10.35
N PHE B 513 -8.97 8.74 -10.66
CA PHE B 513 -9.97 7.77 -10.25
C PHE B 513 -9.92 6.49 -11.06
N ALA B 514 -9.39 6.53 -12.28
CA ALA B 514 -9.41 5.36 -13.14
C ALA B 514 -8.61 4.21 -12.54
N MET B 515 -7.45 4.52 -11.96
CA MET B 515 -6.58 3.46 -11.45
C MET B 515 -7.25 2.62 -10.37
N GLU B 516 -8.27 3.16 -9.69
CA GLU B 516 -8.97 2.44 -8.64
C GLU B 516 -10.15 1.64 -9.16
N LEU B 517 -10.53 1.79 -10.43
CA LEU B 517 -11.71 1.12 -10.94
C LEU B 517 -11.65 -0.40 -10.77
N PRO B 518 -10.54 -1.08 -11.05
CA PRO B 518 -10.54 -2.55 -10.91
C PRO B 518 -10.83 -3.04 -9.50
N SER B 519 -10.65 -2.19 -8.49
CA SER B 519 -10.89 -2.58 -7.11
C SER B 519 -12.35 -2.45 -6.69
N PHE B 520 -13.21 -1.92 -7.57
CA PHE B 520 -14.59 -1.65 -7.21
C PHE B 520 -15.50 -2.85 -7.41
N GLY B 521 -14.97 -3.97 -7.90
CA GLY B 521 -15.76 -5.18 -8.09
C GLY B 521 -15.83 -6.02 -6.83
N VAL B 522 -16.40 -7.20 -6.97
CA VAL B 522 -16.50 -8.15 -5.86
C VAL B 522 -15.13 -8.78 -5.64
N ALA B 523 -14.65 -8.71 -4.39
CA ALA B 523 -13.29 -9.15 -4.11
C ALA B 523 -13.10 -10.63 -4.38
N GLY B 524 -14.06 -11.46 -3.96
CA GLY B 524 -13.96 -12.88 -4.16
C GLY B 524 -13.40 -13.62 -2.97
N VAL B 525 -13.83 -13.25 -1.76
CA VAL B 525 -13.44 -13.95 -0.54
C VAL B 525 -14.64 -14.73 -0.04
N ASN B 526 -15.72 -14.03 0.29
CA ASN B 526 -17.00 -14.62 0.64
C ASN B 526 -18.01 -13.49 0.72
N GLU B 527 -19.27 -13.83 0.99
CA GLU B 527 -20.34 -12.85 0.91
C GLU B 527 -20.12 -11.69 1.87
N SER B 528 -19.95 -11.99 3.16
CA SER B 528 -19.81 -10.92 4.16
C SER B 528 -18.50 -10.17 3.97
N ALA B 529 -17.40 -10.90 3.77
CA ALA B 529 -16.12 -10.25 3.56
C ALA B 529 -16.15 -9.37 2.33
N ASP B 530 -16.79 -9.84 1.25
CA ASP B 530 -16.85 -9.05 0.03
C ASP B 530 -17.71 -7.80 0.23
N MET B 531 -18.83 -7.92 0.96
CA MET B 531 -19.63 -6.74 1.27
C MET B 531 -18.79 -5.71 2.01
N ALA B 532 -18.09 -6.15 3.06
CA ALA B 532 -17.27 -5.22 3.84
C ALA B 532 -16.19 -4.60 2.98
N ILE B 533 -15.53 -5.40 2.14
CA ILE B 533 -14.45 -4.90 1.31
C ILE B 533 -14.96 -3.87 0.31
N GLY B 534 -16.11 -4.13 -0.30
CA GLY B 534 -16.66 -3.18 -1.25
C GLY B 534 -17.04 -1.86 -0.59
N MET B 535 -17.71 -1.93 0.56
CA MET B 535 -18.08 -0.71 1.27
C MET B 535 -16.84 0.08 1.67
N THR B 536 -15.82 -0.61 2.18
CA THR B 536 -14.59 0.07 2.59
C THR B 536 -13.85 0.66 1.39
N ILE B 537 -13.89 -0.03 0.25
CA ILE B 537 -13.27 0.51 -0.96
C ILE B 537 -13.96 1.80 -1.37
N ILE B 538 -15.30 1.80 -1.35
CA ILE B 538 -16.03 3.02 -1.69
C ILE B 538 -15.64 4.15 -0.73
N LYS B 539 -15.60 3.84 0.56
CA LYS B 539 -15.26 4.86 1.56
C LYS B 539 -13.85 5.41 1.33
N ASN B 540 -12.88 4.53 1.10
CA ASN B 540 -11.50 4.98 0.93
C ASN B 540 -11.31 5.74 -0.37
N ASN B 541 -12.05 5.38 -1.42
CA ASN B 541 -11.99 6.15 -2.66
C ASN B 541 -12.64 7.52 -2.49
N MET B 542 -13.69 7.61 -1.68
CA MET B 542 -14.22 8.93 -1.33
C MET B 542 -13.16 9.76 -0.62
N ILE B 543 -12.46 9.16 0.34
CA ILE B 543 -11.50 9.92 1.14
C ILE B 543 -10.31 10.36 0.28
N ASN B 544 -9.74 9.45 -0.51
CA ASN B 544 -8.42 9.64 -1.09
C ASN B 544 -8.44 10.02 -2.56
N ASN B 545 -9.31 9.42 -3.37
CA ASN B 545 -9.25 9.56 -4.82
C ASN B 545 -10.25 10.58 -5.35
N GLY B 546 -10.77 11.45 -4.50
CA GLY B 546 -11.63 12.53 -4.95
C GLY B 546 -12.91 12.07 -5.61
N MET B 547 -13.58 11.09 -5.00
CA MET B 547 -14.85 10.58 -5.50
C MET B 547 -15.98 11.29 -4.76
N GLY B 548 -16.93 11.83 -5.52
CA GLY B 548 -17.98 12.64 -4.94
C GLY B 548 -19.08 11.81 -4.34
N PRO B 549 -19.97 12.48 -3.60
CA PRO B 549 -21.07 11.74 -2.95
C PRO B 549 -22.00 11.05 -3.92
N ALA B 550 -22.37 11.72 -5.02
CA ALA B 550 -23.24 11.09 -6.01
C ALA B 550 -22.54 9.90 -6.66
N THR B 551 -21.26 10.07 -7.02
CA THR B 551 -20.50 8.95 -7.57
C THR B 551 -20.36 7.83 -6.55
N ALA B 552 -20.20 8.18 -5.27
CA ALA B 552 -20.10 7.16 -4.23
C ALA B 552 -21.39 6.37 -4.10
N GLN B 553 -22.54 7.05 -4.14
CA GLN B 553 -23.82 6.36 -4.07
C GLN B 553 -24.04 5.48 -5.31
N THR B 554 -23.67 5.98 -6.48
CA THR B 554 -23.75 5.15 -7.68
C THR B 554 -22.85 3.94 -7.56
N ALA B 555 -21.67 4.10 -6.98
CA ALA B 555 -20.78 2.97 -6.75
C ALA B 555 -21.40 1.96 -5.80
N ILE B 556 -22.07 2.45 -4.76
CA ILE B 556 -22.77 1.55 -3.84
C ILE B 556 -23.80 0.73 -4.61
N GLN B 557 -24.60 1.40 -5.44
CA GLN B 557 -25.63 0.70 -6.20
C GLN B 557 -25.02 -0.33 -7.15
N LEU B 558 -23.95 0.06 -7.85
CA LEU B 558 -23.33 -0.86 -8.80
C LEU B 558 -22.71 -2.05 -8.09
N PHE B 559 -22.07 -1.81 -6.94
CA PHE B 559 -21.52 -2.93 -6.17
C PHE B 559 -22.62 -3.85 -5.69
N ILE B 560 -23.76 -3.30 -5.26
CA ILE B 560 -24.85 -4.15 -4.81
C ILE B 560 -25.37 -5.00 -5.97
N ALA B 561 -25.51 -4.40 -7.16
CA ALA B 561 -25.97 -5.16 -8.31
C ALA B 561 -25.00 -6.27 -8.66
N ASP B 562 -23.71 -5.95 -8.71
CA ASP B 562 -22.70 -6.96 -9.04
C ASP B 562 -22.67 -8.06 -7.98
N TYR B 563 -22.81 -7.68 -6.71
CA TYR B 563 -22.81 -8.64 -5.62
C TYR B 563 -24.00 -9.60 -5.73
N ARG B 564 -25.19 -9.06 -6.01
CA ARG B 564 -26.37 -9.90 -6.14
C ARG B 564 -26.24 -10.84 -7.33
N TYR B 565 -25.67 -10.35 -8.44
CA TYR B 565 -25.53 -11.21 -9.60
C TYR B 565 -24.42 -12.25 -9.41
N THR B 566 -23.40 -11.93 -8.63
CA THR B 566 -22.31 -12.87 -8.39
C THR B 566 -22.72 -13.98 -7.42
N TYR B 567 -23.43 -13.61 -6.35
CA TYR B 567 -23.82 -14.57 -5.32
C TYR B 567 -25.26 -15.03 -5.47
N LYS B 568 -25.94 -14.63 -6.54
CA LYS B 568 -27.30 -15.10 -6.83
C LYS B 568 -28.21 -14.93 -5.62
N CYS B 569 -28.13 -13.73 -5.03
CA CYS B 569 -28.87 -13.40 -3.82
C CYS B 569 -29.71 -12.14 -4.06
N HIS B 570 -30.43 -12.13 -5.18
CA HIS B 570 -31.26 -11.00 -5.53
C HIS B 570 -32.31 -10.76 -4.45
N ARG B 571 -32.99 -9.62 -4.55
CA ARG B 571 -33.97 -9.22 -3.55
C ARG B 571 -35.03 -10.32 -3.39
N GLY B 572 -35.49 -10.50 -2.15
CA GLY B 572 -36.45 -11.56 -1.88
C GLY B 572 -37.76 -11.38 -2.61
N ASP B 573 -38.23 -10.13 -2.75
CA ASP B 573 -39.46 -9.87 -3.46
C ASP B 573 -39.31 -9.93 -4.98
N SER B 574 -38.08 -10.05 -5.48
CA SER B 574 -37.86 -10.13 -6.91
C SER B 574 -38.34 -11.48 -7.44
N LYS B 575 -38.49 -11.54 -8.77
CA LYS B 575 -38.95 -12.75 -9.45
C LYS B 575 -37.80 -13.52 -10.10
N VAL B 576 -36.55 -13.17 -9.78
CA VAL B 576 -35.40 -13.85 -10.39
C VAL B 576 -35.46 -15.34 -10.03
N GLU B 577 -34.98 -16.16 -10.95
CA GLU B 577 -35.03 -17.61 -10.82
C GLU B 577 -33.64 -18.16 -10.51
N GLY B 578 -33.62 -19.27 -9.81
CA GLY B 578 -32.37 -19.91 -9.43
C GLY B 578 -32.56 -20.81 -8.23
N LYS B 579 -31.61 -21.72 -8.04
CA LYS B 579 -31.69 -22.65 -6.92
C LYS B 579 -31.70 -21.91 -5.59
N ARG B 580 -30.82 -20.93 -5.43
CA ARG B 580 -30.81 -20.15 -4.20
C ARG B 580 -32.03 -19.23 -4.12
N MET B 581 -32.55 -18.80 -5.26
CA MET B 581 -33.61 -17.79 -5.25
C MET B 581 -34.91 -18.33 -4.69
N LYS B 582 -35.22 -19.61 -4.89
CA LYS B 582 -36.45 -20.15 -4.31
C LYS B 582 -36.40 -20.09 -2.80
N ILE B 583 -35.28 -20.50 -2.21
CA ILE B 583 -35.13 -20.45 -0.76
C ILE B 583 -35.11 -19.01 -0.29
N ILE B 584 -34.52 -18.11 -1.08
CA ILE B 584 -34.54 -16.69 -0.73
C ILE B 584 -35.98 -16.19 -0.67
N LYS B 585 -36.80 -16.59 -1.65
CA LYS B 585 -38.20 -16.17 -1.67
C LYS B 585 -38.96 -16.74 -0.47
N GLU B 586 -38.72 -18.00 -0.13
CA GLU B 586 -39.38 -18.56 1.04
C GLU B 586 -38.98 -17.82 2.31
N LEU B 587 -37.69 -17.51 2.45
CA LEU B 587 -37.24 -16.74 3.62
C LEU B 587 -37.88 -15.36 3.65
N TRP B 588 -37.98 -14.71 2.49
CA TRP B 588 -38.62 -13.41 2.42
C TRP B 588 -40.08 -13.49 2.85
N GLU B 589 -40.79 -14.52 2.38
CA GLU B 589 -42.19 -14.70 2.78
C GLU B 589 -42.30 -14.95 4.28
N ASN B 590 -41.40 -15.76 4.84
CA ASN B 590 -41.49 -16.17 6.23
C ASN B 590 -41.08 -15.07 7.20
N THR B 591 -40.43 -14.01 6.72
CA THR B 591 -39.82 -13.02 7.61
C THR B 591 -40.74 -11.81 7.79
N LYS B 592 -40.81 -11.32 9.03
CA LYS B 592 -41.55 -10.11 9.35
C LYS B 592 -40.64 -8.89 9.31
N GLY B 593 -39.56 -8.91 10.09
CA GLY B 593 -38.59 -7.83 10.06
C GLY B 593 -37.70 -7.94 8.84
N ARG B 594 -38.29 -7.68 7.68
CA ARG B 594 -37.60 -7.90 6.41
C ARG B 594 -36.38 -6.98 6.25
N ASP B 595 -36.39 -5.81 6.88
CA ASP B 595 -35.26 -4.91 6.77
C ASP B 595 -34.00 -5.48 7.42
N GLY B 596 -34.14 -6.43 8.33
CA GLY B 596 -32.98 -7.03 8.97
C GLY B 596 -32.30 -8.13 8.19
N LEU B 597 -32.90 -8.58 7.09
CA LEU B 597 -32.28 -9.59 6.25
C LEU B 597 -31.07 -9.00 5.53
N LEU B 598 -30.01 -9.80 5.43
CA LEU B 598 -28.82 -9.37 4.72
C LEU B 598 -29.05 -9.44 3.22
N VAL B 599 -28.21 -8.71 2.48
CA VAL B 599 -28.30 -8.72 1.02
C VAL B 599 -28.09 -10.12 0.48
N ALA B 600 -27.18 -10.88 1.11
CA ALA B 600 -26.94 -12.26 0.71
C ALA B 600 -28.14 -13.16 0.98
N ASP B 601 -29.11 -12.70 1.79
CA ASP B 601 -30.30 -13.47 2.11
C ASP B 601 -31.55 -12.86 1.47
N GLY B 602 -31.38 -12.05 0.43
CA GLY B 602 -32.49 -11.41 -0.23
C GLY B 602 -33.01 -10.16 0.45
N GLY B 603 -32.36 -9.71 1.51
CA GLY B 603 -32.80 -8.51 2.19
C GLY B 603 -32.43 -7.25 1.45
N PRO B 604 -33.01 -6.14 1.88
CA PRO B 604 -32.72 -4.86 1.23
C PRO B 604 -31.35 -4.33 1.62
N ASN B 605 -30.84 -3.45 0.77
CA ASN B 605 -29.58 -2.76 1.02
C ASN B 605 -29.89 -1.41 1.68
N ILE B 606 -29.34 -1.19 2.87
CA ILE B 606 -29.56 0.04 3.62
C ILE B 606 -28.26 0.82 3.79
N TYR B 607 -27.29 0.60 2.92
CA TYR B 607 -26.02 1.31 2.98
C TYR B 607 -26.13 2.68 2.32
N ASN B 608 -25.52 3.67 2.95
CA ASN B 608 -25.39 5.01 2.37
C ASN B 608 -24.00 5.53 2.72
N LEU B 609 -23.77 6.81 2.45
CA LEU B 609 -22.44 7.38 2.65
C LEU B 609 -22.04 7.33 4.13
N ARG B 610 -22.96 7.63 5.03
CA ARG B 610 -22.61 7.83 6.43
C ARG B 610 -22.27 6.53 7.14
N ASN B 611 -22.73 5.38 6.64
CA ASN B 611 -22.53 4.10 7.32
C ASN B 611 -21.73 3.12 6.47
N LEU B 612 -20.82 3.64 5.63
CA LEU B 612 -19.97 2.76 4.83
C LEU B 612 -18.97 2.00 5.69
N HIS B 613 -18.77 2.40 6.93
CA HIS B 613 -17.76 1.82 7.81
C HIS B 613 -18.34 0.86 8.84
N ILE B 614 -19.65 0.67 8.85
CA ILE B 614 -20.32 -0.22 9.80
C ILE B 614 -20.52 -1.56 9.12
N PRO B 615 -20.10 -2.68 9.72
CA PRO B 615 -20.37 -3.99 9.12
C PRO B 615 -21.86 -4.23 8.96
N GLU B 616 -22.22 -4.99 7.92
CA GLU B 616 -23.62 -5.15 7.56
C GLU B 616 -24.41 -5.79 8.69
N ILE B 617 -23.87 -6.83 9.33
CA ILE B 617 -24.60 -7.50 10.41
C ILE B 617 -24.82 -6.53 11.56
N VAL B 618 -23.79 -5.76 11.92
CA VAL B 618 -23.94 -4.77 13.00
C VAL B 618 -24.95 -3.71 12.59
N LEU B 619 -24.95 -3.33 11.31
CA LEU B 619 -25.85 -2.29 10.83
C LEU B 619 -27.31 -2.73 10.95
N LYS B 620 -27.59 -4.00 10.64
CA LYS B 620 -28.94 -4.52 10.64
C LYS B 620 -29.27 -5.34 11.89
N TYR B 621 -28.42 -5.28 12.93
CA TYR B 621 -28.58 -6.18 14.06
C TYR B 621 -29.92 -6.00 14.76
N ASN B 622 -30.33 -4.75 14.99
CA ASN B 622 -31.58 -4.52 15.70
C ASN B 622 -32.80 -4.93 14.88
N LEU B 623 -32.73 -4.78 13.56
CA LEU B 623 -33.88 -5.04 12.70
C LEU B 623 -34.13 -6.53 12.46
N MET B 624 -33.17 -7.39 12.78
CA MET B 624 -33.34 -8.82 12.52
C MET B 624 -34.43 -9.40 13.43
N ASP B 625 -35.17 -10.36 12.88
CA ASP B 625 -36.09 -11.14 13.70
C ASP B 625 -35.29 -12.13 14.55
N PRO B 626 -35.77 -12.44 15.76
CA PRO B 626 -34.96 -13.32 16.63
C PRO B 626 -34.63 -14.66 16.00
N GLU B 627 -35.56 -15.27 15.27
CA GLU B 627 -35.29 -16.59 14.69
C GLU B 627 -34.25 -16.49 13.59
N TYR B 628 -34.41 -15.53 12.68
CA TYR B 628 -33.42 -15.35 11.62
C TYR B 628 -32.07 -14.97 12.20
N LYS B 629 -32.06 -14.11 13.22
CA LYS B 629 -30.81 -13.73 13.86
C LYS B 629 -30.11 -14.94 14.47
N GLY B 630 -30.87 -15.80 15.15
CA GLY B 630 -30.28 -16.99 15.72
C GLY B 630 -29.74 -17.95 14.67
N ARG B 631 -30.51 -18.14 13.59
CA ARG B 631 -30.05 -19.04 12.53
C ARG B 631 -28.79 -18.50 11.86
N LEU B 632 -28.76 -17.20 11.55
CA LEU B 632 -27.60 -16.62 10.87
C LEU B 632 -26.36 -16.69 11.74
N LEU B 633 -26.47 -16.18 12.97
CA LEU B 633 -25.34 -16.15 13.91
C LEU B 633 -25.34 -17.37 14.82
N HIS B 634 -25.41 -18.56 14.23
CA HIS B 634 -25.38 -19.78 15.01
C HIS B 634 -23.94 -20.12 15.39
N PRO B 635 -23.61 -20.26 16.68
CA PRO B 635 -22.21 -20.55 17.03
C PRO B 635 -21.66 -21.81 16.40
N GLN B 636 -22.51 -22.81 16.15
CA GLN B 636 -22.07 -24.11 15.66
C GLN B 636 -22.45 -24.34 14.20
N ASN B 637 -22.64 -23.28 13.43
CA ASN B 637 -23.06 -23.45 12.05
C ASN B 637 -21.98 -24.20 11.27
N PRO B 638 -22.35 -25.14 10.40
CA PRO B 638 -21.34 -25.99 9.75
C PRO B 638 -20.58 -25.33 8.62
N PHE B 639 -20.96 -24.12 8.20
CA PHE B 639 -20.36 -23.51 7.03
C PHE B 639 -19.04 -22.80 7.32
N VAL B 640 -18.69 -22.59 8.59
CA VAL B 640 -17.44 -21.95 8.97
C VAL B 640 -16.61 -22.96 9.75
N GLY B 641 -15.33 -23.06 9.41
CA GLY B 641 -14.49 -24.04 10.07
C GLY B 641 -14.46 -23.83 11.57
N HIS B 642 -14.50 -24.95 12.31
CA HIS B 642 -14.46 -24.94 13.75
C HIS B 642 -13.12 -25.47 14.24
N LEU B 643 -12.84 -25.22 15.52
CA LEU B 643 -11.63 -25.69 16.15
C LEU B 643 -11.92 -26.96 16.94
N SER B 644 -11.09 -27.98 16.75
CA SER B 644 -11.26 -29.25 17.44
C SER B 644 -9.93 -29.99 17.57
N ASP B 664 -15.84 -28.63 20.91
CA ASP B 664 -16.28 -27.84 19.77
C ASP B 664 -16.41 -26.37 20.15
N TYR B 665 -15.47 -25.56 19.68
CA TYR B 665 -15.47 -24.13 19.98
C TYR B 665 -16.56 -23.41 19.18
N ASP B 666 -17.00 -22.28 19.72
CA ASP B 666 -18.03 -21.48 19.08
C ASP B 666 -17.40 -20.49 18.10
N ALA B 667 -18.08 -20.30 16.96
CA ALA B 667 -17.68 -19.32 15.95
C ALA B 667 -18.72 -18.22 15.93
N VAL B 668 -18.28 -16.98 16.16
CA VAL B 668 -19.22 -15.87 16.25
C VAL B 668 -19.61 -15.32 14.87
N SER B 669 -18.80 -15.55 13.85
CA SER B 669 -19.13 -15.08 12.51
C SER B 669 -20.36 -15.83 11.98
N GLY B 670 -21.08 -15.16 11.09
CA GLY B 670 -22.30 -15.72 10.55
C GLY B 670 -22.06 -16.82 9.53
N THR B 671 -23.16 -17.33 8.98
CA THR B 671 -23.10 -18.41 8.01
C THR B 671 -22.54 -17.95 6.66
N HIS B 672 -22.44 -16.65 6.43
CA HIS B 672 -21.98 -16.12 5.16
C HIS B 672 -20.46 -15.99 5.09
N SER B 673 -19.74 -16.36 6.14
CA SER B 673 -18.28 -16.37 6.13
C SER B 673 -17.72 -17.71 5.67
N TRP B 674 -18.45 -18.43 4.83
CA TRP B 674 -18.03 -19.74 4.38
C TRP B 674 -16.73 -19.65 3.58
N ARG B 675 -16.18 -20.82 3.25
CA ARG B 675 -14.95 -20.93 2.50
C ARG B 675 -15.15 -21.89 1.33
N THR B 676 -14.61 -21.52 0.18
CA THR B 676 -14.67 -22.37 -1.01
C THR B 676 -13.52 -23.35 -0.98
N LYS B 677 -13.82 -24.63 -1.19
CA LYS B 677 -12.79 -25.66 -1.16
C LYS B 677 -11.95 -25.58 -2.42
N ARG B 678 -10.87 -24.79 -2.37
CA ARG B 678 -10.03 -24.52 -3.53
C ARG B 678 -9.19 -25.75 -3.81
N ASN B 679 -9.75 -26.68 -4.58
CA ASN B 679 -9.06 -27.91 -4.97
C ASN B 679 -8.42 -27.67 -6.34
N ARG B 680 -7.11 -27.37 -6.33
CA ARG B 680 -6.38 -27.14 -7.57
C ARG B 680 -6.11 -28.49 -8.24
N SER B 681 -7.19 -29.14 -8.65
CA SER B 681 -7.12 -30.47 -9.25
C SER B 681 -6.70 -30.31 -10.71
N ILE B 682 -5.39 -30.32 -10.95
CA ILE B 682 -4.89 -30.27 -12.31
C ILE B 682 -5.38 -31.50 -13.06
N LEU B 683 -5.85 -31.29 -14.28
CA LEU B 683 -6.44 -32.38 -15.05
C LEU B 683 -5.39 -33.48 -15.29
N ASN B 684 -5.83 -34.73 -15.18
CA ASN B 684 -4.97 -35.88 -15.40
C ASN B 684 -3.77 -35.91 -14.44
N THR B 685 -4.00 -35.53 -13.19
CA THR B 685 -3.00 -35.63 -12.14
C THR B 685 -3.66 -36.16 -10.87
N ASP B 686 -3.03 -37.16 -10.26
CA ASP B 686 -3.56 -37.80 -9.05
C ASP B 686 -2.46 -37.76 -8.00
N GLN B 687 -2.59 -36.87 -7.01
CA GLN B 687 -1.60 -36.71 -5.96
C GLN B 687 -1.96 -37.63 -4.79
N ARG B 688 -1.68 -38.92 -4.97
CA ARG B 688 -1.93 -39.91 -3.93
C ARG B 688 -0.80 -39.98 -2.90
N ASN B 689 0.29 -39.25 -3.10
CA ASN B 689 1.44 -39.30 -2.21
C ASN B 689 1.85 -37.93 -1.70
N MET B 690 1.69 -36.87 -2.49
CA MET B 690 2.08 -35.54 -2.03
C MET B 690 1.03 -34.98 -1.09
N ILE B 691 -0.25 -35.26 -1.38
CA ILE B 691 -1.33 -34.93 -0.45
C ILE B 691 -1.16 -35.69 0.85
N LEU B 692 -0.58 -36.89 0.80
CA LEU B 692 -0.30 -37.63 2.03
C LEU B 692 0.67 -36.87 2.91
N GLU B 693 1.73 -36.31 2.32
CA GLU B 693 2.67 -35.50 3.09
C GLU B 693 1.99 -34.24 3.63
N GLU B 694 1.17 -33.59 2.80
CA GLU B 694 0.44 -32.43 3.29
C GLU B 694 -0.42 -32.79 4.49
N GLN B 695 -1.13 -33.92 4.42
CA GLN B 695 -2.01 -34.32 5.51
C GLN B 695 -1.22 -34.69 6.76
N CYS B 696 -0.07 -35.34 6.59
CA CYS B 696 0.77 -35.64 7.74
C CYS B 696 1.21 -34.36 8.45
N TYR B 697 1.69 -33.38 7.67
CA TYR B 697 2.09 -32.12 8.27
C TYR B 697 0.90 -31.43 8.93
N ALA B 698 -0.26 -31.49 8.29
CA ALA B 698 -1.46 -30.85 8.85
C ALA B 698 -1.85 -31.49 10.18
N LYS B 699 -1.82 -32.82 10.26
CA LYS B 699 -2.16 -33.50 11.50
C LYS B 699 -1.17 -33.16 12.59
N CYS B 700 0.13 -33.14 12.26
CA CYS B 700 1.12 -32.77 13.28
C CYS B 700 0.89 -31.36 13.79
N CYS B 701 0.64 -30.41 12.88
CA CYS B 701 0.43 -29.03 13.29
C CYS B 701 -0.86 -28.89 14.09
N ASN B 702 -1.91 -29.62 13.70
CA ASN B 702 -3.17 -29.55 14.43
C ASN B 702 -3.00 -30.08 15.85
N LEU B 703 -2.30 -31.20 16.02
CA LEU B 703 -2.05 -31.72 17.36
C LEU B 703 -1.21 -30.74 18.17
N PHE B 704 -0.19 -30.14 17.55
CA PHE B 704 0.61 -29.15 18.26
C PHE B 704 -0.24 -27.98 18.71
N GLU B 705 -1.12 -27.48 17.85
CA GLU B 705 -2.00 -26.38 18.20
C GLU B 705 -2.96 -26.77 19.32
N ALA B 706 -3.47 -28.00 19.28
CA ALA B 706 -4.31 -28.47 20.37
C ALA B 706 -3.56 -28.47 21.69
N CYS B 707 -2.31 -28.92 21.67
CA CYS B 707 -1.49 -28.88 22.88
C CYS B 707 -1.14 -27.45 23.27
N PHE B 708 -0.85 -26.61 22.29
CA PHE B 708 -0.47 -25.21 22.52
C PHE B 708 -1.49 -24.32 21.84
N ASN B 709 -2.35 -23.69 22.65
CA ASN B 709 -3.47 -22.92 22.09
C ASN B 709 -3.02 -21.59 21.51
N SER B 710 -1.92 -21.03 22.01
CA SER B 710 -1.45 -19.72 21.56
C SER B 710 -0.59 -19.79 20.32
N ALA B 711 -0.35 -20.98 19.78
CA ALA B 711 0.54 -21.10 18.62
C ALA B 711 0.00 -20.31 17.44
N SER B 712 -1.30 -20.38 17.19
CA SER B 712 -1.88 -19.64 16.07
C SER B 712 -1.72 -18.14 16.25
N TYR B 713 -2.00 -17.63 17.45
CA TYR B 713 -1.92 -16.19 17.69
C TYR B 713 -0.48 -15.71 17.66
N ARG B 714 0.41 -16.40 18.39
CA ARG B 714 1.80 -16.00 18.52
C ARG B 714 2.69 -17.13 18.03
N LYS B 715 3.75 -16.77 17.31
CA LYS B 715 4.65 -17.77 16.76
C LYS B 715 5.39 -18.47 17.90
N PRO B 716 5.28 -19.79 18.04
CA PRO B 716 6.02 -20.47 19.10
C PRO B 716 7.52 -20.41 18.85
N VAL B 717 8.29 -20.40 19.94
CA VAL B 717 9.73 -20.27 19.89
C VAL B 717 10.36 -21.46 20.62
N GLY B 718 11.43 -21.99 20.04
CA GLY B 718 12.14 -23.09 20.66
C GLY B 718 12.99 -23.87 19.67
N GLN B 719 14.19 -24.25 20.09
CA GLN B 719 15.10 -25.04 19.26
C GLN B 719 14.95 -26.53 19.51
N HIS B 720 14.04 -26.93 20.39
CA HIS B 720 13.80 -28.34 20.68
C HIS B 720 12.71 -28.89 19.76
N SER B 721 12.60 -30.21 19.74
CA SER B 721 11.63 -30.86 18.86
C SER B 721 10.21 -30.61 19.33
N MET B 722 9.28 -30.63 18.37
CA MET B 722 7.86 -30.49 18.71
C MET B 722 7.40 -31.61 19.63
N LEU B 723 7.92 -32.82 19.41
CA LEU B 723 7.51 -33.95 20.23
C LEU B 723 7.85 -33.73 21.70
N GLU B 724 9.05 -33.24 21.99
CA GLU B 724 9.44 -33.02 23.38
C GLU B 724 8.57 -31.97 24.04
N ALA B 725 8.33 -30.85 23.35
CA ALA B 725 7.48 -29.80 23.91
C ALA B 725 6.07 -30.32 24.17
N MET B 726 5.51 -31.05 23.20
CA MET B 726 4.15 -31.57 23.37
C MET B 726 4.10 -32.57 24.52
N ALA B 727 5.10 -33.44 24.63
CA ALA B 727 5.12 -34.42 25.71
C ALA B 727 5.20 -33.74 27.07
N HIS B 728 6.07 -32.74 27.20
CA HIS B 728 6.18 -32.04 28.48
C HIS B 728 4.89 -31.29 28.81
N ARG B 729 4.29 -30.66 27.80
CA ARG B 729 3.03 -29.95 28.01
C ARG B 729 1.94 -30.90 28.48
N LEU B 730 1.83 -32.07 27.84
CA LEU B 730 0.81 -33.04 28.23
C LEU B 730 1.08 -33.60 29.61
N ARG B 731 2.36 -33.84 29.95
CA ARG B 731 2.69 -34.30 31.30
C ARG B 731 2.27 -33.28 32.34
N MET B 732 2.57 -32.00 32.10
CA MET B 732 2.18 -30.97 33.03
C MET B 732 0.66 -30.87 33.14
N ASP B 733 -0.04 -30.95 32.02
CA ASP B 733 -1.49 -30.89 32.05
C ASP B 733 -2.07 -32.04 32.86
N ALA B 734 -1.55 -33.26 32.64
CA ALA B 734 -2.04 -34.41 33.39
C ALA B 734 -1.77 -34.26 34.88
N ARG B 735 -0.56 -33.83 35.24
CA ARG B 735 -0.23 -33.70 36.65
C ARG B 735 -1.10 -32.64 37.33
N LEU B 736 -1.30 -31.50 36.66
CA LEU B 736 -2.10 -30.44 37.26
C LEU B 736 -3.57 -30.82 37.35
N ASP B 737 -4.08 -31.54 36.34
CA ASP B 737 -5.45 -32.04 36.41
C ASP B 737 -5.62 -33.01 37.56
N TYR B 738 -4.65 -33.91 37.74
CA TYR B 738 -4.70 -34.85 38.86
C TYR B 738 -4.68 -34.11 40.19
N GLU B 739 -3.81 -33.11 40.32
CA GLU B 739 -3.71 -32.38 41.58
C GLU B 739 -4.97 -31.56 41.85
N SER B 740 -5.60 -31.04 40.81
CA SER B 740 -6.83 -30.24 40.96
C SER B 740 -8.09 -31.09 41.00
N GLY B 741 -7.97 -32.40 40.88
CA GLY B 741 -9.12 -33.28 40.89
C GLY B 741 -9.81 -33.45 39.56
N ARG B 742 -9.30 -32.85 38.49
CA ARG B 742 -9.92 -33.00 37.18
C ARG B 742 -9.83 -34.44 36.69
N MET B 743 -8.72 -35.11 36.95
CA MET B 743 -8.50 -36.48 36.49
C MET B 743 -8.43 -37.41 37.68
N SER B 744 -9.06 -38.58 37.55
CA SER B 744 -9.11 -39.57 38.61
C SER B 744 -7.82 -40.39 38.61
N LYS B 745 -7.78 -41.46 39.41
CA LYS B 745 -6.58 -42.27 39.50
C LYS B 745 -6.31 -43.03 38.22
N ASP B 746 -7.32 -43.71 37.68
CA ASP B 746 -7.11 -44.59 36.53
C ASP B 746 -6.68 -43.81 35.30
N ASP B 747 -7.35 -42.69 35.03
CA ASP B 747 -6.99 -41.88 33.87
C ASP B 747 -5.59 -41.29 34.02
N PHE B 748 -5.23 -40.86 35.23
CA PHE B 748 -3.88 -40.36 35.44
C PHE B 748 -2.85 -41.45 35.21
N GLU B 749 -3.12 -42.66 35.69
CA GLU B 749 -2.20 -43.77 35.46
C GLU B 749 -2.06 -44.05 33.97
N LYS B 750 -3.17 -44.06 33.23
CA LYS B 750 -3.12 -44.31 31.80
C LYS B 750 -2.31 -43.22 31.09
N ALA B 751 -2.53 -41.96 31.46
CA ALA B 751 -1.79 -40.87 30.85
C ALA B 751 -0.30 -40.98 31.14
N MET B 752 0.06 -41.31 32.38
CA MET B 752 1.47 -41.45 32.73
C MET B 752 2.10 -42.61 31.96
N ALA B 753 1.38 -43.73 31.84
CA ALA B 753 1.92 -44.86 31.08
C ALA B 753 2.13 -44.49 29.62
N HIS B 754 1.15 -43.81 29.02
CA HIS B 754 1.29 -43.41 27.62
C HIS B 754 2.47 -42.46 27.44
N LEU B 755 2.62 -41.50 28.36
CA LEU B 755 3.73 -40.55 28.25
C LEU B 755 5.07 -41.26 28.41
N GLY B 756 5.17 -42.17 29.38
CA GLY B 756 6.42 -42.91 29.55
C GLY B 756 6.75 -43.75 28.34
N GLU B 757 5.73 -44.35 27.71
CA GLU B 757 5.97 -45.10 26.49
C GLU B 757 6.53 -44.21 25.40
N ILE B 758 5.99 -43.00 25.25
CA ILE B 758 6.44 -42.07 24.24
C ILE B 758 7.88 -41.64 24.54
N MET C 10 -9.35 -32.10 28.28
CA MET C 10 -9.26 -33.38 27.53
C MET C 10 -7.80 -33.78 27.34
N THR C 11 -7.04 -33.74 28.44
CA THR C 11 -5.62 -34.09 28.36
C THR C 11 -5.43 -35.53 27.92
N LEU C 12 -6.21 -36.45 28.48
CA LEU C 12 -6.06 -37.86 28.13
C LEU C 12 -6.35 -38.09 26.65
N ALA C 13 -7.36 -37.41 26.12
CA ALA C 13 -7.64 -37.53 24.69
C ALA C 13 -6.48 -37.04 23.86
N LYS C 14 -5.84 -35.94 24.28
CA LYS C 14 -4.66 -35.45 23.57
C LYS C 14 -3.52 -36.45 23.62
N ILE C 15 -3.31 -37.09 24.78
CA ILE C 15 -2.24 -38.07 24.89
C ILE C 15 -2.52 -39.26 23.98
N GLU C 16 -3.77 -39.72 23.95
CA GLU C 16 -4.12 -40.83 23.07
C GLU C 16 -3.93 -40.46 21.61
N LEU C 17 -4.34 -39.24 21.23
CA LEU C 17 -4.14 -38.79 19.85
C LEU C 17 -2.67 -38.73 19.51
N LEU C 18 -1.84 -38.24 20.43
CA LEU C 18 -0.40 -38.17 20.19
C LEU C 18 0.18 -39.57 20.00
N LYS C 19 -0.25 -40.53 20.81
CA LYS C 19 0.24 -41.90 20.65
C LYS C 19 -0.18 -42.47 19.29
N GLN C 20 -1.44 -42.29 18.91
CA GLN C 20 -1.90 -42.81 17.63
C GLN C 20 -1.14 -42.16 16.48
N LEU C 21 -0.90 -40.86 16.56
CA LEU C 21 -0.11 -40.19 15.54
C LEU C 21 1.32 -40.71 15.52
N LEU C 22 1.90 -40.97 16.69
CA LEU C 22 3.25 -41.51 16.75
C LEU C 22 3.32 -42.93 16.21
N ARG C 23 2.21 -43.65 16.14
CA ARG C 23 2.24 -44.95 15.48
C ARG C 23 2.71 -44.81 14.03
N ASP C 24 2.22 -43.79 13.33
CA ASP C 24 2.68 -43.52 11.97
C ASP C 24 4.16 -43.18 12.00
N ASN C 25 4.93 -43.84 11.13
CA ASN C 25 6.37 -43.58 11.05
C ASN C 25 6.64 -42.17 10.54
N GLU C 26 5.94 -41.76 9.49
CA GLU C 26 6.18 -40.44 8.91
C GLU C 26 5.87 -39.34 9.91
N ALA C 27 4.71 -39.42 10.58
CA ALA C 27 4.39 -38.42 11.59
C ALA C 27 5.42 -38.44 12.71
N LYS C 28 5.94 -39.62 13.06
CA LYS C 28 6.95 -39.70 14.10
C LYS C 28 8.20 -38.93 13.70
N THR C 29 8.66 -39.12 12.46
CA THR C 29 9.89 -38.45 12.06
C THR C 29 9.67 -36.94 11.94
N VAL C 30 8.50 -36.51 11.48
CA VAL C 30 8.20 -35.08 11.45
C VAL C 30 8.23 -34.50 12.86
N LEU C 31 7.58 -35.17 13.81
CA LEU C 31 7.53 -34.65 15.16
C LEU C 31 8.92 -34.60 15.79
N LYS C 32 9.75 -35.63 15.54
CA LYS C 32 11.05 -35.69 16.18
C LYS C 32 12.03 -34.70 15.53
N GLN C 33 11.96 -34.52 14.22
CA GLN C 33 12.95 -33.72 13.50
C GLN C 33 12.54 -32.26 13.34
N THR C 34 11.27 -31.93 13.56
CA THR C 34 10.80 -30.55 13.40
C THR C 34 10.87 -29.85 14.75
N THR C 35 11.65 -28.77 14.80
CA THR C 35 11.76 -27.98 16.01
C THR C 35 10.53 -27.10 16.20
N VAL C 36 10.39 -26.55 17.40
CA VAL C 36 9.25 -25.67 17.70
C VAL C 36 9.32 -24.43 16.83
N ASP C 37 10.53 -23.92 16.59
CA ASP C 37 10.69 -22.79 15.66
C ASP C 37 10.26 -23.18 14.25
N GLN C 38 10.65 -24.38 13.81
CA GLN C 38 10.34 -24.82 12.46
C GLN C 38 8.87 -25.18 12.27
N TYR C 39 8.09 -25.29 13.35
CA TYR C 39 6.66 -25.53 13.20
C TYR C 39 6.03 -24.49 12.29
N ASN C 40 6.39 -23.22 12.49
CA ASN C 40 5.84 -22.15 11.67
C ASN C 40 6.08 -22.37 10.19
N ILE C 41 7.12 -23.13 9.83
CA ILE C 41 7.32 -23.51 8.44
C ILE C 41 6.27 -24.52 8.00
N ILE C 42 6.19 -25.65 8.72
CA ILE C 42 5.32 -26.73 8.28
C ILE C 42 3.86 -26.37 8.46
N ARG C 43 3.55 -25.38 9.31
CA ARG C 43 2.18 -24.88 9.39
C ARG C 43 1.72 -24.32 8.05
N LYS C 44 2.64 -23.74 7.28
CA LYS C 44 2.31 -23.15 5.99
C LYS C 44 2.55 -24.09 4.82
N PHE C 45 2.95 -25.33 5.08
CA PHE C 45 3.24 -26.26 3.99
C PHE C 45 2.01 -26.46 3.12
N ASN C 46 2.15 -26.21 1.83
CA ASN C 46 1.05 -26.29 0.88
C ASN C 46 1.58 -26.87 -0.42
N THR C 47 0.89 -27.89 -0.93
CA THR C 47 1.35 -28.62 -2.09
C THR C 47 1.15 -27.87 -3.41
N SER C 48 0.14 -27.00 -3.49
CA SER C 48 -0.22 -26.35 -4.75
C SER C 48 -0.26 -24.84 -4.57
N ARG C 49 0.13 -24.12 -5.61
CA ARG C 49 0.05 -22.67 -5.60
C ARG C 49 -1.41 -22.24 -5.48
N ILE C 50 -1.63 -21.17 -4.73
CA ILE C 50 -2.97 -20.64 -4.53
C ILE C 50 -3.44 -19.98 -5.81
N GLU C 51 -4.69 -20.25 -6.19
CA GLU C 51 -5.24 -19.70 -7.42
C GLU C 51 -5.24 -18.17 -7.38
N LYS C 52 -4.95 -17.56 -8.51
CA LYS C 52 -4.93 -16.10 -8.63
C LYS C 52 -6.25 -15.59 -9.19
N ASN C 53 -6.43 -14.28 -9.09
CA ASN C 53 -7.64 -13.64 -9.59
C ASN C 53 -8.86 -14.19 -8.86
N PRO C 54 -8.98 -13.96 -7.54
CA PRO C 54 -10.11 -14.53 -6.81
C PRO C 54 -11.46 -13.97 -7.23
N SER C 55 -11.52 -12.80 -7.85
CA SER C 55 -12.80 -12.30 -8.35
C SER C 55 -13.32 -13.19 -9.47
N LEU C 56 -12.48 -13.47 -10.46
CA LEU C 56 -12.87 -14.39 -11.53
C LEU C 56 -13.13 -15.78 -10.98
N ARG C 57 -12.31 -16.23 -10.03
CA ARG C 57 -12.51 -17.56 -9.44
C ARG C 57 -13.85 -17.64 -8.73
N MET C 58 -14.24 -16.59 -8.01
CA MET C 58 -15.52 -16.59 -7.32
C MET C 58 -16.67 -16.55 -8.31
N LYS C 59 -16.58 -15.69 -9.33
CA LYS C 59 -17.63 -15.64 -10.34
C LYS C 59 -17.78 -16.98 -11.04
N TRP C 60 -16.67 -17.70 -11.24
CA TRP C 60 -16.70 -19.00 -11.90
C TRP C 60 -17.27 -20.09 -10.99
N ALA C 61 -16.88 -20.08 -9.71
CA ALA C 61 -17.28 -21.14 -8.80
C ALA C 61 -18.73 -21.02 -8.36
N MET C 62 -19.25 -19.80 -8.27
CA MET C 62 -20.65 -19.63 -7.87
C MET C 62 -21.61 -20.24 -8.87
N CYS C 63 -21.15 -20.51 -10.09
CA CYS C 63 -21.95 -21.20 -11.09
C CYS C 63 -21.84 -22.71 -10.98
N SER C 64 -21.04 -23.22 -10.05
CA SER C 64 -20.89 -24.66 -9.86
C SER C 64 -22.04 -25.21 -9.01
N ASN C 65 -22.00 -26.51 -8.76
CA ASN C 65 -23.04 -27.16 -7.98
C ASN C 65 -22.78 -27.08 -6.48
N PHE C 66 -21.60 -27.52 -6.04
CA PHE C 66 -21.25 -27.59 -4.62
C PHE C 66 -19.86 -27.00 -4.41
N PRO C 67 -19.74 -25.67 -4.44
CA PRO C 67 -18.43 -25.04 -4.25
C PRO C 67 -18.04 -24.85 -2.79
N LEU C 68 -18.97 -25.01 -1.84
CA LEU C 68 -18.71 -24.74 -0.44
C LEU C 68 -18.41 -26.02 0.31
N ALA C 69 -17.53 -25.90 1.31
CA ALA C 69 -17.14 -27.02 2.16
C ALA C 69 -17.98 -27.03 3.43
N LEU C 70 -18.33 -28.23 3.88
CA LEU C 70 -19.13 -28.41 5.08
C LEU C 70 -18.29 -28.95 6.22
N THR C 71 -18.63 -28.56 7.44
CA THR C 71 -17.98 -29.06 8.64
C THR C 71 -18.77 -30.25 9.16
N LYS C 72 -18.17 -31.44 9.09
CA LYS C 72 -18.87 -32.66 9.45
C LYS C 72 -19.28 -32.63 10.93
N GLY C 73 -20.54 -32.94 11.19
CA GLY C 73 -21.04 -32.97 12.55
C GLY C 73 -22.55 -33.12 12.55
N ASP C 74 -23.12 -32.98 13.74
CA ASP C 74 -24.58 -33.05 13.87
C ASP C 74 -25.24 -31.93 13.08
N MET C 75 -24.68 -30.72 13.16
CA MET C 75 -25.28 -29.58 12.47
C MET C 75 -25.27 -29.79 10.96
N ALA C 76 -24.17 -30.32 10.41
CA ALA C 76 -24.13 -30.57 8.98
C ALA C 76 -25.19 -31.59 8.56
N ASN C 77 -25.37 -32.64 9.36
CA ASN C 77 -26.36 -33.66 9.03
C ASN C 77 -27.78 -33.11 9.11
N ARG C 78 -28.00 -32.01 9.83
CA ARG C 78 -29.33 -31.41 9.87
C ARG C 78 -29.77 -30.92 8.51
N ILE C 79 -28.83 -30.65 7.61
CA ILE C 79 -29.14 -30.13 6.27
C ILE C 79 -29.63 -31.30 5.41
N PRO C 80 -30.84 -31.24 4.87
CA PRO C 80 -31.33 -32.36 4.04
C PRO C 80 -30.54 -32.49 2.76
N LEU C 81 -30.54 -33.71 2.21
CA LEU C 81 -29.86 -33.96 0.95
C LEU C 81 -30.47 -33.10 -0.17
N GLU C 82 -31.78 -33.00 -0.21
CA GLU C 82 -32.47 -32.16 -1.17
C GLU C 82 -33.57 -31.38 -0.46
N TYR C 83 -33.94 -30.25 -1.05
CA TYR C 83 -35.02 -29.42 -0.52
C TYR C 83 -35.83 -28.88 -1.70
N LYS C 84 -37.05 -29.39 -1.87
CA LYS C 84 -37.95 -28.95 -2.93
C LYS C 84 -37.27 -29.01 -4.29
N GLY C 85 -36.60 -30.13 -4.55
CA GLY C 85 -35.99 -30.36 -5.84
C GLY C 85 -34.62 -29.76 -6.03
N ILE C 86 -34.01 -29.21 -4.98
CA ILE C 86 -32.67 -28.63 -5.05
C ILE C 86 -31.76 -29.45 -4.14
N GLN C 87 -30.62 -29.88 -4.68
CA GLN C 87 -29.64 -30.65 -3.92
C GLN C 87 -28.71 -29.69 -3.20
N LEU C 88 -28.80 -29.65 -1.87
CA LEU C 88 -28.03 -28.71 -1.07
C LEU C 88 -26.63 -29.23 -0.73
N LYS C 89 -26.44 -30.55 -0.73
CA LYS C 89 -25.17 -31.15 -0.33
C LYS C 89 -24.87 -32.34 -1.22
N THR C 90 -23.59 -32.71 -1.24
CA THR C 90 -23.18 -33.92 -1.96
C THR C 90 -23.62 -35.15 -1.19
N ASN C 91 -23.97 -36.20 -1.94
CA ASN C 91 -24.39 -37.46 -1.34
C ASN C 91 -23.19 -38.21 -0.77
N LYS C 98 -13.53 -38.15 2.04
CA LYS C 98 -13.66 -37.47 0.76
C LYS C 98 -13.81 -35.96 0.94
N GLY C 99 -14.70 -35.57 1.85
CA GLY C 99 -14.96 -34.17 2.12
C GLY C 99 -16.29 -33.72 1.57
N GLN C 100 -17.28 -33.58 2.44
CA GLN C 100 -18.61 -33.17 2.01
C GLN C 100 -18.59 -31.71 1.54
N MET C 101 -19.35 -31.44 0.49
CA MET C 101 -19.47 -30.10 -0.06
C MET C 101 -20.95 -29.76 -0.19
N CYS C 102 -21.24 -28.46 -0.21
CA CYS C 102 -22.61 -27.98 -0.30
C CYS C 102 -22.67 -26.79 -1.24
N SER C 103 -23.89 -26.38 -1.56
CA SER C 103 -24.14 -25.21 -2.38
C SER C 103 -24.58 -24.03 -1.52
N ILE C 104 -24.52 -22.83 -2.11
CA ILE C 104 -24.96 -21.64 -1.40
C ILE C 104 -26.43 -21.78 -1.02
N ALA C 105 -27.20 -22.53 -1.79
CA ALA C 105 -28.58 -22.83 -1.39
C ALA C 105 -28.61 -23.50 -0.04
N ALA C 106 -27.58 -24.26 0.31
CA ALA C 106 -27.52 -24.85 1.66
C ALA C 106 -27.41 -23.77 2.71
N VAL C 107 -26.59 -22.75 2.47
CA VAL C 107 -26.47 -21.64 3.41
C VAL C 107 -27.81 -20.94 3.56
N THR C 108 -28.49 -20.67 2.44
CA THR C 108 -29.80 -20.03 2.52
C THR C 108 -30.80 -20.88 3.28
N TRP C 109 -30.79 -22.20 3.03
CA TRP C 109 -31.69 -23.09 3.74
C TRP C 109 -31.43 -23.05 5.24
N TRP C 110 -30.16 -23.06 5.63
CA TRP C 110 -29.83 -22.97 7.04
C TRP C 110 -30.33 -21.65 7.62
N ASN C 111 -30.17 -20.56 6.87
CA ASN C 111 -30.63 -19.27 7.38
C ASN C 111 -32.13 -19.21 7.52
N THR C 112 -32.88 -19.95 6.70
CA THR C 112 -34.34 -19.84 6.75
C THR C 112 -35.01 -20.88 7.64
N TYR C 113 -34.49 -22.12 7.68
CA TYR C 113 -35.08 -23.19 8.48
C TYR C 113 -34.09 -23.85 9.43
N GLY C 114 -32.86 -23.34 9.53
CA GLY C 114 -31.86 -23.96 10.36
C GLY C 114 -32.16 -23.80 11.84
N PRO C 115 -31.39 -24.48 12.68
CA PRO C 115 -31.61 -24.37 14.13
C PRO C 115 -31.31 -22.97 14.64
N ILE C 116 -32.00 -22.59 15.71
CA ILE C 116 -31.83 -21.28 16.33
C ILE C 116 -30.81 -21.39 17.44
N GLY C 117 -29.75 -20.58 17.36
CA GLY C 117 -28.70 -20.57 18.34
C GLY C 117 -28.66 -19.27 19.14
N ASP C 118 -27.66 -19.18 20.01
CA ASP C 118 -27.47 -18.03 20.88
C ASP C 118 -26.52 -17.03 20.21
N THR C 119 -26.75 -15.74 20.48
CA THR C 119 -26.02 -14.66 19.81
C THR C 119 -25.18 -13.84 20.79
N GLU C 120 -24.92 -14.36 21.99
CA GLU C 120 -24.10 -13.62 22.95
C GLU C 120 -22.68 -13.45 22.43
N GLY C 121 -22.12 -14.50 21.81
CA GLY C 121 -20.74 -14.44 21.36
C GLY C 121 -20.52 -13.34 20.33
N PHE C 122 -21.42 -13.21 19.37
CA PHE C 122 -21.27 -12.17 18.36
C PHE C 122 -21.33 -10.79 19.00
N GLU C 123 -22.27 -10.58 19.93
CA GLU C 123 -22.38 -9.28 20.57
C GLU C 123 -21.13 -8.95 21.36
N ARG C 124 -20.54 -9.94 22.04
CA ARG C 124 -19.33 -9.70 22.81
C ARG C 124 -18.15 -9.41 21.90
N VAL C 125 -17.95 -10.24 20.88
CA VAL C 125 -16.74 -10.15 20.06
C VAL C 125 -16.68 -8.83 19.31
N TYR C 126 -17.81 -8.38 18.76
CA TYR C 126 -17.84 -7.21 17.89
C TYR C 126 -18.35 -5.97 18.62
N GLU C 127 -18.00 -5.82 19.90
CA GLU C 127 -18.43 -4.66 20.66
C GLU C 127 -17.87 -3.37 20.07
N SER C 128 -16.70 -3.42 19.47
CA SER C 128 -16.12 -2.22 18.86
C SER C 128 -17.00 -1.71 17.72
N PHE C 129 -17.48 -2.62 16.88
CA PHE C 129 -18.35 -2.20 15.77
C PHE C 129 -19.69 -1.71 16.28
N PHE C 130 -20.21 -2.30 17.35
CA PHE C 130 -21.46 -1.79 17.92
C PHE C 130 -21.27 -0.41 18.52
N LEU C 131 -20.11 -0.17 19.14
CA LEU C 131 -19.81 1.18 19.63
C LEU C 131 -19.71 2.17 18.47
N ARG C 132 -19.11 1.73 17.36
CA ARG C 132 -19.05 2.56 16.16
C ARG C 132 -20.44 2.92 15.67
N LYS C 133 -21.34 1.92 15.61
CA LYS C 133 -22.70 2.16 15.17
C LYS C 133 -23.42 3.11 16.11
N MET C 134 -23.24 2.93 17.42
CA MET C 134 -23.87 3.82 18.39
C MET C 134 -23.35 5.24 18.22
N ARG C 135 -22.04 5.39 18.00
CA ARG C 135 -21.48 6.72 17.78
C ARG C 135 -22.07 7.38 16.55
N LEU C 136 -22.25 6.62 15.48
CA LEU C 136 -22.90 7.17 14.28
C LEU C 136 -24.34 7.55 14.56
N ASP C 137 -25.08 6.69 15.28
CA ASP C 137 -26.52 6.91 15.47
C ASP C 137 -26.78 8.12 16.35
N ASN C 138 -26.04 8.26 17.45
CA ASN C 138 -26.22 9.38 18.37
C ASN C 138 -25.41 10.59 17.92
N ALA C 139 -25.58 10.98 16.65
CA ALA C 139 -24.80 12.05 16.05
C ALA C 139 -25.74 13.06 15.42
N THR C 140 -25.30 14.32 15.43
CA THR C 140 -26.04 15.42 14.83
C THR C 140 -25.29 15.90 13.59
N TRP C 141 -26.04 16.27 12.56
CA TRP C 141 -25.47 16.76 11.31
C TRP C 141 -25.84 18.22 11.14
N GLY C 142 -24.85 19.06 10.88
CA GLY C 142 -25.05 20.47 10.63
C GLY C 142 -25.20 20.76 9.15
N ARG C 143 -25.00 22.02 8.80
CA ARG C 143 -25.15 22.45 7.42
C ARG C 143 -24.00 21.93 6.57
N ILE C 144 -24.21 21.95 5.26
CA ILE C 144 -23.18 21.61 4.28
C ILE C 144 -22.85 22.87 3.50
N THR C 145 -21.56 23.20 3.46
CA THR C 145 -21.07 24.41 2.82
C THR C 145 -20.27 24.05 1.58
N PHE C 146 -20.36 24.89 0.55
CA PHE C 146 -19.64 24.70 -0.69
C PHE C 146 -18.58 25.79 -0.82
N GLY C 147 -17.33 25.38 -0.98
CA GLY C 147 -16.23 26.32 -1.07
C GLY C 147 -14.91 25.59 -0.98
N PRO C 148 -13.81 26.31 -1.23
CA PRO C 148 -12.50 25.67 -1.19
C PRO C 148 -12.21 25.08 0.19
N VAL C 149 -11.60 23.89 0.19
CA VAL C 149 -11.16 23.23 1.40
C VAL C 149 -9.71 22.78 1.18
N GLU C 150 -8.80 23.28 2.01
CA GLU C 150 -7.41 22.89 1.95
C GLU C 150 -7.17 21.77 2.95
N ARG C 151 -6.80 20.59 2.45
CA ARG C 151 -6.60 19.41 3.26
C ARG C 151 -5.12 19.07 3.32
N VAL C 152 -4.64 18.73 4.51
CA VAL C 152 -3.24 18.38 4.73
C VAL C 152 -3.18 16.91 5.10
N ARG C 153 -2.19 16.21 4.55
CA ARG C 153 -2.04 14.78 4.80
C ARG C 153 -1.26 14.59 6.10
N LYS C 154 -1.92 14.02 7.10
CA LYS C 154 -1.34 13.82 8.42
C LYS C 154 -1.58 12.38 8.87
N ARG C 155 -0.70 11.90 9.76
CA ARG C 155 -0.87 10.58 10.34
C ARG C 155 -1.84 10.69 11.50
N VAL C 156 -3.01 10.07 11.34
CA VAL C 156 -4.10 10.19 12.31
C VAL C 156 -4.59 8.80 12.69
N LEU C 157 -5.20 8.72 13.87
CA LEU C 157 -5.80 7.49 14.36
C LEU C 157 -7.13 7.24 13.69
N LEU C 158 -7.37 6.00 13.29
CA LEU C 158 -8.56 5.68 12.51
C LEU C 158 -9.79 5.51 13.39
N ASN C 159 -9.68 4.74 14.47
CA ASN C 159 -10.83 4.43 15.30
C ASN C 159 -10.52 4.75 16.76
N PRO C 160 -11.51 5.21 17.53
CA PRO C 160 -11.25 5.50 18.95
C PRO C 160 -10.99 4.24 19.75
N LEU C 161 -10.13 4.36 20.76
CA LEU C 161 -9.84 3.28 21.69
C LEU C 161 -9.89 3.84 23.11
N THR C 162 -10.58 3.13 24.00
CA THR C 162 -10.61 3.55 25.40
C THR C 162 -9.21 3.47 26.02
N LYS C 163 -8.49 2.38 25.74
CA LYS C 163 -7.12 2.20 26.20
C LYS C 163 -6.25 1.87 24.99
N GLU C 164 -5.12 2.56 24.87
CA GLU C 164 -4.23 2.42 23.72
C GLU C 164 -2.84 2.07 24.21
N MET C 165 -2.24 1.04 23.63
CA MET C 165 -0.89 0.62 23.93
C MET C 165 -0.24 0.14 22.63
N PRO C 166 1.09 0.15 22.57
CA PRO C 166 1.78 -0.28 21.35
C PRO C 166 1.56 -1.76 21.08
N PRO C 167 1.76 -2.20 19.83
CA PRO C 167 1.44 -3.60 19.51
C PRO C 167 2.13 -4.62 20.39
N ASP C 168 3.38 -4.39 20.79
CA ASP C 168 4.06 -5.35 21.65
C ASP C 168 3.38 -5.45 23.02
N GLU C 169 3.07 -4.30 23.63
CA GLU C 169 2.39 -4.31 24.92
C GLU C 169 1.01 -4.94 24.79
N ALA C 170 0.27 -4.61 23.74
CA ALA C 170 -1.05 -5.19 23.53
C ALA C 170 -0.96 -6.70 23.36
N SER C 171 0.03 -7.17 22.61
CA SER C 171 0.21 -8.61 22.43
C SER C 171 0.54 -9.29 23.75
N ASN C 172 1.39 -8.66 24.57
CA ASN C 172 1.70 -9.24 25.88
C ASN C 172 0.45 -9.31 26.75
N VAL C 173 -0.36 -8.25 26.75
CA VAL C 173 -1.58 -8.23 27.56
C VAL C 173 -2.54 -9.31 27.06
N ILE C 174 -2.67 -9.46 25.74
CA ILE C 174 -3.57 -10.47 25.20
C ILE C 174 -3.08 -11.86 25.57
N MET C 175 -1.77 -12.10 25.49
CA MET C 175 -1.23 -13.40 25.88
C MET C 175 -1.51 -13.68 27.36
N GLU C 176 -1.34 -12.67 28.20
CA GLU C 176 -1.63 -12.86 29.62
C GLU C 176 -3.11 -13.16 29.85
N ILE C 177 -3.99 -12.46 29.14
CA ILE C 177 -5.42 -12.64 29.35
C ILE C 177 -5.88 -14.02 28.88
N LEU C 178 -5.49 -14.41 27.67
CA LEU C 178 -6.04 -15.60 27.04
C LEU C 178 -5.15 -16.83 27.18
N PHE C 179 -3.84 -16.67 27.15
CA PHE C 179 -2.91 -17.79 27.22
C PHE C 179 -1.87 -17.54 28.29
N PRO C 180 -2.30 -17.41 29.56
CA PRO C 180 -1.33 -17.14 30.63
C PRO C 180 -0.28 -18.23 30.79
N LYS C 181 -0.64 -19.49 30.55
CA LYS C 181 0.29 -20.59 30.77
C LYS C 181 1.51 -20.46 29.86
N GLU C 182 1.28 -20.32 28.56
CA GLU C 182 2.36 -20.21 27.59
C GLU C 182 2.59 -18.73 27.22
N ALA C 183 2.90 -17.94 28.24
CA ALA C 183 3.13 -16.50 28.07
C ALA C 183 4.60 -16.13 28.10
N GLY C 184 5.44 -16.91 28.78
CA GLY C 184 6.87 -16.65 28.81
C GLY C 184 7.32 -15.72 29.90
N ILE C 185 8.27 -14.86 29.59
CA ILE C 185 8.84 -13.96 30.61
C ILE C 185 7.79 -12.96 31.06
N PRO C 186 7.59 -12.76 32.36
CA PRO C 186 6.66 -11.69 32.80
C PRO C 186 7.28 -10.31 32.63
N ARG C 187 7.18 -9.76 31.42
CA ARG C 187 7.80 -8.48 31.13
C ARG C 187 7.27 -7.41 32.08
N GLU C 188 8.19 -6.57 32.58
CA GLU C 188 7.80 -5.50 33.50
C GLU C 188 6.86 -4.51 32.82
N SER C 189 6.93 -4.40 31.49
CA SER C 189 6.07 -3.46 30.78
C SER C 189 4.59 -3.78 30.97
N THR C 190 4.26 -5.03 31.32
CA THR C 190 2.88 -5.41 31.56
C THR C 190 2.38 -4.99 32.94
N TRP C 191 3.29 -4.58 33.83
CA TRP C 191 2.89 -4.26 35.20
C TRP C 191 1.72 -3.27 35.22
N ILE C 192 1.85 -2.18 34.45
CA ILE C 192 0.82 -1.14 34.48
C ILE C 192 -0.55 -1.70 34.14
N HIS C 193 -0.61 -2.69 33.27
CA HIS C 193 -1.87 -3.23 32.80
C HIS C 193 -2.36 -4.42 33.62
N ARG C 194 -1.63 -4.81 34.68
CA ARG C 194 -1.98 -6.02 35.41
C ARG C 194 -3.45 -6.01 35.82
N GLU C 195 -3.88 -4.92 36.47
CA GLU C 195 -5.28 -4.82 36.88
C GLU C 195 -6.20 -5.07 35.69
N LEU C 196 -5.97 -4.37 34.58
CA LEU C 196 -6.81 -4.55 33.41
C LEU C 196 -6.89 -6.03 33.03
N ILE C 197 -5.75 -6.73 33.05
CA ILE C 197 -5.75 -8.14 32.67
C ILE C 197 -6.75 -8.90 33.53
N LYS C 198 -6.69 -8.70 34.84
CA LYS C 198 -7.64 -9.37 35.73
C LYS C 198 -9.07 -9.12 35.26
N GLU C 199 -9.40 -7.85 35.02
CA GLU C 199 -10.75 -7.51 34.56
C GLU C 199 -11.12 -8.35 33.36
N LYS C 200 -10.24 -8.42 32.36
CA LYS C 200 -10.55 -9.20 31.17
C LYS C 200 -10.70 -10.68 31.53
N ARG C 201 -9.80 -11.20 32.37
CA ARG C 201 -9.93 -12.58 32.78
C ARG C 201 -11.22 -12.83 33.55
N GLU C 202 -11.80 -11.78 34.13
CA GLU C 202 -13.11 -11.91 34.76
C GLU C 202 -14.21 -12.08 33.71
N LYS C 203 -14.12 -11.32 32.61
CA LYS C 203 -15.17 -11.35 31.61
C LYS C 203 -15.13 -12.59 30.74
N LEU C 204 -13.94 -13.15 30.52
CA LEU C 204 -13.75 -14.30 29.64
C LEU C 204 -13.49 -15.59 30.39
N LYS C 205 -13.91 -15.67 31.66
CA LYS C 205 -13.66 -16.88 32.45
C LYS C 205 -14.37 -18.09 31.84
N GLY C 206 -15.63 -17.92 31.42
CA GLY C 206 -16.42 -19.02 30.92
C GLY C 206 -16.92 -18.83 29.51
N THR C 207 -16.08 -18.26 28.64
CA THR C 207 -16.47 -18.00 27.25
C THR C 207 -16.05 -19.18 26.38
N MET C 208 -17.01 -19.68 25.59
CA MET C 208 -16.78 -20.82 24.71
C MET C 208 -16.37 -20.40 23.30
N ILE C 209 -15.87 -19.18 23.14
CA ILE C 209 -15.46 -18.67 21.84
C ILE C 209 -14.00 -19.06 21.59
N THR C 210 -13.66 -19.24 20.32
CA THR C 210 -12.31 -19.67 19.99
C THR C 210 -11.30 -18.61 20.46
N PRO C 211 -10.19 -19.01 21.08
CA PRO C 211 -9.29 -18.01 21.67
C PRO C 211 -8.74 -17.01 20.67
N ILE C 212 -8.54 -17.39 19.41
CA ILE C 212 -7.94 -16.48 18.45
C ILE C 212 -8.88 -15.32 18.14
N VAL C 213 -10.18 -15.61 18.04
CA VAL C 213 -11.15 -14.54 17.78
C VAL C 213 -11.17 -13.56 18.94
N LEU C 214 -11.13 -14.06 20.18
CA LEU C 214 -11.07 -13.18 21.33
C LEU C 214 -9.78 -12.37 21.34
N ALA C 215 -8.66 -13.00 20.96
CA ALA C 215 -7.39 -12.27 20.91
C ALA C 215 -7.46 -11.12 19.92
N TYR C 216 -8.06 -11.35 18.76
CA TYR C 216 -8.17 -10.29 17.77
C TYR C 216 -9.21 -9.25 18.16
N MET C 217 -10.25 -9.64 18.89
CA MET C 217 -11.14 -8.65 19.51
C MET C 217 -10.36 -7.74 20.44
N LEU C 218 -9.51 -8.33 21.29
CA LEU C 218 -8.71 -7.54 22.21
C LEU C 218 -7.74 -6.63 21.46
N GLU C 219 -7.16 -7.13 20.37
CA GLU C 219 -6.29 -6.29 19.55
C GLU C 219 -7.05 -5.13 18.94
N ARG C 220 -8.28 -5.38 18.47
CA ARG C 220 -9.11 -4.31 17.96
C ARG C 220 -9.38 -3.27 19.04
N GLU C 221 -9.65 -3.73 20.26
CA GLU C 221 -9.95 -2.82 21.36
C GLU C 221 -8.73 -2.10 21.90
N LEU C 222 -7.52 -2.61 21.66
CA LEU C 222 -6.31 -2.08 22.25
C LEU C 222 -5.33 -1.52 21.22
N VAL C 223 -4.97 -2.32 20.21
CA VAL C 223 -3.96 -1.88 19.24
C VAL C 223 -4.52 -0.75 18.40
N ALA C 224 -3.67 0.23 18.11
CA ALA C 224 -4.07 1.43 17.39
C ALA C 224 -3.63 1.34 15.92
N ARG C 225 -4.50 1.82 15.04
CA ARG C 225 -4.24 1.86 13.61
C ARG C 225 -4.13 3.33 13.21
N ARG C 226 -2.93 3.76 12.82
CA ARG C 226 -2.66 5.13 12.44
C ARG C 226 -2.25 5.17 10.97
N ARG C 227 -2.90 6.03 10.19
CA ARG C 227 -2.67 6.09 8.76
C ARG C 227 -2.55 7.53 8.31
N PHE C 228 -1.85 7.73 7.20
CA PHE C 228 -1.73 9.05 6.59
C PHE C 228 -2.98 9.34 5.77
N LEU C 229 -3.76 10.32 6.20
CA LEU C 229 -5.00 10.68 5.52
C LEU C 229 -5.06 12.20 5.35
N PRO C 230 -5.78 12.68 4.33
CA PRO C 230 -5.97 14.13 4.18
C PRO C 230 -7.10 14.61 5.08
N VAL C 231 -6.80 15.54 5.98
CA VAL C 231 -7.74 16.05 6.96
C VAL C 231 -7.76 17.57 6.88
N ALA C 232 -8.83 18.16 7.43
CA ALA C 232 -8.98 19.61 7.44
C ALA C 232 -9.75 19.99 8.70
N GLY C 233 -9.04 20.29 9.77
CA GLY C 233 -9.64 20.86 10.96
C GLY C 233 -10.29 19.88 11.91
N ALA C 234 -10.17 18.57 11.67
CA ALA C 234 -10.75 17.58 12.57
C ALA C 234 -9.93 16.30 12.46
N THR C 235 -9.08 16.05 13.44
CA THR C 235 -8.18 14.91 13.42
C THR C 235 -8.50 13.87 14.51
N SER C 236 -9.48 14.15 15.37
CA SER C 236 -9.82 13.19 16.40
C SER C 236 -10.38 11.91 15.77
N ALA C 237 -10.07 10.78 16.41
CA ALA C 237 -10.47 9.49 15.85
C ALA C 237 -11.97 9.41 15.62
N GLU C 238 -12.77 10.08 16.47
CA GLU C 238 -14.21 10.09 16.27
C GLU C 238 -14.59 10.75 14.96
N PHE C 239 -13.80 11.72 14.51
CA PHE C 239 -14.04 12.40 13.24
C PHE C 239 -13.41 11.67 12.05
N ILE C 240 -12.32 10.92 12.29
CA ILE C 240 -11.69 10.19 11.21
C ILE C 240 -12.59 9.07 10.72
N GLU C 241 -13.44 8.53 11.59
CA GLU C 241 -14.36 7.48 11.18
C GLU C 241 -15.33 7.98 10.11
N MET C 242 -15.77 9.23 10.24
CA MET C 242 -16.68 9.86 9.29
C MET C 242 -15.95 10.65 8.22
N LEU C 243 -14.63 10.50 8.11
CA LEU C 243 -13.84 11.37 7.25
C LEU C 243 -14.39 11.43 5.83
N HIS C 244 -14.87 10.29 5.33
CA HIS C 244 -15.40 10.27 3.96
C HIS C 244 -16.59 11.21 3.80
N CYS C 245 -17.33 11.45 4.89
CA CYS C 245 -18.50 12.32 4.84
C CYS C 245 -18.22 13.72 5.36
N LEU C 246 -17.09 13.94 6.04
CA LEU C 246 -16.85 15.24 6.65
C LEU C 246 -16.62 16.33 5.60
N GLN C 247 -15.76 16.07 4.63
CA GLN C 247 -15.46 17.09 3.62
C GLN C 247 -14.80 16.43 2.43
N GLY C 248 -14.80 17.16 1.32
CA GLY C 248 -14.04 16.81 0.14
C GLY C 248 -13.05 17.91 -0.19
N GLU C 249 -12.77 18.10 -1.47
CA GLU C 249 -11.92 19.21 -1.89
C GLU C 249 -12.70 20.49 -2.15
N ASN C 250 -14.03 20.43 -2.16
CA ASN C 250 -14.85 21.59 -2.52
C ASN C 250 -16.08 21.75 -1.62
N TRP C 251 -16.22 20.94 -0.57
CA TRP C 251 -17.37 21.06 0.30
C TRP C 251 -16.99 20.62 1.71
N ARG C 252 -17.75 21.12 2.68
CA ARG C 252 -17.57 20.79 4.08
C ARG C 252 -18.92 20.37 4.66
N GLN C 253 -18.89 19.35 5.53
CA GLN C 253 -20.09 18.86 6.20
C GLN C 253 -19.87 18.93 7.70
N ILE C 254 -20.75 19.63 8.40
CA ILE C 254 -20.65 19.76 9.85
C ILE C 254 -21.19 18.47 10.48
N TYR C 255 -20.39 17.88 11.36
CA TYR C 255 -20.71 16.60 11.97
C TYR C 255 -20.42 16.65 13.46
N HIS C 256 -21.34 16.09 14.26
CA HIS C 256 -21.22 16.05 15.71
C HIS C 256 -21.29 14.59 16.14
N PRO C 257 -20.15 13.92 16.32
CA PRO C 257 -20.19 12.51 16.72
C PRO C 257 -20.77 12.33 18.11
N GLY C 258 -21.40 11.18 18.33
CA GLY C 258 -21.97 10.84 19.62
C GLY C 258 -20.93 10.33 20.60
N GLY C 259 -21.39 10.11 21.83
CA GLY C 259 -20.52 9.61 22.87
C GLY C 259 -19.96 10.70 23.74
N ASN C 260 -18.68 10.57 24.11
CA ASN C 260 -17.99 11.56 24.92
C ASN C 260 -16.64 11.88 24.30
N LYS C 261 -16.15 13.09 24.57
CA LYS C 261 -14.88 13.56 24.03
C LYS C 261 -13.93 13.89 25.17
N LEU C 262 -12.64 13.69 24.91
CA LEU C 262 -11.62 13.91 25.93
C LEU C 262 -11.40 15.39 26.17
N THR C 263 -10.96 15.71 27.39
CA THR C 263 -10.62 17.09 27.72
C THR C 263 -9.41 17.58 26.94
N GLU C 264 -8.46 16.69 26.65
CA GLU C 264 -7.28 17.08 25.90
C GLU C 264 -7.66 17.55 24.49
N SER C 265 -8.58 16.83 23.85
CA SER C 265 -9.03 17.24 22.52
C SER C 265 -9.69 18.61 22.56
N ARG C 266 -10.54 18.85 23.56
CA ARG C 266 -11.18 20.15 23.69
C ARG C 266 -10.14 21.24 23.91
N SER C 267 -9.15 20.99 24.76
CA SER C 267 -8.12 21.99 25.03
C SER C 267 -7.34 22.32 23.76
N GLN C 268 -6.93 21.30 23.02
CA GLN C 268 -6.20 21.53 21.78
C GLN C 268 -7.05 22.30 20.78
N SER C 269 -8.32 21.92 20.66
CA SER C 269 -9.20 22.60 19.71
C SER C 269 -9.40 24.06 20.07
N MET C 270 -9.58 24.36 21.36
CA MET C 270 -9.78 25.75 21.73
C MET C 270 -8.49 26.55 21.59
N ILE C 271 -7.32 25.93 21.81
CA ILE C 271 -6.06 26.61 21.56
C ILE C 271 -5.97 26.99 20.09
N VAL C 272 -6.28 26.04 19.20
CA VAL C 272 -6.23 26.31 17.76
C VAL C 272 -7.21 27.42 17.40
N ALA C 273 -8.43 27.36 17.95
CA ALA C 273 -9.43 28.36 17.64
C ALA C 273 -9.00 29.75 18.10
N CYS C 274 -8.45 29.85 19.31
CA CYS C 274 -7.99 31.14 19.81
C CYS C 274 -6.84 31.67 18.96
N ARG C 275 -5.91 30.81 18.57
CA ARG C 275 -4.82 31.25 17.72
C ARG C 275 -5.34 31.80 16.40
N LYS C 276 -6.29 31.08 15.78
CA LYS C 276 -6.87 31.56 14.53
C LYS C 276 -7.58 32.90 14.72
N ILE C 277 -8.34 33.02 15.81
CA ILE C 277 -9.08 34.26 16.06
C ILE C 277 -8.12 35.43 16.20
N ILE C 278 -7.04 35.24 16.97
CA ILE C 278 -6.08 36.32 17.16
C ILE C 278 -5.39 36.66 15.85
N ARG C 279 -5.01 35.64 15.08
CA ARG C 279 -4.35 35.92 13.80
C ARG C 279 -5.25 36.71 12.88
N ARG C 280 -6.54 36.39 12.83
CA ARG C 280 -7.46 37.16 12.01
C ARG C 280 -7.64 38.57 12.57
N SER C 281 -7.69 38.72 13.88
CA SER C 281 -8.05 40.00 14.48
C SER C 281 -6.92 41.01 14.43
N ILE C 282 -5.66 40.57 14.55
CA ILE C 282 -4.56 41.51 14.70
C ILE C 282 -4.53 42.50 13.54
N VAL C 283 -4.79 42.04 12.32
CA VAL C 283 -4.70 42.90 11.15
C VAL C 283 -5.88 43.87 11.03
N ALA C 284 -6.90 43.72 11.85
CA ALA C 284 -8.07 44.58 11.77
C ALA C 284 -7.89 45.85 12.59
N SER C 285 -8.69 46.86 12.26
CA SER C 285 -8.75 48.07 13.07
C SER C 285 -9.59 47.80 14.31
N ASN C 286 -9.07 48.18 15.48
CA ASN C 286 -9.68 47.79 16.74
C ASN C 286 -9.72 46.27 16.81
N PRO C 287 -8.56 45.61 16.90
CA PRO C 287 -8.57 44.13 16.93
C PRO C 287 -9.38 43.55 18.08
N LEU C 288 -9.48 44.27 19.20
CA LEU C 288 -10.17 43.73 20.36
C LEU C 288 -11.65 43.46 20.06
N GLU C 289 -12.31 44.41 19.40
CA GLU C 289 -13.74 44.25 19.12
C GLU C 289 -13.98 43.09 18.16
N LEU C 290 -13.16 42.98 17.11
CA LEU C 290 -13.31 41.87 16.17
C LEU C 290 -13.03 40.53 16.85
N ALA C 291 -12.01 40.50 17.72
CA ALA C 291 -11.70 39.27 18.44
C ALA C 291 -12.88 38.85 19.32
N VAL C 292 -13.48 39.80 20.03
CA VAL C 292 -14.64 39.48 20.87
C VAL C 292 -15.79 38.99 20.01
N GLU C 293 -16.05 39.67 18.88
CA GLU C 293 -17.16 39.29 18.03
C GLU C 293 -16.98 37.88 17.48
N ILE C 294 -15.78 37.53 17.05
CA ILE C 294 -15.54 36.19 16.51
C ILE C 294 -15.60 35.15 17.63
N ALA C 295 -15.03 35.46 18.79
CA ALA C 295 -15.00 34.50 19.88
C ALA C 295 -16.41 34.18 20.37
N ASN C 296 -17.28 35.19 20.43
CA ASN C 296 -18.64 34.95 20.89
C ASN C 296 -19.40 34.02 19.95
N LYS C 297 -19.02 33.95 18.68
CA LYS C 297 -19.70 33.11 17.70
C LYS C 297 -18.94 31.82 17.40
N THR C 298 -17.88 31.53 18.16
CA THR C 298 -17.08 30.33 17.92
C THR C 298 -17.62 29.17 18.75
N VAL C 299 -17.67 27.99 18.13
CA VAL C 299 -18.13 26.77 18.76
C VAL C 299 -17.09 25.68 18.56
N ILE C 300 -16.67 25.05 19.65
CA ILE C 300 -15.71 23.96 19.60
C ILE C 300 -16.53 22.67 19.51
N ASP C 301 -16.63 22.12 18.31
CA ASP C 301 -17.47 20.96 18.05
C ASP C 301 -18.94 21.32 18.28
N THR C 302 -19.40 21.25 19.53
CA THR C 302 -20.78 21.60 19.86
C THR C 302 -20.86 22.38 21.17
N GLU C 303 -19.78 23.07 21.54
CA GLU C 303 -19.74 23.84 22.77
C GLU C 303 -19.19 25.23 22.46
N PRO C 304 -19.77 26.29 23.02
CA PRO C 304 -19.24 27.64 22.76
C PRO C 304 -17.81 27.77 23.24
N LEU C 305 -17.05 28.61 22.54
CA LEU C 305 -15.65 28.82 22.91
C LEU C 305 -15.53 29.43 24.29
N LYS C 306 -16.45 30.33 24.65
CA LYS C 306 -16.39 30.96 25.96
C LYS C 306 -16.57 29.92 27.07
N SER C 307 -17.54 29.02 26.92
CA SER C 307 -17.74 27.98 27.91
C SER C 307 -16.54 27.05 27.97
N CYS C 308 -15.96 26.71 26.81
CA CYS C 308 -14.79 25.85 26.79
C CYS C 308 -13.63 26.49 27.53
N LEU C 309 -13.40 27.78 27.31
CA LEU C 309 -12.34 28.49 28.01
C LEU C 309 -12.60 28.53 29.51
N ALA C 310 -13.85 28.80 29.90
CA ALA C 310 -14.17 28.86 31.32
C ALA C 310 -13.98 27.52 32.01
N ALA C 311 -14.34 26.43 31.33
CA ALA C 311 -14.30 25.12 31.97
C ALA C 311 -12.88 24.57 32.05
N ILE C 312 -12.17 24.54 30.93
CA ILE C 312 -10.84 23.93 30.90
C ILE C 312 -9.86 24.82 31.66
N ASP C 313 -9.07 24.20 32.54
CA ASP C 313 -8.06 24.91 33.33
C ASP C 313 -6.72 24.74 32.62
N GLY C 314 -6.53 25.53 31.56
CA GLY C 314 -5.31 25.47 30.80
C GLY C 314 -5.43 26.22 29.50
N GLY C 315 -4.39 26.13 28.68
CA GLY C 315 -4.37 26.79 27.39
C GLY C 315 -3.01 27.35 27.05
N ASP C 316 -2.99 28.43 26.26
CA ASP C 316 -1.76 29.08 25.86
C ASP C 316 -1.97 30.59 25.92
N VAL C 317 -1.03 31.34 25.34
CA VAL C 317 -1.13 32.80 25.37
C VAL C 317 -2.40 33.28 24.68
N ALA C 318 -2.72 32.68 23.54
CA ALA C 318 -3.92 33.09 22.80
C ALA C 318 -5.17 32.83 23.62
N CYS C 319 -5.23 31.69 24.32
CA CYS C 319 -6.39 31.41 25.16
C CYS C 319 -6.53 32.45 26.26
N ASP C 320 -5.43 32.84 26.89
CA ASP C 320 -5.49 33.87 27.92
C ASP C 320 -5.95 35.20 27.35
N ILE C 321 -5.46 35.55 26.16
CA ILE C 321 -5.87 36.82 25.54
C ILE C 321 -7.37 36.79 25.26
N ILE C 322 -7.87 35.68 24.74
CA ILE C 322 -9.30 35.58 24.44
C ILE C 322 -10.12 35.61 25.72
N ARG C 323 -9.61 34.98 26.79
CA ARG C 323 -10.29 35.04 28.08
C ARG C 323 -10.38 36.47 28.57
N ALA C 324 -9.29 37.22 28.48
CA ALA C 324 -9.31 38.61 28.91
C ALA C 324 -10.29 39.42 28.06
N ALA C 325 -10.32 39.16 26.76
CA ALA C 325 -11.26 39.88 25.89
C ALA C 325 -12.70 39.58 26.24
N LEU C 326 -13.01 38.35 26.63
CA LEU C 326 -14.36 37.94 26.96
C LEU C 326 -14.73 38.22 28.41
N GLY C 327 -13.81 38.75 29.21
CA GLY C 327 -14.10 39.04 30.60
C GLY C 327 -13.88 37.89 31.55
N LEU C 328 -13.17 36.85 31.12
CA LEU C 328 -12.85 35.72 31.99
C LEU C 328 -11.51 35.97 32.68
N LYS C 329 -11.14 35.03 33.56
CA LYS C 329 -9.90 35.12 34.31
C LYS C 329 -8.81 34.32 33.60
N ILE C 330 -7.66 34.94 33.38
CA ILE C 330 -6.57 34.28 32.68
C ILE C 330 -6.00 33.17 33.55
N ARG C 331 -5.70 32.03 32.93
CA ARG C 331 -5.04 30.91 33.58
C ARG C 331 -3.68 30.74 32.92
N GLN C 332 -2.63 31.24 33.60
CA GLN C 332 -1.28 31.20 33.05
C GLN C 332 -0.67 29.80 33.21
N ARG C 333 -1.32 28.84 32.56
CA ARG C 333 -0.92 27.44 32.62
C ARG C 333 -0.32 27.01 31.29
N GLN C 334 0.57 26.01 31.36
CA GLN C 334 1.26 25.49 30.20
C GLN C 334 1.46 24.00 30.36
N ARG C 335 1.38 23.29 29.24
CA ARG C 335 1.55 21.84 29.19
C ARG C 335 2.74 21.51 28.31
N PHE C 336 3.60 20.60 28.78
CA PHE C 336 4.77 20.14 28.05
C PHE C 336 4.76 18.62 27.97
N GLY C 337 3.61 18.06 27.61
CA GLY C 337 3.46 16.62 27.52
C GLY C 337 3.03 16.00 28.84
N ARG C 338 3.94 15.94 29.80
CA ARG C 338 3.66 15.40 31.13
C ARG C 338 4.02 16.39 32.22
N LEU C 339 3.95 17.68 31.91
CA LEU C 339 4.24 18.74 32.88
C LEU C 339 3.08 19.72 32.92
N GLU C 340 2.84 20.26 34.11
CA GLU C 340 1.86 21.33 34.32
C GLU C 340 2.62 22.49 34.95
N LEU C 341 2.85 23.55 34.15
CA LEU C 341 3.64 24.69 34.60
C LEU C 341 2.75 25.91 34.72
N LYS C 342 2.72 26.51 35.90
CA LYS C 342 1.98 27.75 36.14
C LYS C 342 2.97 28.88 36.30
N ARG C 343 2.81 29.93 35.49
CA ARG C 343 3.71 31.07 35.58
C ARG C 343 3.58 31.75 36.94
N ILE C 344 4.71 32.22 37.46
CA ILE C 344 4.74 33.05 38.66
C ILE C 344 5.23 34.46 38.33
N SER C 345 6.36 34.56 37.63
CA SER C 345 6.91 35.84 37.22
C SER C 345 7.87 35.60 36.06
N GLY C 346 8.18 36.66 35.34
CA GLY C 346 9.09 36.59 34.23
C GLY C 346 8.37 36.45 32.90
N ARG C 347 9.03 36.89 31.84
CA ARG C 347 8.49 36.86 30.49
C ARG C 347 9.56 36.33 29.54
N GLY C 348 9.17 35.39 28.68
CA GLY C 348 10.10 34.80 27.73
C GLY C 348 9.79 35.13 26.30
N PHE C 349 10.81 35.11 25.44
CA PHE C 349 10.65 35.36 24.01
C PHE C 349 11.29 34.23 23.23
N LYS C 350 10.56 33.70 22.25
CA LYS C 350 11.03 32.57 21.46
C LYS C 350 11.77 33.08 20.22
N ASN C 351 12.97 32.57 20.00
CA ASN C 351 13.78 32.94 18.85
C ASN C 351 14.38 31.68 18.23
N ASP C 352 14.32 31.59 16.92
CA ASP C 352 14.90 30.44 16.23
C ASP C 352 16.42 30.52 16.27
N GLU C 353 17.06 29.39 16.53
CA GLU C 353 18.51 29.34 16.61
C GLU C 353 18.97 27.93 16.26
N GLU C 354 20.15 27.83 15.66
CA GLU C 354 20.71 26.56 15.25
C GLU C 354 21.57 26.02 16.39
N ILE C 355 21.13 24.91 16.98
CA ILE C 355 21.77 24.33 18.17
C ILE C 355 22.46 23.04 17.76
N LEU C 356 23.68 22.85 18.27
CA LEU C 356 24.44 21.63 18.04
C LEU C 356 24.02 20.58 19.06
N ILE C 357 23.44 19.48 18.58
CA ILE C 357 23.04 18.38 19.46
C ILE C 357 24.24 17.50 19.75
N GLY C 358 24.17 16.77 20.87
CA GLY C 358 25.27 15.92 21.27
C GLY C 358 25.69 14.95 20.19
N ASN C 359 24.75 14.53 19.34
CA ASN C 359 25.08 13.65 18.22
C ASN C 359 25.89 14.34 17.14
N GLY C 360 26.02 15.67 17.18
CA GLY C 360 26.76 16.42 16.20
C GLY C 360 25.93 17.05 15.12
N THR C 361 24.66 16.68 15.00
CA THR C 361 23.77 17.25 13.99
C THR C 361 23.17 18.54 14.51
N ILE C 362 23.18 19.57 13.67
CA ILE C 362 22.64 20.88 14.05
C ILE C 362 21.14 20.90 13.73
N GLN C 363 20.35 21.39 14.68
CA GLN C 363 18.90 21.46 14.52
C GLN C 363 18.42 22.88 14.80
N LYS C 364 17.41 23.31 14.06
CA LYS C 364 16.79 24.61 14.29
C LYS C 364 15.76 24.47 15.41
N ILE C 365 15.98 25.17 16.52
CA ILE C 365 15.15 25.07 17.71
C ILE C 365 14.75 26.47 18.15
N GLY C 366 13.54 26.57 18.70
CA GLY C 366 13.08 27.83 19.26
C GLY C 366 13.49 27.99 20.70
N ILE C 367 14.55 28.75 20.94
CA ILE C 367 15.10 28.96 22.27
C ILE C 367 14.39 30.13 22.93
N TRP C 368 14.09 29.99 24.22
CA TRP C 368 13.40 31.02 24.99
C TRP C 368 14.39 31.72 25.91
N ASP C 369 14.38 33.05 25.86
CA ASP C 369 15.29 33.86 26.66
C ASP C 369 14.57 34.38 27.90
N GLY C 370 15.28 35.18 28.70
CA GLY C 370 14.72 35.76 29.89
C GLY C 370 14.74 34.81 31.07
N GLU C 371 14.32 35.33 32.22
CA GLU C 371 14.25 34.57 33.46
C GLU C 371 12.79 34.32 33.80
N GLU C 372 12.46 33.08 34.12
CA GLU C 372 11.08 32.68 34.38
C GLU C 372 11.01 31.84 35.65
N GLU C 373 9.90 31.99 36.38
CA GLU C 373 9.60 31.21 37.57
C GLU C 373 8.32 30.43 37.32
N PHE C 374 8.36 29.12 37.58
CA PHE C 374 7.24 28.24 37.28
C PHE C 374 6.91 27.37 38.48
N HIS C 375 5.61 27.18 38.71
CA HIS C 375 5.12 26.13 39.60
C HIS C 375 4.94 24.88 38.74
N VAL C 376 5.76 23.87 38.96
CA VAL C 376 5.80 22.67 38.13
C VAL C 376 5.09 21.54 38.87
N ARG C 377 4.22 20.82 38.17
CA ARG C 377 3.56 19.64 38.70
C ARG C 377 3.69 18.51 37.69
N CYS C 378 3.91 17.30 38.20
CA CYS C 378 3.97 16.11 37.35
C CYS C 378 3.50 14.94 38.20
N GLY C 379 2.35 14.37 37.83
CA GLY C 379 1.74 13.34 38.66
C GLY C 379 1.45 13.88 40.04
N GLU C 380 2.22 13.42 41.04
CA GLU C 380 2.12 13.96 42.38
C GLU C 380 3.27 14.90 42.74
N CYS C 381 4.40 14.80 42.04
CA CYS C 381 5.54 15.66 42.35
C CYS C 381 5.22 17.11 42.05
N ARG C 382 5.63 18.00 42.96
CA ARG C 382 5.47 19.44 42.79
C ARG C 382 6.84 20.09 42.97
N GLY C 383 6.97 21.32 42.47
CA GLY C 383 8.21 22.04 42.64
C GLY C 383 8.13 23.43 42.08
N ILE C 384 9.23 24.16 42.25
CA ILE C 384 9.41 25.51 41.74
C ILE C 384 10.64 25.50 40.85
N LEU C 385 10.49 26.02 39.63
CA LEU C 385 11.53 26.00 38.62
C LEU C 385 11.96 27.43 38.33
N LYS C 386 13.26 27.70 38.48
CA LYS C 386 13.86 28.99 38.21
C LYS C 386 14.75 28.81 36.97
N LYS C 387 14.32 29.38 35.85
CA LYS C 387 14.95 29.14 34.56
C LYS C 387 15.48 30.43 33.97
N SER C 388 16.61 30.33 33.28
CA SER C 388 17.20 31.43 32.52
C SER C 388 17.44 30.96 31.09
N LYS C 389 17.97 31.86 30.27
CA LYS C 389 18.20 31.52 28.86
C LYS C 389 19.23 30.40 28.75
N MET C 390 18.80 29.29 28.16
CA MET C 390 19.68 28.15 27.86
C MET C 390 20.37 27.60 29.11
N LYS C 391 19.80 27.84 30.30
CA LYS C 391 20.38 27.33 31.53
C LYS C 391 19.28 27.13 32.56
N LEU C 392 19.29 25.96 33.20
CA LEU C 392 18.40 25.67 34.32
C LEU C 392 19.06 26.16 35.60
N GLU C 393 18.56 27.27 36.15
CA GLU C 393 19.21 27.88 37.29
C GLU C 393 18.94 27.11 38.58
N LYS C 394 17.67 26.83 38.88
CA LYS C 394 17.35 26.17 40.14
C LYS C 394 16.04 25.39 39.99
N LEU C 395 15.89 24.40 40.86
CA LEU C 395 14.68 23.57 40.86
C LEU C 395 14.49 23.03 42.27
N LEU C 396 13.52 23.62 43.00
CA LEU C 396 13.22 23.21 44.36
C LEU C 396 12.06 22.21 44.32
N ILE C 397 12.30 21.02 44.89
CA ILE C 397 11.34 19.93 44.82
C ILE C 397 11.01 19.47 46.23
N ASN C 398 9.86 18.82 46.37
CA ASN C 398 9.43 18.22 47.62
C ASN C 398 9.38 16.71 47.48
N SER C 399 9.54 16.01 48.60
CA SER C 399 9.54 14.56 48.58
C SER C 399 8.23 14.02 48.01
N ALA C 400 8.34 13.06 47.10
CA ALA C 400 7.17 12.43 46.49
C ALA C 400 7.62 11.07 45.94
N LYS C 401 6.77 10.44 45.13
CA LYS C 401 7.16 9.18 44.52
C LYS C 401 8.45 9.36 43.74
N LYS C 402 9.35 8.38 43.91
CA LYS C 402 10.68 8.49 43.30
C LYS C 402 10.60 8.55 41.78
N GLU C 403 9.84 7.64 41.17
CA GLU C 403 9.73 7.63 39.72
C GLU C 403 9.17 8.94 39.19
N ASP C 404 8.09 9.43 39.82
CA ASP C 404 7.55 10.72 39.44
C ASP C 404 8.57 11.83 39.67
N MET C 405 9.35 11.73 40.74
CA MET C 405 10.33 12.77 41.04
C MET C 405 11.37 12.85 39.93
N ARG C 406 11.93 11.71 39.53
CA ARG C 406 12.97 11.74 38.49
C ARG C 406 12.39 12.13 37.14
N ASP C 407 11.17 11.66 36.82
CA ASP C 407 10.59 12.04 35.54
C ASP C 407 10.34 13.54 35.49
N LEU C 408 9.87 14.12 36.60
CA LEU C 408 9.70 15.56 36.66
C LEU C 408 11.05 16.27 36.53
N ILE C 409 12.09 15.73 37.16
CA ILE C 409 13.41 16.36 37.10
C ILE C 409 13.90 16.42 35.66
N ILE C 410 13.79 15.30 34.94
CA ILE C 410 14.28 15.26 33.57
C ILE C 410 13.41 16.12 32.67
N LEU C 411 12.10 16.14 32.90
CA LEU C 411 11.23 17.00 32.10
C LEU C 411 11.58 18.47 32.31
N CYS C 412 11.85 18.85 33.56
CA CYS C 412 12.30 20.22 33.83
C CYS C 412 13.62 20.52 33.15
N MET C 413 14.56 19.57 33.20
CA MET C 413 15.86 19.80 32.59
C MET C 413 15.75 20.00 31.08
N VAL C 414 14.93 19.17 30.43
CA VAL C 414 14.76 19.33 28.98
C VAL C 414 13.99 20.61 28.66
N PHE C 415 13.04 20.99 29.51
CA PHE C 415 12.26 22.20 29.26
C PHE C 415 13.16 23.43 29.27
N SER C 416 14.11 23.49 30.20
CA SER C 416 14.96 24.67 30.33
C SER C 416 15.86 24.89 29.14
N GLN C 417 16.00 23.90 28.25
CA GLN C 417 16.87 24.02 27.08
C GLN C 417 18.31 24.30 27.50
N ASP C 418 18.73 23.70 28.61
CA ASP C 418 20.09 23.91 29.10
C ASP C 418 21.11 23.32 28.13
N THR C 419 22.30 23.92 28.09
CA THR C 419 23.33 23.46 27.17
C THR C 419 23.71 22.02 27.46
N ARG C 420 23.74 21.63 28.74
CA ARG C 420 24.07 20.25 29.07
C ARG C 420 23.06 19.28 28.47
N MET C 421 21.78 19.61 28.55
CA MET C 421 20.75 18.72 28.02
C MET C 421 20.92 18.53 26.52
N PHE C 422 21.21 19.61 25.79
CA PHE C 422 21.46 19.49 24.36
C PHE C 422 22.71 18.66 24.11
N GLN C 423 23.74 18.83 24.93
CA GLN C 423 24.97 18.05 24.79
C GLN C 423 24.84 16.64 25.36
N GLY C 424 23.78 16.35 26.10
CA GLY C 424 23.59 15.04 26.69
C GLY C 424 23.00 13.99 25.77
N VAL C 425 22.78 14.34 24.51
CA VAL C 425 22.19 13.43 23.53
C VAL C 425 23.29 12.57 22.93
N ARG C 426 23.15 11.25 23.08
CA ARG C 426 24.09 10.28 22.50
C ARG C 426 23.25 9.12 21.94
N GLY C 427 22.88 9.23 20.67
CA GLY C 427 22.06 8.20 20.04
C GLY C 427 21.46 8.72 18.75
N GLU C 428 20.30 8.18 18.40
CA GLU C 428 19.57 8.54 17.19
C GLU C 428 18.28 9.24 17.58
N ILE C 429 18.08 10.44 17.05
CA ILE C 429 16.86 11.21 17.28
C ILE C 429 16.32 11.64 15.92
N ASN C 430 15.04 11.39 15.69
CA ASN C 430 14.37 11.75 14.43
C ASN C 430 13.52 13.00 14.67
N PHE C 431 13.95 14.12 14.11
CA PHE C 431 13.20 15.36 14.16
C PHE C 431 12.28 15.53 12.96
N LEU C 432 12.26 14.55 12.05
CA LEU C 432 11.35 14.54 10.92
C LEU C 432 10.74 13.15 10.80
N ASN C 433 9.51 13.10 10.30
CA ASN C 433 8.87 11.83 10.02
C ASN C 433 9.25 11.37 8.61
N ARG C 434 8.78 10.17 8.24
CA ARG C 434 9.12 9.63 6.93
C ARG C 434 8.60 10.49 5.79
N ALA C 435 7.58 11.30 6.04
CA ALA C 435 7.01 12.18 5.03
C ALA C 435 7.72 13.52 4.93
N GLY C 436 8.76 13.74 5.74
CA GLY C 436 9.46 15.01 5.75
C GLY C 436 8.82 16.08 6.59
N GLN C 437 7.68 15.81 7.21
CA GLN C 437 7.02 16.80 8.06
C GLN C 437 7.83 17.02 9.34
N LEU C 438 7.86 18.26 9.81
CA LEU C 438 8.67 18.63 10.96
C LEU C 438 7.99 18.20 12.25
N LEU C 439 8.78 17.65 13.18
CA LEU C 439 8.30 17.28 14.50
C LEU C 439 8.88 18.23 15.53
N SER C 440 8.06 18.57 16.53
CA SER C 440 8.46 19.49 17.59
C SER C 440 9.76 19.00 18.23
N PRO C 441 10.88 19.72 18.04
CA PRO C 441 12.14 19.22 18.63
C PRO C 441 12.09 19.07 20.14
N MET C 442 11.37 19.96 20.84
CA MET C 442 11.32 19.87 22.29
C MET C 442 10.67 18.57 22.74
N TYR C 443 9.55 18.20 22.12
CA TYR C 443 8.87 16.97 22.52
C TYR C 443 9.69 15.76 22.13
N GLN C 444 10.37 15.81 20.99
CA GLN C 444 11.25 14.71 20.60
C GLN C 444 12.36 14.51 21.63
N LEU C 445 12.98 15.61 22.07
CA LEU C 445 14.01 15.49 23.10
C LEU C 445 13.43 14.98 24.41
N GLN C 446 12.23 15.43 24.77
CA GLN C 446 11.60 14.95 25.99
C GLN C 446 11.39 13.45 25.94
N ARG C 447 10.84 12.94 24.83
CA ARG C 447 10.63 11.51 24.69
C ARG C 447 11.96 10.75 24.70
N TYR C 448 12.97 11.32 24.03
CA TYR C 448 14.27 10.66 23.98
C TYR C 448 14.88 10.52 25.36
N PHE C 449 14.79 11.57 26.17
CA PHE C 449 15.43 11.58 27.49
C PHE C 449 14.56 10.92 28.56
N LEU C 450 13.28 10.67 28.29
CA LEU C 450 12.44 10.01 29.27
C LEU C 450 12.93 8.59 29.56
N ASN C 451 13.31 7.86 28.52
CA ASN C 451 13.66 6.45 28.63
C ASN C 451 15.15 6.20 28.84
N ARG C 452 15.99 7.22 28.70
CA ARG C 452 17.44 7.07 28.86
C ARG C 452 17.99 8.20 29.73
N SER C 453 17.34 8.45 30.86
CA SER C 453 17.73 9.56 31.73
C SER C 453 19.12 9.35 32.33
N ASN C 454 19.68 8.14 32.26
CA ASN C 454 21.00 7.90 32.85
C ASN C 454 22.07 8.78 32.21
N ASP C 455 22.08 8.82 30.87
CA ASP C 455 23.06 9.64 30.18
C ASP C 455 22.85 11.12 30.47
N LEU C 456 21.59 11.56 30.55
CA LEU C 456 21.32 12.96 30.86
C LEU C 456 21.85 13.31 32.26
N PHE C 457 21.61 12.44 33.24
CA PHE C 457 22.12 12.68 34.58
C PHE C 457 23.65 12.69 34.59
N ASP C 458 24.28 11.77 33.87
CA ASP C 458 25.73 11.72 33.83
C ASP C 458 26.31 13.00 33.22
N GLN C 459 25.72 13.48 32.13
CA GLN C 459 26.24 14.68 31.48
C GLN C 459 25.90 15.94 32.26
N TRP C 460 24.83 15.91 33.06
CA TRP C 460 24.43 17.09 33.81
C TRP C 460 25.48 17.48 34.84
N GLY C 461 26.07 16.50 35.51
CA GLY C 461 27.05 16.74 36.56
C GLY C 461 26.45 16.58 37.95
N TYR C 462 27.32 16.71 38.94
CA TYR C 462 26.92 16.54 40.33
C TYR C 462 27.71 17.50 41.20
N GLU C 463 27.19 17.76 42.40
CA GLU C 463 27.83 18.67 43.34
C GLU C 463 27.46 18.23 44.75
N GLU C 464 28.06 18.91 45.73
CA GLU C 464 27.79 18.62 47.13
C GLU C 464 26.31 18.81 47.42
N SER C 465 25.72 17.83 48.10
CA SER C 465 24.32 17.96 48.50
C SER C 465 24.19 19.06 49.55
N PRO C 466 23.09 19.82 49.54
CA PRO C 466 22.92 20.86 50.55
C PRO C 466 22.89 20.27 51.96
N LYS C 467 23.54 20.97 52.89
CA LYS C 467 23.59 20.55 54.29
C LYS C 467 22.65 21.35 55.18
N ALA C 468 21.77 22.16 54.58
CA ALA C 468 20.85 22.96 55.39
C ALA C 468 19.90 22.04 56.16
N SER C 469 19.14 22.66 57.07
CA SER C 469 18.23 21.89 57.91
C SER C 469 17.18 21.16 57.08
N GLU C 470 16.62 21.83 56.08
CA GLU C 470 15.51 21.29 55.29
C GLU C 470 15.89 21.01 53.84
N LEU C 471 17.13 21.23 53.44
CA LEU C 471 17.56 21.05 52.06
C LEU C 471 18.49 19.84 51.97
N HIS C 472 18.10 18.86 51.16
CA HIS C 472 18.90 17.66 50.93
C HIS C 472 18.83 17.29 49.46
N GLY C 473 19.97 16.87 48.91
CA GLY C 473 20.05 16.53 47.50
C GLY C 473 19.66 15.09 47.21
N ILE C 474 19.59 14.79 45.91
CA ILE C 474 19.29 13.45 45.42
C ILE C 474 20.30 13.09 44.35
N ASN C 475 20.85 11.88 44.43
CA ASN C 475 21.82 11.40 43.45
C ASN C 475 21.08 10.73 42.29
N GLU C 476 21.86 10.30 41.29
CA GLU C 476 21.29 9.54 40.18
C GLU C 476 20.80 8.17 40.62
N SER C 477 21.18 7.71 41.80
CA SER C 477 20.82 6.38 42.29
C SER C 477 19.39 6.32 42.82
N MET C 478 18.56 7.31 42.54
CA MET C 478 17.13 7.29 42.88
C MET C 478 16.88 7.57 44.36
N ASN C 479 17.90 8.01 45.11
CA ASN C 479 17.75 8.16 46.55
C ASN C 479 18.50 9.40 47.01
N ALA C 480 18.11 9.90 48.18
CA ALA C 480 18.81 11.02 48.79
C ALA C 480 20.22 10.61 49.19
N SER C 481 21.18 11.48 48.93
CA SER C 481 22.58 11.19 49.22
C SER C 481 23.35 12.49 49.31
N ASP C 482 24.60 12.39 49.77
CA ASP C 482 25.46 13.56 49.90
C ASP C 482 25.84 14.15 48.55
N TYR C 483 25.63 13.42 47.46
CA TYR C 483 25.90 13.90 46.11
C TYR C 483 24.60 14.05 45.35
N THR C 484 24.47 15.15 44.62
CA THR C 484 23.25 15.42 43.86
C THR C 484 23.60 16.18 42.59
N LEU C 485 22.73 16.04 41.59
CA LEU C 485 22.92 16.75 40.34
C LEU C 485 22.71 18.25 40.53
N LYS C 486 23.45 19.04 39.76
CA LYS C 486 23.43 20.49 39.93
C LYS C 486 22.02 21.05 39.73
N GLY C 487 21.68 22.05 40.52
CA GLY C 487 20.42 22.77 40.40
C GLY C 487 19.29 22.24 41.25
N VAL C 488 19.08 20.92 41.28
CA VAL C 488 17.96 20.34 41.99
C VAL C 488 18.24 20.34 43.48
N VAL C 489 17.29 20.87 44.25
CA VAL C 489 17.38 20.90 45.71
C VAL C 489 16.03 20.48 46.27
N VAL C 490 16.04 19.52 47.17
CA VAL C 490 14.80 19.05 47.79
C VAL C 490 14.51 19.90 49.02
N THR C 491 13.23 20.14 49.27
CA THR C 491 12.80 20.95 50.40
C THR C 491 11.66 20.26 51.12
N ARG C 492 11.56 20.49 52.42
CA ARG C 492 10.49 19.94 53.24
C ARG C 492 9.28 20.86 53.33
N ASN C 493 9.35 22.05 52.73
CA ASN C 493 8.24 23.01 52.76
C ASN C 493 7.14 22.50 51.85
N THR C 503 -3.20 33.56 40.96
CA THR C 503 -4.20 34.29 40.19
C THR C 503 -3.76 35.74 39.99
N GLU C 504 -4.04 36.29 38.81
CA GLU C 504 -3.69 37.67 38.50
C GLU C 504 -4.86 38.34 37.80
N LYS C 505 -4.97 39.65 38.03
CA LYS C 505 -6.03 40.47 37.43
C LYS C 505 -5.39 41.39 36.39
N VAL C 506 -5.89 41.31 35.16
CA VAL C 506 -5.33 42.06 34.04
C VAL C 506 -6.46 42.66 33.21
N SER C 507 -6.11 43.68 32.44
CA SER C 507 -7.02 44.32 31.51
C SER C 507 -6.44 44.25 30.11
N ILE C 508 -7.26 43.91 29.13
CA ILE C 508 -6.83 43.79 27.74
C ILE C 508 -6.97 45.15 27.07
N THR C 509 -5.94 45.56 26.34
CA THR C 509 -5.95 46.84 25.66
C THR C 509 -6.44 46.67 24.23
N LYS C 510 -6.37 47.74 23.44
CA LYS C 510 -6.93 47.72 22.09
C LYS C 510 -6.22 46.70 21.21
N ASN C 511 -4.90 46.60 21.33
CA ASN C 511 -4.09 45.72 20.49
C ASN C 511 -3.95 44.31 21.07
N LEU C 512 -4.92 43.87 21.87
CA LEU C 512 -4.92 42.51 22.39
C LEU C 512 -3.70 42.22 23.26
N SER C 513 -3.25 43.23 23.99
CA SER C 513 -2.15 43.09 24.94
C SER C 513 -2.70 43.20 26.35
N LEU C 514 -2.31 42.24 27.20
CA LEU C 514 -2.75 42.22 28.59
C LEU C 514 -1.77 42.99 29.46
N ILE C 515 -2.30 43.86 30.32
CA ILE C 515 -1.50 44.69 31.20
C ILE C 515 -2.00 44.54 32.63
N LYS C 516 -1.08 44.45 33.58
CA LYS C 516 -1.45 44.40 34.99
C LYS C 516 -1.96 45.76 35.45
N ARG C 517 -2.31 45.85 36.73
CA ARG C 517 -2.69 47.14 37.31
C ARG C 517 -1.53 48.13 37.23
N THR C 518 -0.29 47.64 37.27
CA THR C 518 0.88 48.51 37.18
C THR C 518 1.13 49.00 35.76
N GLY C 519 0.57 48.33 34.76
CA GLY C 519 0.75 48.71 33.36
C GLY C 519 1.73 47.85 32.60
N GLU C 520 2.51 47.03 33.27
CA GLU C 520 3.46 46.16 32.58
C GLU C 520 2.70 45.14 31.73
N VAL C 521 3.15 44.96 30.50
CA VAL C 521 2.53 44.00 29.58
C VAL C 521 3.04 42.60 29.90
N ILE C 522 2.12 41.67 30.13
CA ILE C 522 2.49 40.30 30.47
C ILE C 522 2.30 39.43 29.25
N MET C 523 1.38 39.81 28.37
CA MET C 523 1.09 39.04 27.17
C MET C 523 0.74 39.99 26.04
N GLY C 524 0.89 39.51 24.81
CA GLY C 524 0.56 40.31 23.65
C GLY C 524 0.28 39.42 22.46
N ALA C 525 -0.21 40.06 21.39
CA ALA C 525 -0.49 39.31 20.17
C ALA C 525 0.77 38.71 19.58
N ASN C 526 1.88 39.44 19.62
CA ASN C 526 3.14 38.92 19.08
C ASN C 526 3.62 37.68 19.80
N ASP C 527 3.16 37.44 21.03
CA ASP C 527 3.58 36.26 21.78
C ASP C 527 2.84 35.01 21.36
N VAL C 528 1.83 35.13 20.50
CA VAL C 528 1.06 33.96 20.05
C VAL C 528 1.85 33.23 18.99
N SER C 529 1.94 31.91 19.13
CA SER C 529 2.71 31.11 18.18
C SER C 529 2.09 31.18 16.80
N GLU C 530 2.95 31.12 15.78
CA GLU C 530 2.52 31.17 14.39
C GLU C 530 2.30 29.78 13.79
N LEU C 531 2.50 28.72 14.57
CA LEU C 531 2.32 27.36 14.05
C LEU C 531 0.86 27.13 13.66
N GLU C 532 0.67 26.56 12.48
CA GLU C 532 -0.66 26.18 12.00
C GLU C 532 -0.86 24.69 12.27
N SER C 533 -1.89 24.37 13.04
CA SER C 533 -2.18 23.00 13.43
C SER C 533 -3.65 22.69 13.14
N GLN C 534 -3.93 21.40 12.95
CA GLN C 534 -5.28 20.92 12.70
C GLN C 534 -5.95 20.64 14.04
N ALA C 535 -7.09 21.28 14.28
CA ALA C 535 -7.82 21.05 15.53
C ALA C 535 -8.32 19.61 15.58
N GLN C 536 -8.21 19.01 16.77
CA GLN C 536 -8.69 17.64 16.94
C GLN C 536 -10.20 17.57 16.77
N LEU C 537 -10.92 18.57 17.28
CA LEU C 537 -12.37 18.65 17.16
C LEU C 537 -12.75 19.72 16.15
N MET C 538 -13.89 19.51 15.51
CA MET C 538 -14.36 20.47 14.51
C MET C 538 -14.67 21.81 15.17
N ILE C 539 -14.20 22.89 14.54
CA ILE C 539 -14.43 24.25 15.00
C ILE C 539 -15.36 24.94 14.01
N THR C 540 -16.39 25.60 14.52
CA THR C 540 -17.35 26.31 13.69
C THR C 540 -17.41 27.77 14.12
N TYR C 541 -17.69 28.64 13.15
CA TYR C 541 -17.88 30.07 13.39
C TYR C 541 -19.26 30.45 12.84
N ASP C 542 -20.20 30.74 13.75
CA ASP C 542 -21.58 31.05 13.36
C ASP C 542 -21.68 32.50 12.91
N THR C 543 -20.88 32.84 11.90
CA THR C 543 -20.87 34.16 11.30
C THR C 543 -20.78 34.01 9.79
N PRO C 544 -21.32 34.97 9.04
CA PRO C 544 -21.21 34.89 7.57
C PRO C 544 -19.78 34.95 7.06
N LYS C 545 -18.85 35.47 7.86
CA LYS C 545 -17.46 35.61 7.46
C LYS C 545 -16.59 34.50 8.01
N MET C 546 -17.13 33.28 8.09
CA MET C 546 -16.34 32.16 8.60
C MET C 546 -15.16 31.85 7.68
N TRP C 547 -15.33 32.06 6.37
CA TRP C 547 -14.26 31.75 5.43
C TRP C 547 -13.00 32.57 5.71
N GLU C 548 -13.11 33.69 6.43
CA GLU C 548 -11.95 34.50 6.77
C GLU C 548 -11.08 33.83 7.83
N MET C 549 -11.53 32.74 8.43
CA MET C 549 -10.75 31.99 9.41
C MET C 549 -10.04 30.80 8.80
N GLY C 550 -10.06 30.67 7.47
CA GLY C 550 -9.49 29.52 6.80
C GLY C 550 -7.99 29.64 6.59
N THR C 551 -7.46 28.70 5.83
CA THR C 551 -6.04 28.65 5.54
C THR C 551 -5.68 29.69 4.47
N THR C 552 -4.41 29.70 4.07
CA THR C 552 -3.94 30.68 3.10
C THR C 552 -4.62 30.48 1.75
N LYS C 553 -4.63 29.25 1.24
CA LYS C 553 -5.20 29.00 -0.08
C LYS C 553 -6.70 29.31 -0.10
N GLU C 554 -7.43 28.88 0.93
CA GLU C 554 -8.85 29.18 0.99
C GLU C 554 -9.10 30.68 1.03
N LEU C 555 -8.33 31.41 1.82
CA LEU C 555 -8.50 32.85 1.89
C LEU C 555 -8.22 33.50 0.55
N VAL C 556 -7.15 33.08 -0.12
CA VAL C 556 -6.80 33.66 -1.41
C VAL C 556 -7.91 33.40 -2.42
N GLN C 557 -8.39 32.15 -2.49
CA GLN C 557 -9.43 31.83 -3.45
C GLN C 557 -10.71 32.61 -3.18
N ASN C 558 -11.11 32.70 -1.90
CA ASN C 558 -12.32 33.43 -1.57
C ASN C 558 -12.18 34.91 -1.89
N THR C 559 -11.02 35.50 -1.59
CA THR C 559 -10.82 36.91 -1.87
C THR C 559 -10.88 37.18 -3.37
N TYR C 560 -10.23 36.34 -4.17
CA TYR C 560 -10.25 36.57 -5.61
C TYR C 560 -11.61 36.30 -6.21
N GLN C 561 -12.35 35.32 -5.66
CA GLN C 561 -13.73 35.10 -6.11
C GLN C 561 -14.59 36.32 -5.81
N TRP C 562 -14.43 36.91 -4.62
CA TRP C 562 -15.18 38.12 -4.29
C TRP C 562 -14.80 39.26 -5.22
N VAL C 563 -13.52 39.42 -5.52
CA VAL C 563 -13.09 40.46 -6.44
C VAL C 563 -13.72 40.27 -7.81
N LEU C 564 -13.73 39.03 -8.29
CA LEU C 564 -14.34 38.75 -9.59
C LEU C 564 -15.84 39.05 -9.56
N LYS C 565 -16.51 38.70 -8.46
CA LYS C 565 -17.95 38.92 -8.39
C LYS C 565 -18.31 40.39 -8.51
N ASN C 566 -17.56 41.26 -7.85
CA ASN C 566 -17.79 42.71 -7.88
C ASN C 566 -16.84 43.42 -8.84
N LEU C 567 -16.41 42.73 -9.90
CA LEU C 567 -15.37 43.28 -10.77
C LEU C 567 -15.81 44.57 -11.44
N VAL C 568 -17.05 44.62 -11.95
CA VAL C 568 -17.49 45.80 -12.68
C VAL C 568 -17.55 47.01 -11.76
N THR C 569 -18.10 46.83 -10.56
CA THR C 569 -18.20 47.94 -9.62
C THR C 569 -16.81 48.41 -9.19
N LEU C 570 -15.90 47.46 -8.93
CA LEU C 570 -14.54 47.84 -8.55
C LEU C 570 -13.87 48.62 -9.67
N LYS C 571 -14.05 48.18 -10.92
CA LYS C 571 -13.49 48.91 -12.05
C LYS C 571 -14.07 50.32 -12.12
N ALA C 572 -15.37 50.46 -11.93
CA ALA C 572 -16.00 51.78 -12.00
C ALA C 572 -15.43 52.70 -10.92
N GLN C 573 -15.36 52.20 -9.67
CA GLN C 573 -14.82 53.02 -8.60
C GLN C 573 -13.37 53.39 -8.87
N PHE C 574 -12.58 52.45 -9.37
CA PHE C 574 -11.18 52.73 -9.66
C PHE C 574 -11.05 53.82 -10.72
N LEU C 575 -11.84 53.72 -11.79
CA LEU C 575 -11.75 54.72 -12.85
C LEU C 575 -12.26 56.08 -12.38
N LEU C 576 -13.22 56.10 -11.47
CA LEU C 576 -13.71 57.36 -10.91
C LEU C 576 -12.99 57.72 -9.61
N GLY C 577 -13.07 56.83 -8.62
CA GLY C 577 -12.43 57.07 -7.34
C GLY C 577 -10.93 56.90 -7.41
N LYS C 578 -10.27 57.20 -6.29
CA LYS C 578 -8.82 57.14 -6.19
C LYS C 578 -8.32 56.11 -5.18
N GLU C 579 -8.81 56.15 -3.94
CA GLU C 579 -8.28 55.29 -2.89
C GLU C 579 -9.34 54.61 -2.04
N ASP C 580 -10.61 55.01 -2.13
CA ASP C 580 -11.64 54.37 -1.32
C ASP C 580 -11.84 52.91 -1.69
N MET C 581 -11.49 52.51 -2.91
CA MET C 581 -11.70 51.13 -3.34
C MET C 581 -10.72 50.18 -2.66
N PHE C 582 -9.64 50.71 -2.08
CA PHE C 582 -8.62 49.85 -1.47
C PHE C 582 -9.01 49.32 -0.09
N GLN C 583 -10.09 49.82 0.50
CA GLN C 583 -10.52 49.42 1.84
C GLN C 583 -11.78 48.57 1.74
N TRP C 584 -11.66 47.29 2.06
CA TRP C 584 -12.80 46.39 2.13
C TRP C 584 -12.51 45.31 3.17
N ASP C 585 -13.58 44.69 3.67
CA ASP C 585 -13.42 43.62 4.65
C ASP C 585 -12.78 42.38 4.03
N ALA C 586 -13.09 42.09 2.77
CA ALA C 586 -12.46 40.96 2.11
C ALA C 586 -10.95 41.16 2.03
N PHE C 587 -10.51 42.36 1.66
CA PHE C 587 -9.08 42.64 1.63
C PHE C 587 -8.49 42.65 3.04
N GLU C 588 -9.29 43.02 4.05
CA GLU C 588 -8.81 42.93 5.42
C GLU C 588 -8.51 41.49 5.80
N ALA C 589 -9.41 40.57 5.45
CA ALA C 589 -9.15 39.15 5.69
C ALA C 589 -7.94 38.67 4.89
N PHE C 590 -7.82 39.11 3.64
CA PHE C 590 -6.68 38.75 2.82
C PHE C 590 -5.37 39.24 3.45
N GLU C 591 -5.39 40.37 4.14
CA GLU C 591 -4.19 40.92 4.74
C GLU C 591 -3.64 40.04 5.86
N SER C 592 -4.47 39.18 6.45
CA SER C 592 -4.00 38.34 7.56
C SER C 592 -3.01 37.28 7.10
N ILE C 593 -3.00 36.92 5.82
CA ILE C 593 -2.09 35.90 5.30
C ILE C 593 -0.86 36.51 4.65
N ILE C 594 -0.75 37.83 4.60
CA ILE C 594 0.46 38.50 4.16
C ILE C 594 1.33 38.76 5.39
N PRO C 595 2.59 38.32 5.42
CA PRO C 595 3.42 38.62 6.58
C PRO C 595 3.51 40.12 6.82
N GLN C 596 3.43 40.50 8.09
CA GLN C 596 3.32 41.92 8.43
C GLN C 596 4.54 42.71 7.97
N LYS C 597 5.70 42.06 7.83
CA LYS C 597 6.89 42.79 7.41
C LYS C 597 6.74 43.34 6.00
N MET C 598 6.18 42.56 5.08
CA MET C 598 6.09 42.92 3.68
C MET C 598 4.75 43.52 3.28
N ALA C 599 3.79 43.63 4.21
CA ALA C 599 2.45 44.08 3.85
C ALA C 599 2.47 45.50 3.29
N GLY C 600 3.14 46.42 3.98
CA GLY C 600 3.14 47.80 3.55
C GLY C 600 3.85 48.00 2.22
N GLN C 601 4.99 47.33 2.04
CA GLN C 601 5.72 47.43 0.78
C GLN C 601 4.90 46.86 -0.37
N TYR C 602 4.25 45.72 -0.14
CA TYR C 602 3.37 45.15 -1.16
C TYR C 602 2.25 46.12 -1.51
N SER C 603 1.65 46.74 -0.49
CA SER C 603 0.57 47.69 -0.75
C SER C 603 1.04 48.87 -1.56
N GLY C 604 2.21 49.43 -1.20
CA GLY C 604 2.74 50.54 -1.98
C GLY C 604 2.99 50.15 -3.42
N PHE C 605 3.63 49.00 -3.64
CA PHE C 605 3.91 48.55 -4.99
C PHE C 605 2.63 48.37 -5.80
N ALA C 606 1.65 47.68 -5.21
CA ALA C 606 0.42 47.40 -5.94
C ALA C 606 -0.36 48.68 -6.23
N ARG C 607 -0.43 49.59 -5.26
CA ARG C 607 -1.11 50.86 -5.49
C ARG C 607 -0.43 51.64 -6.60
N ALA C 608 0.90 51.69 -6.59
CA ALA C 608 1.61 52.40 -7.66
C ALA C 608 1.35 51.77 -9.01
N VAL C 609 1.36 50.44 -9.08
CA VAL C 609 1.14 49.76 -10.36
C VAL C 609 -0.27 50.07 -10.88
N LEU C 610 -1.27 49.96 -10.01
CA LEU C 610 -2.64 50.22 -10.43
C LEU C 610 -2.82 51.68 -10.84
N LYS C 611 -2.23 52.61 -10.09
CA LYS C 611 -2.34 54.02 -10.44
C LYS C 611 -1.69 54.31 -11.78
N GLN C 612 -0.52 53.73 -12.04
CA GLN C 612 0.13 53.92 -13.33
C GLN C 612 -0.70 53.32 -14.46
N MET C 613 -1.33 52.16 -14.20
CA MET C 613 -2.18 51.56 -15.22
C MET C 613 -3.36 52.46 -15.55
N ARG C 614 -3.99 53.04 -14.52
CA ARG C 614 -5.15 53.89 -14.75
C ARG C 614 -4.77 55.19 -15.43
N ASP C 615 -3.75 55.88 -14.91
CA ASP C 615 -3.40 57.21 -15.40
C ASP C 615 -2.91 57.16 -16.84
N GLN C 616 -2.11 56.15 -17.17
CA GLN C 616 -1.57 56.01 -18.52
C GLN C 616 -2.58 55.40 -19.48
N GLU C 617 -3.76 55.01 -19.01
CA GLU C 617 -4.84 54.44 -19.81
C GLU C 617 -4.45 53.10 -20.42
N VAL C 618 -3.43 52.43 -19.88
CA VAL C 618 -3.04 51.09 -20.33
C VAL C 618 -3.43 50.15 -19.20
N MET C 619 -4.64 49.59 -19.28
CA MET C 619 -5.23 48.80 -18.21
C MET C 619 -5.31 47.35 -18.65
N LYS C 620 -4.89 46.46 -17.75
CA LYS C 620 -5.00 45.01 -17.95
C LYS C 620 -5.82 44.45 -16.79
N THR C 621 -6.96 43.84 -17.12
CA THR C 621 -7.90 43.39 -16.09
C THR C 621 -7.29 42.30 -15.22
N ASP C 622 -6.54 41.38 -15.83
CA ASP C 622 -5.96 40.27 -15.07
C ASP C 622 -5.03 40.78 -13.98
N GLN C 623 -4.14 41.70 -14.34
CA GLN C 623 -3.21 42.26 -13.35
C GLN C 623 -3.94 43.09 -12.30
N PHE C 624 -4.96 43.82 -12.73
CA PHE C 624 -5.76 44.59 -11.76
C PHE C 624 -6.38 43.65 -10.73
N ILE C 625 -6.97 42.55 -11.17
CA ILE C 625 -7.56 41.59 -10.24
C ILE C 625 -6.47 40.99 -9.35
N LYS C 626 -5.33 40.65 -9.94
CA LYS C 626 -4.26 40.01 -9.17
C LYS C 626 -3.77 40.92 -8.06
N LEU C 627 -3.60 42.21 -8.35
CA LEU C 627 -2.93 43.11 -7.42
C LEU C 627 -3.88 43.88 -6.51
N LEU C 628 -5.18 43.93 -6.82
CA LEU C 628 -6.10 44.72 -6.00
C LEU C 628 -6.08 44.31 -4.53
N PRO C 629 -6.13 43.02 -4.19
CA PRO C 629 -6.16 42.67 -2.76
C PRO C 629 -4.97 43.19 -1.97
N PHE C 630 -3.80 43.31 -2.59
CA PHE C 630 -2.60 43.71 -1.88
C PHE C 630 -2.57 45.19 -1.54
N CYS C 631 -3.49 45.99 -2.08
CA CYS C 631 -3.51 47.43 -1.86
C CYS C 631 -4.22 47.83 -0.57
N PHE C 632 -4.44 46.89 0.35
CA PHE C 632 -5.22 47.20 1.54
C PHE C 632 -4.37 47.84 2.63
N SER C 633 -3.24 47.23 2.96
CA SER C 633 -2.42 47.73 4.05
C SER C 633 -1.94 49.15 3.74
N PRO C 634 -1.68 49.96 4.75
CA PRO C 634 -1.13 51.30 4.51
C PRO C 634 0.17 51.21 3.74
N PRO C 635 0.39 52.05 2.74
CA PRO C 635 1.62 51.93 1.94
C PRO C 635 2.86 52.20 2.77
N LYS C 636 3.96 51.56 2.38
CA LYS C 636 5.28 51.81 2.95
C LYS C 636 6.26 51.96 1.80
N LEU C 637 6.63 53.20 1.49
CA LEU C 637 7.53 53.51 0.39
C LEU C 637 8.97 53.57 0.89
N ARG C 638 9.90 53.58 -0.06
CA ARG C 638 11.31 53.62 0.28
C ARG C 638 11.69 55.00 0.81
N SER C 639 12.91 55.09 1.35
CA SER C 639 13.36 56.35 1.93
C SER C 639 13.41 57.47 0.89
N ASN C 640 13.55 57.13 -0.38
CA ASN C 640 13.58 58.12 -1.45
C ASN C 640 12.19 58.48 -1.97
N GLY C 641 11.15 57.89 -1.42
CA GLY C 641 9.79 58.20 -1.83
C GLY C 641 9.23 57.32 -2.93
N GLU C 642 9.98 56.33 -3.41
CA GLU C 642 9.50 55.43 -4.43
C GLU C 642 9.08 54.09 -3.82
N PRO C 643 8.10 53.40 -4.40
CA PRO C 643 7.68 52.11 -3.85
C PRO C 643 8.68 51.01 -4.16
N TYR C 644 8.62 49.96 -3.34
CA TYR C 644 9.45 48.79 -3.58
C TYR C 644 8.99 48.07 -4.85
N GLN C 645 9.94 47.38 -5.48
CA GLN C 645 9.68 46.57 -6.66
C GLN C 645 9.85 45.10 -6.29
N PHE C 646 8.92 44.27 -6.77
CA PHE C 646 8.92 42.84 -6.43
C PHE C 646 8.72 42.01 -7.68
N LEU C 647 9.28 40.80 -7.65
CA LEU C 647 9.00 39.80 -8.67
C LEU C 647 7.89 38.85 -8.25
N LYS C 648 7.78 38.56 -6.95
CA LYS C 648 6.69 37.75 -6.44
C LYS C 648 6.37 38.19 -5.02
N LEU C 649 5.09 38.11 -4.68
CA LEU C 649 4.60 38.44 -3.35
C LEU C 649 4.33 37.14 -2.60
N VAL C 650 5.05 36.93 -1.51
CA VAL C 650 4.99 35.68 -0.75
C VAL C 650 3.89 35.78 0.29
N LEU C 651 3.19 34.66 0.50
CA LEU C 651 2.11 34.57 1.47
C LEU C 651 2.47 33.53 2.53
N LYS C 652 1.74 33.57 3.63
CA LYS C 652 2.03 32.71 4.77
C LYS C 652 1.79 31.24 4.43
N GLY C 653 2.72 30.39 4.84
CA GLY C 653 2.54 28.95 4.74
C GLY C 653 2.98 28.36 3.41
N GLY C 654 3.89 27.39 3.45
CA GLY C 654 4.29 26.67 2.26
C GLY C 654 5.11 27.51 1.30
N GLY C 655 5.95 26.83 0.50
CA GLY C 655 6.73 27.51 -0.50
C GLY C 655 6.01 27.77 -1.81
N GLU C 656 4.83 27.19 -1.99
CA GLU C 656 4.04 27.37 -3.19
C GLU C 656 3.00 28.48 -3.05
N ASN C 657 2.92 29.14 -1.89
CA ASN C 657 1.92 30.18 -1.66
C ASN C 657 2.54 31.54 -1.96
N PHE C 658 2.57 31.87 -3.25
CA PHE C 658 3.07 33.16 -3.69
C PHE C 658 2.33 33.56 -4.96
N ILE C 659 2.34 34.87 -5.24
CA ILE C 659 1.71 35.45 -6.41
C ILE C 659 2.80 36.09 -7.26
N GLU C 660 2.92 35.65 -8.51
CA GLU C 660 3.93 36.17 -9.42
C GLU C 660 3.42 37.44 -10.08
N VAL C 661 4.25 38.49 -10.05
CA VAL C 661 3.84 39.77 -10.61
C VAL C 661 3.75 39.70 -12.13
N ARG C 662 4.73 39.07 -12.77
CA ARG C 662 4.81 39.04 -14.23
C ARG C 662 4.13 37.82 -14.82
N LYS C 663 4.56 36.62 -14.43
CA LYS C 663 4.05 35.38 -14.96
C LYS C 663 2.98 34.81 -14.04
N GLY C 664 2.54 33.59 -14.32
CA GLY C 664 1.57 32.93 -13.46
C GLY C 664 2.23 32.31 -12.24
N SER C 665 1.38 31.82 -11.34
CA SER C 665 1.81 31.28 -10.06
C SER C 665 0.91 30.10 -9.71
N PRO C 666 1.35 29.24 -8.78
CA PRO C 666 0.48 28.14 -8.36
C PRO C 666 -0.86 28.61 -7.80
N LEU C 667 -0.91 29.79 -7.20
CA LEU C 667 -2.15 30.33 -6.66
C LEU C 667 -2.92 31.17 -7.67
N PHE C 668 -2.25 31.71 -8.67
CA PHE C 668 -2.89 32.64 -9.60
C PHE C 668 -2.23 32.50 -10.97
N SER C 669 -3.05 32.28 -12.00
CA SER C 669 -2.57 32.19 -13.36
C SER C 669 -3.66 32.69 -14.29
N TYR C 670 -3.25 33.23 -15.43
CA TYR C 670 -4.18 33.78 -16.42
C TYR C 670 -3.84 33.25 -17.80
N ASN C 671 -4.88 32.87 -18.54
CA ASN C 671 -4.75 32.44 -19.93
C ASN C 671 -5.44 33.46 -20.81
N PRO C 672 -4.69 34.31 -21.54
CA PRO C 672 -5.36 35.29 -22.41
C PRO C 672 -6.01 34.66 -23.62
N GLN C 673 -5.50 33.54 -24.12
CA GLN C 673 -6.12 32.89 -25.27
C GLN C 673 -7.56 32.51 -24.96
N THR C 674 -7.78 31.81 -23.86
CA THR C 674 -9.11 31.45 -23.42
C THR C 674 -9.69 32.45 -22.42
N GLU C 675 -8.92 33.44 -22.00
CA GLU C 675 -9.37 34.43 -21.02
C GLU C 675 -9.87 33.74 -19.77
N VAL C 676 -9.08 32.80 -19.25
CA VAL C 676 -9.46 31.97 -18.13
C VAL C 676 -8.51 32.23 -16.97
N LEU C 677 -9.07 32.50 -15.79
CA LEU C 677 -8.30 32.74 -14.58
C LEU C 677 -8.32 31.49 -13.73
N THR C 678 -7.14 30.92 -13.48
CA THR C 678 -7.00 29.76 -12.62
C THR C 678 -6.49 30.22 -11.25
N ILE C 679 -7.30 30.02 -10.22
CA ILE C 679 -6.97 30.42 -8.86
C ILE C 679 -7.04 29.17 -7.98
N CYS C 680 -5.90 28.77 -7.43
CA CYS C 680 -5.82 27.62 -6.54
C CYS C 680 -6.44 26.38 -7.19
N GLY C 681 -6.23 26.24 -8.50
CA GLY C 681 -6.71 25.09 -9.23
C GLY C 681 -8.13 25.20 -9.75
N ARG C 682 -8.85 26.28 -9.42
CA ARG C 682 -10.23 26.46 -9.86
C ARG C 682 -10.25 27.43 -11.03
N MET C 683 -10.98 27.07 -12.08
CA MET C 683 -11.01 27.84 -13.32
C MET C 683 -12.25 28.72 -13.35
N MET C 684 -12.05 30.00 -13.64
CA MET C 684 -13.13 30.97 -13.78
C MET C 684 -12.96 31.68 -15.11
N SER C 685 -14.08 32.18 -15.65
CA SER C 685 -14.09 32.80 -16.96
C SER C 685 -14.17 34.31 -16.83
N LEU C 686 -13.28 35.01 -17.53
CA LEU C 686 -13.31 36.46 -17.59
C LEU C 686 -14.01 36.98 -18.84
N LYS C 687 -14.61 36.09 -19.63
CA LYS C 687 -15.36 36.52 -20.80
C LYS C 687 -16.48 37.45 -20.40
N GLY C 688 -16.63 38.54 -21.13
CA GLY C 688 -17.59 39.58 -20.77
C GLY C 688 -16.99 40.61 -19.85
N LYS C 689 -16.33 40.16 -18.79
CA LYS C 689 -15.59 41.05 -17.89
C LYS C 689 -14.18 41.29 -18.39
N ILE C 690 -14.07 41.70 -19.66
CA ILE C 690 -12.77 41.84 -20.31
C ILE C 690 -12.97 42.64 -21.58
N GLU C 691 -11.91 43.32 -22.01
CA GLU C 691 -11.89 44.04 -23.28
C GLU C 691 -10.88 43.33 -24.19
N ASP C 692 -11.34 42.94 -25.38
CA ASP C 692 -10.46 42.23 -26.30
C ASP C 692 -9.19 43.02 -26.57
N GLU C 693 -9.29 44.35 -26.60
CA GLU C 693 -8.12 45.18 -26.85
C GLU C 693 -7.03 44.95 -25.80
N GLU C 694 -7.38 44.43 -24.63
CA GLU C 694 -6.38 44.14 -23.61
C GLU C 694 -5.39 43.08 -24.07
N ARG C 695 -5.78 42.20 -25.00
CA ARG C 695 -4.83 41.23 -25.53
C ARG C 695 -3.74 41.93 -26.33
N ASN C 696 -4.04 43.06 -26.95
CA ASN C 696 -3.04 43.85 -27.65
C ASN C 696 -2.29 44.79 -26.72
N ARG C 697 -2.69 44.88 -25.45
CA ARG C 697 -1.95 45.68 -24.48
C ARG C 697 -0.79 44.88 -23.91
N SER C 698 0.30 45.58 -23.62
CA SER C 698 1.54 44.95 -23.18
C SER C 698 1.51 44.70 -21.68
N MET C 699 2.13 43.59 -21.28
CA MET C 699 2.27 43.27 -19.87
C MET C 699 3.33 44.12 -19.17
N GLY C 700 4.20 44.78 -19.93
CA GLY C 700 5.29 45.55 -19.34
C GLY C 700 4.83 46.81 -18.64
N ASN C 701 3.62 47.29 -18.94
CA ASN C 701 3.09 48.48 -18.28
C ASN C 701 2.46 48.18 -16.93
N ALA C 702 2.41 46.91 -16.52
CA ALA C 702 1.72 46.53 -15.29
C ALA C 702 2.54 45.55 -14.47
N VAL C 703 3.86 45.69 -14.48
CA VAL C 703 4.72 44.82 -13.68
C VAL C 703 5.68 45.57 -12.77
N LEU C 704 5.97 46.85 -13.04
CA LEU C 704 6.87 47.64 -12.21
C LEU C 704 6.24 49.00 -11.97
N ALA C 705 6.40 49.50 -10.74
CA ALA C 705 5.85 50.80 -10.37
C ALA C 705 6.72 51.92 -10.95
N GLY C 706 6.08 52.84 -11.66
CA GLY C 706 6.79 53.95 -12.26
C GLY C 706 7.48 53.64 -13.56
N PHE C 707 7.27 52.45 -14.11
CA PHE C 707 7.91 52.02 -15.35
C PHE C 707 6.87 51.82 -16.43
N LEU C 708 7.18 52.25 -17.65
CA LEU C 708 6.32 52.07 -18.80
C LEU C 708 7.13 51.55 -19.97
N VAL C 709 6.51 50.71 -20.79
CA VAL C 709 7.20 50.12 -21.93
C VAL C 709 7.59 51.24 -22.90
N SER C 710 8.87 51.26 -23.28
CA SER C 710 9.39 52.27 -24.19
C SER C 710 9.54 51.77 -25.62
N GLY C 711 9.73 50.47 -25.82
CA GLY C 711 9.88 49.93 -27.16
C GLY C 711 10.36 48.50 -27.11
N LYS C 712 10.97 48.06 -28.20
CA LYS C 712 11.46 46.70 -28.31
C LYS C 712 12.73 46.52 -27.50
N TYR C 713 13.06 45.25 -27.21
CA TYR C 713 14.25 44.92 -26.45
C TYR C 713 15.49 45.37 -27.21
N ASP C 714 16.19 46.38 -26.67
CA ASP C 714 17.35 46.95 -27.35
C ASP C 714 18.61 46.25 -26.87
N PRO C 715 19.37 45.57 -27.74
CA PRO C 715 20.58 44.89 -27.28
C PRO C 715 21.64 45.83 -26.73
N ASP C 716 21.60 47.12 -27.08
CA ASP C 716 22.65 48.03 -26.62
C ASP C 716 22.67 48.15 -25.10
N LEU C 717 21.49 48.18 -24.48
CA LEU C 717 21.43 48.26 -23.02
C LEU C 717 22.08 47.07 -22.35
N GLY C 718 22.04 45.90 -23.00
CA GLY C 718 22.69 44.72 -22.47
C GLY C 718 21.73 43.74 -21.83
N ASP C 719 22.20 43.03 -20.80
CA ASP C 719 21.39 42.02 -20.15
C ASP C 719 20.23 42.66 -19.39
N PHE C 720 19.22 41.85 -19.10
CA PHE C 720 18.07 42.33 -18.36
C PHE C 720 18.48 42.73 -16.95
N LYS C 721 17.86 43.80 -16.45
CA LYS C 721 18.19 44.34 -15.14
C LYS C 721 17.37 43.66 -14.06
N THR C 722 17.96 43.54 -12.88
CA THR C 722 17.32 42.90 -11.75
C THR C 722 16.51 43.93 -10.95
N ILE C 723 15.81 43.45 -9.92
CA ILE C 723 14.98 44.35 -9.11
C ILE C 723 15.83 45.42 -8.44
N GLU C 724 16.95 45.01 -7.84
CA GLU C 724 17.82 45.98 -7.18
C GLU C 724 18.38 46.98 -8.17
N GLU C 725 18.76 46.52 -9.36
CA GLU C 725 19.23 47.43 -10.39
C GLU C 725 18.13 48.38 -10.82
N LEU C 726 16.89 47.89 -10.91
CA LEU C 726 15.77 48.75 -11.26
C LEU C 726 15.56 49.84 -10.23
N GLU C 727 15.61 49.48 -8.95
CA GLU C 727 15.29 50.46 -7.90
C GLU C 727 16.28 51.62 -7.90
N LYS C 728 17.53 51.38 -8.31
CA LYS C 728 18.54 52.42 -8.30
C LYS C 728 18.61 53.21 -9.60
N LEU C 729 17.82 52.84 -10.60
CA LEU C 729 17.80 53.59 -11.86
C LEU C 729 17.20 54.97 -11.65
N LYS C 730 17.84 55.98 -12.25
CA LYS C 730 17.34 57.34 -12.17
C LYS C 730 16.13 57.50 -13.09
N PRO C 731 15.27 58.49 -12.83
CA PRO C 731 14.10 58.68 -13.69
C PRO C 731 14.50 59.05 -15.11
N GLY C 732 13.78 58.49 -16.07
CA GLY C 732 13.98 58.79 -17.47
C GLY C 732 14.95 57.89 -18.21
N GLU C 733 15.50 56.88 -17.56
CA GLU C 733 16.46 55.97 -18.18
C GLU C 733 15.79 54.64 -18.51
N LYS C 734 16.21 54.05 -19.62
CA LYS C 734 15.63 52.82 -20.12
C LYS C 734 16.27 51.60 -19.44
N ALA C 735 15.68 50.44 -19.67
CA ALA C 735 16.19 49.20 -19.11
C ALA C 735 15.51 48.03 -19.81
N ASN C 736 16.25 46.93 -19.94
CA ASN C 736 15.73 45.71 -20.55
C ASN C 736 15.13 44.82 -19.46
N ILE C 737 13.93 44.32 -19.71
CA ILE C 737 13.19 43.52 -18.74
C ILE C 737 12.69 42.26 -19.41
N LEU C 738 12.80 41.13 -18.71
CA LEU C 738 12.28 39.85 -19.18
C LEU C 738 10.99 39.56 -18.42
N LEU C 739 9.86 39.79 -19.07
CA LEU C 739 8.57 39.48 -18.46
C LEU C 739 8.47 37.98 -18.17
N TYR C 740 8.84 37.15 -19.14
CA TYR C 740 8.93 35.72 -18.96
C TYR C 740 9.66 35.15 -20.17
N GLN C 741 9.94 33.84 -20.10
CA GLN C 741 10.79 33.21 -21.10
C GLN C 741 10.25 33.47 -22.51
N GLY C 742 11.15 33.93 -23.38
CA GLY C 742 10.80 34.20 -24.76
C GLY C 742 10.06 35.50 -24.99
N LYS C 743 9.99 36.38 -24.00
CA LYS C 743 9.26 37.65 -24.13
C LYS C 743 10.02 38.75 -23.41
N PRO C 744 11.04 39.30 -24.04
CA PRO C 744 11.74 40.46 -23.48
C PRO C 744 11.10 41.77 -23.94
N VAL C 745 11.42 42.84 -23.20
CA VAL C 745 10.88 44.16 -23.48
C VAL C 745 11.74 45.19 -22.75
N LYS C 746 11.73 46.43 -23.23
CA LYS C 746 12.49 47.51 -22.63
C LYS C 746 11.54 48.55 -22.05
N VAL C 747 11.84 49.01 -20.84
CA VAL C 747 10.99 49.91 -20.10
C VAL C 747 11.79 51.14 -19.69
N VAL C 748 11.07 52.21 -19.38
CA VAL C 748 11.66 53.48 -18.95
C VAL C 748 10.91 53.95 -17.72
N LYS C 749 11.60 54.74 -16.90
CA LYS C 749 10.98 55.31 -15.70
C LYS C 749 10.17 56.55 -16.05
#